data_2DL5
#
_entry.id   2DL5
#
_entity_poly.entity_id   1
_entity_poly.type   'polypeptide(L)'
_entity_poly.pdbx_seq_one_letter_code
;GSSGSSGTLRNYPLTCKVVYSYKASQPDELTIEEHEVLEVIEDGDMEDWVKARNKVGQVGYVPEKYLQFPTSSGPSSG
;
_entity_poly.pdbx_strand_id   A
#
# COMPACT_ATOMS: atom_id res chain seq x y z
N GLY A 1 7.53 -7.71 12.24
CA GLY A 1 6.77 -8.76 12.89
C GLY A 1 7.12 -10.14 12.35
N SER A 2 7.89 -10.89 13.12
CA SER A 2 8.30 -12.23 12.72
C SER A 2 7.19 -13.24 12.99
N SER A 3 6.62 -13.79 11.91
CA SER A 3 5.55 -14.76 12.03
C SER A 3 4.63 -14.43 13.21
N GLY A 4 4.37 -13.14 13.40
CA GLY A 4 3.51 -12.71 14.49
C GLY A 4 2.12 -12.30 14.02
N SER A 5 2.07 -11.27 13.17
CA SER A 5 0.80 -10.78 12.65
C SER A 5 0.78 -10.85 11.13
N SER A 6 -0.42 -10.78 10.55
CA SER A 6 -0.57 -10.83 9.10
C SER A 6 -1.47 -9.69 8.62
N GLY A 7 -2.56 -9.46 9.33
CA GLY A 7 -3.48 -8.39 8.96
C GLY A 7 -4.89 -8.67 9.42
N THR A 8 -5.43 -7.75 10.23
CA THR A 8 -6.79 -7.89 10.75
C THR A 8 -7.71 -6.83 10.18
N LEU A 9 -7.16 -5.97 9.33
CA LEU A 9 -7.93 -4.90 8.72
C LEU A 9 -7.68 -4.84 7.21
N ARG A 10 -8.48 -4.04 6.52
CA ARG A 10 -8.35 -3.89 5.07
C ARG A 10 -8.07 -5.23 4.41
N ASN A 11 -8.71 -6.28 4.92
CA ASN A 11 -8.53 -7.62 4.39
C ASN A 11 -7.07 -7.86 4.01
N TYR A 12 -6.16 -7.41 4.86
CA TYR A 12 -4.74 -7.58 4.60
C TYR A 12 -4.34 -9.04 4.70
N PRO A 13 -3.21 -9.39 4.05
CA PRO A 13 -2.41 -8.44 3.29
C PRO A 13 -3.11 -7.96 2.02
N LEU A 14 -2.57 -6.93 1.39
CA LEU A 14 -3.14 -6.39 0.17
C LEU A 14 -2.06 -6.06 -0.85
N THR A 15 -2.04 -6.80 -1.96
CA THR A 15 -1.05 -6.59 -3.00
C THR A 15 -1.38 -5.34 -3.83
N CYS A 16 -0.39 -4.45 -3.97
CA CYS A 16 -0.57 -3.23 -4.73
C CYS A 16 0.49 -3.10 -5.82
N LYS A 17 0.18 -2.31 -6.84
CA LYS A 17 1.11 -2.10 -7.95
C LYS A 17 1.59 -0.65 -7.99
N VAL A 18 2.89 -0.46 -7.73
CA VAL A 18 3.48 0.87 -7.74
C VAL A 18 3.37 1.51 -9.12
N VAL A 19 2.42 2.42 -9.28
CA VAL A 19 2.22 3.11 -10.55
C VAL A 19 3.06 4.38 -10.63
N TYR A 20 3.43 4.91 -9.46
CA TYR A 20 4.23 6.12 -9.40
C TYR A 20 5.50 5.89 -8.58
N SER A 21 6.65 6.06 -9.22
CA SER A 21 7.94 5.87 -8.55
C SER A 21 8.12 6.88 -7.42
N TYR A 22 8.82 6.47 -6.38
CA TYR A 22 9.07 7.35 -5.23
C TYR A 22 10.40 7.01 -4.57
N LYS A 23 11.35 7.94 -4.65
CA LYS A 23 12.66 7.74 -4.05
C LYS A 23 12.63 8.04 -2.55
N ALA A 24 12.82 7.01 -1.74
CA ALA A 24 12.82 7.17 -0.30
C ALA A 24 13.95 8.08 0.16
N SER A 25 13.60 9.15 0.87
CA SER A 25 14.59 10.10 1.37
C SER A 25 14.88 9.87 2.85
N GLN A 26 13.97 9.15 3.51
CA GLN A 26 14.12 8.87 4.93
C GLN A 26 14.42 7.38 5.16
N PRO A 27 15.14 7.08 6.24
CA PRO A 27 15.50 5.71 6.60
C PRO A 27 14.31 4.89 7.05
N ASP A 28 13.20 5.57 7.31
CA ASP A 28 11.98 4.90 7.76
C ASP A 28 11.04 4.64 6.58
N GLU A 29 11.41 5.16 5.41
CA GLU A 29 10.59 4.98 4.21
C GLU A 29 11.08 3.77 3.41
N LEU A 30 10.37 3.47 2.34
CA LEU A 30 10.73 2.34 1.47
C LEU A 30 10.89 2.78 0.03
N THR A 31 12.09 2.57 -0.52
CA THR A 31 12.36 2.95 -1.90
C THR A 31 11.52 2.13 -2.88
N ILE A 32 10.58 2.80 -3.54
CA ILE A 32 9.71 2.13 -4.50
C ILE A 32 9.90 2.71 -5.90
N GLU A 33 9.53 1.93 -6.92
CA GLU A 33 9.65 2.37 -8.30
C GLU A 33 8.54 1.78 -9.15
N GLU A 34 8.12 2.52 -10.17
CA GLU A 34 7.06 2.07 -11.07
C GLU A 34 7.30 0.64 -11.52
N HIS A 35 6.22 -0.10 -11.76
CA HIS A 35 6.32 -1.49 -12.20
C HIS A 35 6.85 -2.37 -11.07
N GLU A 36 6.54 -1.99 -9.83
CA GLU A 36 6.99 -2.76 -8.68
C GLU A 36 5.83 -3.05 -7.73
N VAL A 37 5.24 -4.23 -7.88
CA VAL A 37 4.12 -4.64 -7.04
C VAL A 37 4.59 -5.10 -5.66
N LEU A 38 4.07 -4.48 -4.62
CA LEU A 38 4.43 -4.83 -3.25
C LEU A 38 3.27 -5.51 -2.53
N GLU A 39 3.47 -5.80 -1.25
CA GLU A 39 2.44 -6.45 -0.44
C GLU A 39 2.23 -5.71 0.88
N VAL A 40 1.14 -4.95 0.97
CA VAL A 40 0.83 -4.20 2.17
C VAL A 40 0.37 -5.12 3.30
N ILE A 41 1.14 -5.17 4.37
CA ILE A 41 0.81 -6.00 5.52
C ILE A 41 0.19 -5.19 6.64
N GLU A 42 0.51 -3.90 6.67
CA GLU A 42 -0.03 -3.00 7.69
C GLU A 42 -0.25 -1.60 7.13
N ASP A 43 -1.08 -0.83 7.82
CA ASP A 43 -1.37 0.54 7.39
C ASP A 43 -0.31 1.51 7.87
N GLY A 44 0.85 0.97 8.26
CA GLY A 44 1.94 1.81 8.74
C GLY A 44 1.54 2.61 9.96
N ASP A 45 2.50 3.38 10.49
CA ASP A 45 2.25 4.20 11.66
C ASP A 45 1.26 5.31 11.34
N MET A 46 1.37 5.87 10.15
CA MET A 46 0.50 6.96 9.72
C MET A 46 -0.70 6.41 8.94
N GLU A 47 -1.62 7.29 8.58
CA GLU A 47 -2.80 6.91 7.82
C GLU A 47 -2.52 6.91 6.32
N ASP A 48 -2.00 8.03 5.83
CA ASP A 48 -1.69 8.16 4.41
C ASP A 48 -0.57 7.21 4.01
N TRP A 49 0.30 6.88 4.96
CA TRP A 49 1.41 5.98 4.70
C TRP A 49 1.08 4.57 5.17
N VAL A 50 1.57 3.57 4.42
CA VAL A 50 1.33 2.18 4.76
C VAL A 50 2.63 1.39 4.82
N LYS A 51 2.58 0.23 5.45
CA LYS A 51 3.77 -0.62 5.58
C LYS A 51 3.74 -1.75 4.54
N ALA A 52 4.76 -1.79 3.70
CA ALA A 52 4.85 -2.81 2.66
C ALA A 52 6.27 -3.37 2.56
N ARG A 53 6.39 -4.60 2.06
CA ARG A 53 7.69 -5.23 1.91
C ARG A 53 7.98 -5.52 0.45
N ASN A 54 9.11 -5.00 -0.04
CA ASN A 54 9.50 -5.20 -1.42
C ASN A 54 10.10 -6.59 -1.62
N LYS A 55 10.54 -6.88 -2.85
CA LYS A 55 11.13 -8.17 -3.17
C LYS A 55 12.41 -8.40 -2.37
N VAL A 56 13.09 -7.31 -2.05
CA VAL A 56 14.34 -7.39 -1.28
C VAL A 56 14.06 -7.76 0.18
N GLY A 57 12.85 -7.47 0.63
CA GLY A 57 12.48 -7.78 2.00
C GLY A 57 12.43 -6.55 2.89
N GLN A 58 12.95 -5.44 2.37
CA GLN A 58 12.96 -4.19 3.12
C GLN A 58 11.54 -3.70 3.40
N VAL A 59 11.28 -3.36 4.66
CA VAL A 59 9.96 -2.89 5.07
C VAL A 59 10.01 -1.43 5.51
N GLY A 60 9.25 -0.58 4.82
CA GLY A 60 9.22 0.83 5.17
C GLY A 60 7.89 1.47 4.88
N TYR A 61 7.75 2.74 5.24
CA TYR A 61 6.51 3.48 5.02
C TYR A 61 6.47 4.08 3.62
N VAL A 62 5.34 3.92 2.94
CA VAL A 62 5.17 4.46 1.60
C VAL A 62 3.78 5.05 1.41
N PRO A 63 3.67 6.06 0.54
CA PRO A 63 2.41 6.73 0.25
C PRO A 63 1.45 5.84 -0.53
N GLU A 64 0.25 5.62 0.04
CA GLU A 64 -0.75 4.79 -0.61
C GLU A 64 -1.31 5.47 -1.86
N LYS A 65 -1.44 6.79 -1.80
CA LYS A 65 -1.95 7.55 -2.93
C LYS A 65 -1.35 7.05 -4.25
N TYR A 66 -0.06 6.74 -4.22
CA TYR A 66 0.63 6.25 -5.41
C TYR A 66 0.42 4.75 -5.58
N LEU A 67 0.20 4.06 -4.47
CA LEU A 67 -0.02 2.61 -4.49
C LEU A 67 -1.29 2.27 -5.27
N GLN A 68 -1.21 1.22 -6.07
CA GLN A 68 -2.35 0.78 -6.87
C GLN A 68 -3.03 -0.43 -6.23
N PHE A 69 -3.95 -0.16 -5.31
CA PHE A 69 -4.68 -1.22 -4.62
C PHE A 69 -5.57 -1.99 -5.59
N PRO A 70 -5.92 -3.23 -5.22
CA PRO A 70 -6.77 -4.09 -6.04
C PRO A 70 -8.21 -3.60 -6.11
N THR A 71 -8.74 -3.16 -4.98
CA THR A 71 -10.11 -2.66 -4.91
C THR A 71 -10.33 -1.56 -5.93
N SER A 72 -10.78 -1.94 -7.13
CA SER A 72 -11.03 -0.98 -8.19
C SER A 72 -12.52 -0.73 -8.35
N SER A 73 -12.88 0.15 -9.28
CA SER A 73 -14.28 0.48 -9.53
C SER A 73 -14.74 -0.08 -10.88
N GLY A 74 -14.04 0.29 -11.94
CA GLY A 74 -14.39 -0.19 -13.26
C GLY A 74 -15.36 0.74 -13.98
N PRO A 75 -15.81 0.32 -15.17
CA PRO A 75 -16.75 1.10 -15.98
C PRO A 75 -18.14 1.16 -15.35
N SER A 76 -19.05 1.87 -16.03
CA SER A 76 -20.41 2.02 -15.53
C SER A 76 -21.28 0.86 -16.00
N SER A 77 -22.40 0.64 -15.31
CA SER A 77 -23.31 -0.43 -15.65
C SER A 77 -23.50 -0.53 -17.17
N GLY A 78 -23.07 -1.65 -17.74
CA GLY A 78 -23.20 -1.84 -19.17
C GLY A 78 -22.24 -0.99 -19.96
N GLY A 1 -17.59 13.07 12.38
CA GLY A 1 -17.16 14.43 12.11
C GLY A 1 -15.81 14.75 12.73
N SER A 2 -14.77 14.16 12.16
CA SER A 2 -13.41 14.38 12.66
C SER A 2 -12.38 14.17 11.55
N SER A 3 -11.17 14.69 11.77
CA SER A 3 -10.10 14.56 10.79
C SER A 3 -9.54 13.15 10.78
N GLY A 4 -9.22 12.65 9.59
CA GLY A 4 -8.67 11.31 9.45
C GLY A 4 -9.56 10.40 8.63
N SER A 5 -9.26 10.28 7.35
CA SER A 5 -10.04 9.44 6.46
C SER A 5 -9.38 8.08 6.29
N SER A 6 -9.75 7.14 7.16
CA SER A 6 -9.19 5.80 7.12
C SER A 6 -10.17 4.83 6.45
N GLY A 7 -9.63 3.80 5.80
CA GLY A 7 -10.47 2.82 5.14
C GLY A 7 -11.22 1.94 6.12
N THR A 8 -12.35 1.39 5.67
CA THR A 8 -13.16 0.53 6.52
C THR A 8 -13.42 -0.81 5.86
N LEU A 9 -12.92 -0.97 4.63
CA LEU A 9 -13.09 -2.21 3.88
C LEU A 9 -11.77 -2.66 3.27
N ARG A 10 -10.93 -3.31 4.08
CA ARG A 10 -9.64 -3.79 3.62
C ARG A 10 -9.22 -5.04 4.37
N ASN A 11 -8.96 -6.12 3.64
CA ASN A 11 -8.56 -7.38 4.25
C ASN A 11 -7.09 -7.70 3.92
N TYR A 12 -6.19 -7.22 4.77
CA TYR A 12 -4.77 -7.45 4.57
C TYR A 12 -4.41 -8.91 4.83
N PRO A 13 -3.29 -9.36 4.23
CA PRO A 13 -2.46 -8.50 3.38
C PRO A 13 -3.13 -8.14 2.06
N LEU A 14 -2.59 -7.14 1.37
CA LEU A 14 -3.15 -6.69 0.10
C LEU A 14 -2.04 -6.29 -0.86
N THR A 15 -1.92 -7.01 -1.97
CA THR A 15 -0.91 -6.73 -2.97
C THR A 15 -1.26 -5.47 -3.77
N CYS A 16 -0.28 -4.58 -3.92
CA CYS A 16 -0.48 -3.35 -4.66
C CYS A 16 0.48 -3.26 -5.83
N LYS A 17 0.25 -2.29 -6.71
CA LYS A 17 1.09 -2.09 -7.89
C LYS A 17 1.57 -0.64 -7.98
N VAL A 18 2.86 -0.43 -7.71
CA VAL A 18 3.43 0.90 -7.76
C VAL A 18 3.33 1.50 -9.16
N VAL A 19 2.39 2.43 -9.33
CA VAL A 19 2.18 3.08 -10.63
C VAL A 19 2.99 4.36 -10.73
N TYR A 20 3.30 4.96 -9.59
CA TYR A 20 4.07 6.19 -9.55
C TYR A 20 5.30 6.04 -8.66
N SER A 21 6.46 5.93 -9.28
CA SER A 21 7.71 5.77 -8.54
C SER A 21 7.80 6.77 -7.39
N TYR A 22 8.62 6.46 -6.41
CA TYR A 22 8.78 7.34 -5.24
C TYR A 22 10.12 7.07 -4.55
N LYS A 23 11.00 8.07 -4.55
CA LYS A 23 12.29 7.95 -3.92
C LYS A 23 12.20 8.20 -2.42
N ALA A 24 12.81 7.31 -1.64
CA ALA A 24 12.79 7.42 -0.19
C ALA A 24 13.76 8.51 0.28
N SER A 25 13.25 9.45 1.06
CA SER A 25 14.06 10.55 1.57
C SER A 25 14.58 10.23 2.97
N GLN A 26 13.75 9.55 3.76
CA GLN A 26 14.12 9.19 5.13
C GLN A 26 14.59 7.74 5.19
N PRO A 27 15.48 7.44 6.15
CA PRO A 27 16.01 6.10 6.34
C PRO A 27 14.97 5.12 6.88
N ASP A 28 13.75 5.61 7.05
CA ASP A 28 12.66 4.79 7.56
C ASP A 28 11.63 4.52 6.47
N GLU A 29 11.85 5.09 5.29
CA GLU A 29 10.94 4.93 4.16
C GLU A 29 11.39 3.77 3.28
N LEU A 30 10.48 3.31 2.41
CA LEU A 30 10.78 2.21 1.52
C LEU A 30 10.86 2.70 0.07
N THR A 31 12.07 2.69 -0.50
CA THR A 31 12.27 3.12 -1.87
C THR A 31 11.50 2.25 -2.85
N ILE A 32 10.58 2.86 -3.59
CA ILE A 32 9.77 2.14 -4.56
C ILE A 32 9.96 2.72 -5.96
N GLU A 33 9.44 2.01 -6.96
CA GLU A 33 9.54 2.45 -8.34
C GLU A 33 8.45 1.83 -9.20
N GLU A 34 8.08 2.51 -10.28
CA GLU A 34 7.05 2.02 -11.17
C GLU A 34 7.28 0.55 -11.52
N HIS A 35 6.18 -0.19 -11.69
CA HIS A 35 6.26 -1.61 -12.02
C HIS A 35 6.90 -2.40 -10.89
N GLU A 36 6.44 -2.13 -9.66
CA GLU A 36 6.98 -2.81 -8.49
C GLU A 36 5.84 -3.31 -7.59
N VAL A 37 5.51 -4.59 -7.74
CA VAL A 37 4.44 -5.20 -6.95
C VAL A 37 4.89 -5.44 -5.51
N LEU A 38 4.27 -4.71 -4.58
CA LEU A 38 4.62 -4.85 -3.16
C LEU A 38 3.53 -5.59 -2.41
N GLU A 39 3.72 -5.78 -1.11
CA GLU A 39 2.75 -6.48 -0.28
C GLU A 39 2.45 -5.67 0.99
N VAL A 40 1.26 -5.06 1.02
CA VAL A 40 0.85 -4.27 2.17
C VAL A 40 0.40 -5.17 3.32
N ILE A 41 1.20 -5.19 4.38
CA ILE A 41 0.88 -6.00 5.56
C ILE A 41 0.29 -5.15 6.67
N GLU A 42 0.70 -3.88 6.72
CA GLU A 42 0.20 -2.96 7.74
C GLU A 42 -0.03 -1.57 7.16
N ASP A 43 -0.75 -0.74 7.90
CA ASP A 43 -1.04 0.63 7.45
C ASP A 43 -0.02 1.62 8.02
N GLY A 44 1.18 1.12 8.33
CA GLY A 44 2.21 1.97 8.87
C GLY A 44 1.74 2.74 10.10
N ASP A 45 2.62 3.58 10.63
CA ASP A 45 2.29 4.38 11.81
C ASP A 45 1.29 5.47 11.46
N MET A 46 1.39 5.99 10.25
CA MET A 46 0.49 7.06 9.79
C MET A 46 -0.68 6.48 9.00
N GLU A 47 -1.73 7.28 8.86
CA GLU A 47 -2.91 6.84 8.12
C GLU A 47 -2.67 6.91 6.61
N ASP A 48 -2.09 8.02 6.16
CA ASP A 48 -1.81 8.22 4.74
C ASP A 48 -0.70 7.28 4.28
N TRP A 49 0.18 6.90 5.20
CA TRP A 49 1.28 6.00 4.89
C TRP A 49 0.93 4.56 5.25
N VAL A 50 1.57 3.62 4.58
CA VAL A 50 1.34 2.20 4.83
C VAL A 50 2.63 1.41 4.82
N LYS A 51 2.62 0.25 5.46
CA LYS A 51 3.80 -0.61 5.53
C LYS A 51 3.72 -1.72 4.49
N ALA A 52 4.74 -1.81 3.63
CA ALA A 52 4.78 -2.83 2.59
C ALA A 52 6.19 -3.41 2.47
N ARG A 53 6.26 -4.66 2.03
CA ARG A 53 7.54 -5.34 1.87
C ARG A 53 7.85 -5.57 0.39
N ASN A 54 9.02 -5.13 -0.05
CA ASN A 54 9.44 -5.28 -1.43
C ASN A 54 10.10 -6.63 -1.66
N LYS A 55 10.60 -6.86 -2.87
CA LYS A 55 11.26 -8.11 -3.22
C LYS A 55 12.45 -8.36 -2.31
N VAL A 56 13.27 -7.32 -2.10
CA VAL A 56 14.45 -7.43 -1.26
C VAL A 56 14.07 -7.81 0.16
N GLY A 57 12.77 -7.74 0.47
CA GLY A 57 12.30 -8.07 1.80
C GLY A 57 12.35 -6.89 2.75
N GLN A 58 12.72 -5.73 2.23
CA GLN A 58 12.80 -4.52 3.04
C GLN A 58 11.41 -3.98 3.35
N VAL A 59 11.21 -3.59 4.61
CA VAL A 59 9.92 -3.05 5.03
C VAL A 59 10.05 -1.60 5.47
N GLY A 60 9.31 -0.72 4.79
CA GLY A 60 9.35 0.70 5.12
C GLY A 60 8.04 1.39 4.87
N TYR A 61 7.98 2.68 5.15
CA TYR A 61 6.77 3.47 4.95
C TYR A 61 6.72 4.06 3.55
N VAL A 62 5.55 3.95 2.91
CA VAL A 62 5.38 4.47 1.56
C VAL A 62 3.98 5.06 1.39
N PRO A 63 3.87 6.08 0.51
CA PRO A 63 2.60 6.74 0.23
C PRO A 63 1.62 5.85 -0.54
N GLU A 64 0.46 5.59 0.07
CA GLU A 64 -0.55 4.74 -0.56
C GLU A 64 -1.13 5.42 -1.79
N LYS A 65 -1.29 6.73 -1.73
CA LYS A 65 -1.84 7.50 -2.84
C LYS A 65 -1.24 7.04 -4.16
N TYR A 66 0.07 6.73 -4.14
CA TYR A 66 0.76 6.28 -5.34
C TYR A 66 0.55 4.79 -5.56
N LEU A 67 0.26 4.07 -4.48
CA LEU A 67 0.03 2.63 -4.56
C LEU A 67 -1.27 2.32 -5.26
N GLN A 68 -1.31 1.19 -5.97
CA GLN A 68 -2.51 0.79 -6.70
C GLN A 68 -3.12 -0.47 -6.07
N PHE A 69 -4.11 -0.27 -5.22
CA PHE A 69 -4.78 -1.38 -4.55
C PHE A 69 -5.73 -2.09 -5.51
N PRO A 70 -6.01 -3.38 -5.22
CA PRO A 70 -6.89 -4.20 -6.05
C PRO A 70 -8.35 -3.76 -5.94
N THR A 71 -8.97 -3.49 -7.09
CA THR A 71 -10.36 -3.06 -7.12
C THR A 71 -11.22 -3.87 -6.16
N SER A 72 -12.27 -3.25 -5.66
CA SER A 72 -13.18 -3.91 -4.72
C SER A 72 -13.47 -5.35 -5.17
N SER A 73 -13.93 -6.17 -4.24
CA SER A 73 -14.25 -7.56 -4.53
C SER A 73 -15.74 -7.74 -4.76
N GLY A 74 -16.54 -7.06 -3.94
CA GLY A 74 -17.99 -7.17 -4.07
C GLY A 74 -18.47 -6.82 -5.46
N PRO A 75 -19.54 -7.51 -5.91
CA PRO A 75 -20.12 -7.28 -7.23
C PRO A 75 -20.82 -5.93 -7.34
N SER A 76 -21.44 -5.49 -6.24
CA SER A 76 -22.14 -4.22 -6.22
C SER A 76 -21.31 -3.12 -6.87
N SER A 77 -20.07 -2.98 -6.40
CA SER A 77 -19.17 -1.96 -6.93
C SER A 77 -19.28 -1.87 -8.45
N GLY A 78 -20.02 -0.86 -8.91
CA GLY A 78 -20.21 -0.68 -10.34
C GLY A 78 -21.38 -1.46 -10.88
N GLY A 1 -29.67 8.63 5.14
CA GLY A 1 -29.51 7.24 5.50
C GLY A 1 -28.97 7.05 6.89
N SER A 2 -29.13 5.84 7.44
CA SER A 2 -28.66 5.54 8.78
C SER A 2 -27.20 5.95 8.95
N SER A 3 -26.94 6.81 9.93
CA SER A 3 -25.60 7.29 10.21
C SER A 3 -24.90 6.41 11.24
N GLY A 4 -24.21 5.38 10.79
CA GLY A 4 -23.51 4.48 11.69
C GLY A 4 -22.46 3.65 10.99
N SER A 5 -21.23 3.70 11.50
CA SER A 5 -20.13 2.95 10.91
C SER A 5 -20.27 1.46 11.20
N SER A 6 -19.61 0.64 10.40
CA SER A 6 -19.67 -0.81 10.57
C SER A 6 -18.56 -1.28 11.51
N GLY A 7 -17.34 -0.81 11.27
CA GLY A 7 -16.22 -1.19 12.10
C GLY A 7 -15.38 -2.28 11.47
N THR A 8 -14.87 -2.02 10.27
CA THR A 8 -14.04 -2.98 9.55
C THR A 8 -12.87 -2.29 8.88
N LEU A 9 -11.81 -3.06 8.65
CA LEU A 9 -10.60 -2.53 8.02
C LEU A 9 -10.22 -3.36 6.80
N ARG A 10 -9.10 -2.99 6.16
CA ARG A 10 -8.63 -3.70 4.98
C ARG A 10 -8.56 -5.21 5.24
N ASN A 11 -8.30 -5.97 4.18
CA ASN A 11 -8.21 -7.42 4.30
C ASN A 11 -6.76 -7.89 4.13
N TYR A 12 -5.83 -7.09 4.64
CA TYR A 12 -4.41 -7.42 4.54
C TYR A 12 -4.16 -8.88 4.92
N PRO A 13 -3.07 -9.45 4.40
CA PRO A 13 -2.16 -8.73 3.51
C PRO A 13 -2.78 -8.45 2.14
N LEU A 14 -2.23 -7.47 1.44
CA LEU A 14 -2.73 -7.09 0.13
C LEU A 14 -1.59 -6.86 -0.86
N THR A 15 -1.85 -7.09 -2.14
CA THR A 15 -0.84 -6.91 -3.17
C THR A 15 -1.15 -5.69 -4.04
N CYS A 16 -0.31 -4.68 -3.95
CA CYS A 16 -0.49 -3.46 -4.72
C CYS A 16 0.64 -3.27 -5.72
N LYS A 17 0.45 -2.35 -6.67
CA LYS A 17 1.45 -2.08 -7.69
C LYS A 17 1.87 -0.61 -7.67
N VAL A 18 3.16 -0.36 -7.76
CA VAL A 18 3.69 1.00 -7.75
C VAL A 18 3.52 1.66 -9.11
N VAL A 19 2.54 2.55 -9.22
CA VAL A 19 2.28 3.24 -10.47
C VAL A 19 3.08 4.53 -10.56
N TYR A 20 3.47 5.06 -9.40
CA TYR A 20 4.25 6.29 -9.35
C TYR A 20 5.54 6.08 -8.57
N SER A 21 6.67 6.35 -9.22
CA SER A 21 7.98 6.19 -8.58
C SER A 21 8.11 7.12 -7.39
N TYR A 22 8.83 6.65 -6.37
CA TYR A 22 9.03 7.45 -5.16
C TYR A 22 10.37 7.12 -4.52
N LYS A 23 11.28 8.10 -4.53
CA LYS A 23 12.61 7.92 -3.95
C LYS A 23 12.58 8.18 -2.45
N ALA A 24 12.71 7.12 -1.66
CA ALA A 24 12.70 7.23 -0.21
C ALA A 24 13.67 8.32 0.26
N SER A 25 13.20 9.18 1.15
CA SER A 25 14.02 10.27 1.67
C SER A 25 14.40 10.02 3.13
N GLN A 26 13.60 9.18 3.80
CA GLN A 26 13.84 8.86 5.20
C GLN A 26 14.32 7.42 5.35
N PRO A 27 15.06 7.15 6.43
CA PRO A 27 15.59 5.81 6.72
C PRO A 27 14.50 4.82 7.11
N ASP A 28 13.32 5.35 7.39
CA ASP A 28 12.18 4.51 7.77
C ASP A 28 11.19 4.39 6.63
N GLU A 29 11.59 4.84 5.45
CA GLU A 29 10.72 4.79 4.28
C GLU A 29 11.09 3.61 3.39
N LEU A 30 10.25 3.34 2.39
CA LEU A 30 10.49 2.24 1.46
C LEU A 30 10.66 2.75 0.04
N THR A 31 11.88 2.62 -0.49
CA THR A 31 12.18 3.07 -1.85
C THR A 31 11.45 2.23 -2.88
N ILE A 32 10.55 2.85 -3.62
CA ILE A 32 9.78 2.15 -4.64
C ILE A 32 10.07 2.74 -6.02
N GLU A 33 9.50 2.10 -7.05
CA GLU A 33 9.70 2.55 -8.43
C GLU A 33 8.61 1.99 -9.33
N GLU A 34 8.15 2.81 -10.27
CA GLU A 34 7.11 2.40 -11.21
C GLU A 34 7.30 0.94 -11.62
N HIS A 35 6.18 0.23 -11.80
CA HIS A 35 6.23 -1.17 -12.18
C HIS A 35 6.86 -2.02 -11.09
N GLU A 36 6.45 -1.78 -9.84
CA GLU A 36 6.97 -2.52 -8.71
C GLU A 36 5.84 -3.00 -7.81
N VAL A 37 5.53 -4.29 -7.91
CA VAL A 37 4.46 -4.89 -7.09
C VAL A 37 4.95 -5.19 -5.69
N LEU A 38 4.25 -4.64 -4.70
CA LEU A 38 4.62 -4.84 -3.30
C LEU A 38 3.51 -5.60 -2.56
N GLU A 39 3.73 -5.83 -1.27
CA GLU A 39 2.76 -6.54 -0.44
C GLU A 39 2.52 -5.81 0.87
N VAL A 40 1.34 -5.20 1.01
CA VAL A 40 1.00 -4.47 2.22
C VAL A 40 0.70 -5.42 3.37
N ILE A 41 1.41 -5.22 4.49
CA ILE A 41 1.21 -6.07 5.66
C ILE A 41 0.58 -5.28 6.80
N GLU A 42 0.83 -3.98 6.82
CA GLU A 42 0.28 -3.12 7.87
C GLU A 42 -0.16 -1.77 7.29
N ASP A 43 -0.86 -0.98 8.09
CA ASP A 43 -1.34 0.32 7.66
C ASP A 43 -0.37 1.42 8.09
N GLY A 44 0.92 1.16 7.92
CA GLY A 44 1.93 2.13 8.31
C GLY A 44 1.65 2.75 9.67
N ASP A 45 2.30 3.88 9.94
CA ASP A 45 2.12 4.58 11.20
C ASP A 45 1.55 5.98 10.97
N MET A 46 1.17 6.27 9.73
CA MET A 46 0.61 7.56 9.39
C MET A 46 -0.84 7.42 8.94
N GLU A 47 -1.44 8.53 8.53
CA GLU A 47 -2.82 8.54 8.08
C GLU A 47 -2.90 8.44 6.56
N ASP A 48 -1.77 8.66 5.90
CA ASP A 48 -1.71 8.59 4.44
C ASP A 48 -0.55 7.72 3.99
N TRP A 49 -0.15 6.79 4.85
CA TRP A 49 0.95 5.88 4.53
C TRP A 49 0.64 4.47 5.01
N VAL A 50 1.32 3.48 4.41
CA VAL A 50 1.12 2.09 4.78
C VAL A 50 2.43 1.33 4.82
N LYS A 51 2.41 0.11 5.33
CA LYS A 51 3.60 -0.72 5.43
C LYS A 51 3.57 -1.84 4.40
N ALA A 52 4.55 -1.85 3.51
CA ALA A 52 4.64 -2.87 2.47
C ALA A 52 6.05 -3.45 2.39
N ARG A 53 6.15 -4.68 1.91
CA ARG A 53 7.44 -5.35 1.78
C ARG A 53 7.71 -5.74 0.33
N ASN A 54 8.85 -5.31 -0.20
CA ASN A 54 9.22 -5.61 -1.57
C ASN A 54 9.86 -7.00 -1.66
N LYS A 55 10.14 -7.43 -2.89
CA LYS A 55 10.75 -8.74 -3.12
C LYS A 55 12.02 -8.90 -2.30
N VAL A 56 12.85 -7.87 -2.29
CA VAL A 56 14.10 -7.88 -1.53
C VAL A 56 13.86 -8.21 -0.06
N GLY A 57 12.67 -7.86 0.41
CA GLY A 57 12.32 -8.12 1.80
C GLY A 57 12.40 -6.88 2.66
N GLN A 58 12.57 -5.73 2.02
CA GLN A 58 12.66 -4.46 2.74
C GLN A 58 11.28 -3.93 3.09
N VAL A 59 11.10 -3.54 4.34
CA VAL A 59 9.82 -3.01 4.81
C VAL A 59 9.94 -1.54 5.22
N GLY A 60 9.10 -0.70 4.64
CA GLY A 60 9.14 0.72 4.96
C GLY A 60 7.77 1.37 4.83
N TYR A 61 7.75 2.70 4.91
CA TYR A 61 6.50 3.44 4.80
C TYR A 61 6.38 4.12 3.43
N VAL A 62 5.23 3.95 2.80
CA VAL A 62 4.98 4.54 1.48
C VAL A 62 3.58 5.13 1.40
N PRO A 63 3.44 6.22 0.62
CA PRO A 63 2.15 6.90 0.44
C PRO A 63 1.17 6.06 -0.38
N GLU A 64 0.18 5.50 0.29
CA GLU A 64 -0.82 4.68 -0.37
C GLU A 64 -1.25 5.31 -1.69
N LYS A 65 -1.44 6.63 -1.68
CA LYS A 65 -1.85 7.36 -2.88
C LYS A 65 -1.10 6.84 -4.11
N TYR A 66 0.20 6.63 -3.97
CA TYR A 66 1.02 6.14 -5.06
C TYR A 66 0.80 4.65 -5.30
N LEU A 67 0.39 3.95 -4.24
CA LEU A 67 0.13 2.52 -4.32
C LEU A 67 -1.20 2.24 -5.02
N GLN A 68 -1.24 1.17 -5.80
CA GLN A 68 -2.44 0.79 -6.52
C GLN A 68 -3.05 -0.48 -5.95
N PHE A 69 -3.95 -0.32 -4.98
CA PHE A 69 -4.60 -1.47 -4.34
C PHE A 69 -5.44 -2.24 -5.35
N PRO A 70 -5.67 -3.52 -5.06
CA PRO A 70 -6.46 -4.40 -5.92
C PRO A 70 -7.94 -4.05 -5.93
N THR A 71 -8.61 -4.28 -7.04
CA THR A 71 -10.03 -3.98 -7.17
C THR A 71 -10.87 -5.24 -7.04
N SER A 72 -12.19 -5.07 -7.00
CA SER A 72 -13.10 -6.20 -6.88
C SER A 72 -14.51 -5.79 -7.28
N SER A 73 -15.17 -6.66 -8.06
CA SER A 73 -16.52 -6.40 -8.53
C SER A 73 -17.44 -7.57 -8.21
N GLY A 74 -18.65 -7.26 -7.73
CA GLY A 74 -19.60 -8.30 -7.40
C GLY A 74 -19.91 -9.20 -8.57
N PRO A 75 -20.19 -10.48 -8.29
CA PRO A 75 -20.51 -11.47 -9.31
C PRO A 75 -21.87 -11.22 -9.96
N SER A 76 -22.87 -10.95 -9.13
CA SER A 76 -24.22 -10.69 -9.62
C SER A 76 -24.31 -9.32 -10.28
N SER A 77 -24.92 -9.27 -11.45
CA SER A 77 -25.08 -8.02 -12.19
C SER A 77 -26.52 -7.79 -12.59
N GLY A 78 -27.12 -6.73 -12.07
CA GLY A 78 -28.50 -6.42 -12.38
C GLY A 78 -29.22 -5.75 -11.22
N GLY A 1 -7.94 -4.51 27.04
CA GLY A 1 -9.16 -3.71 27.08
C GLY A 1 -10.07 -4.01 25.90
N SER A 2 -10.56 -2.95 25.26
CA SER A 2 -11.46 -3.10 24.12
C SER A 2 -10.97 -2.28 22.93
N SER A 3 -11.12 -2.83 21.73
CA SER A 3 -10.69 -2.14 20.52
C SER A 3 -11.83 -1.39 19.87
N GLY A 4 -11.53 -0.59 18.86
CA GLY A 4 -12.55 0.17 18.17
C GLY A 4 -12.43 0.08 16.66
N SER A 5 -13.18 0.92 15.95
CA SER A 5 -13.16 0.93 14.50
C SER A 5 -12.91 2.33 13.97
N SER A 6 -11.73 2.54 13.39
CA SER A 6 -11.37 3.84 12.84
C SER A 6 -12.38 4.30 11.79
N GLY A 7 -12.64 3.44 10.81
CA GLY A 7 -13.59 3.77 9.77
C GLY A 7 -13.93 2.59 8.88
N THR A 8 -12.90 1.85 8.48
CA THR A 8 -13.09 0.68 7.63
C THR A 8 -12.21 -0.48 8.08
N LEU A 9 -12.45 -1.66 7.51
CA LEU A 9 -11.68 -2.85 7.85
C LEU A 9 -10.96 -3.41 6.62
N ARG A 10 -9.65 -3.29 6.60
CA ARG A 10 -8.84 -3.78 5.49
C ARG A 10 -8.70 -5.30 5.55
N ASN A 11 -8.45 -5.91 4.39
CA ASN A 11 -8.30 -7.36 4.31
C ASN A 11 -6.87 -7.74 3.97
N TYR A 12 -5.92 -7.27 4.77
CA TYR A 12 -4.51 -7.56 4.54
C TYR A 12 -4.22 -9.04 4.75
N PRO A 13 -3.15 -9.53 4.09
CA PRO A 13 -2.32 -8.70 3.20
C PRO A 13 -3.06 -8.30 1.93
N LEU A 14 -2.49 -7.34 1.20
CA LEU A 14 -3.09 -6.86 -0.03
C LEU A 14 -2.01 -6.45 -1.04
N THR A 15 -1.96 -7.17 -2.15
CA THR A 15 -0.97 -6.89 -3.20
C THR A 15 -1.32 -5.60 -3.94
N CYS A 16 -0.34 -4.72 -4.06
CA CYS A 16 -0.55 -3.45 -4.75
C CYS A 16 0.50 -3.26 -5.85
N LYS A 17 0.25 -2.29 -6.73
CA LYS A 17 1.16 -2.01 -7.83
C LYS A 17 1.60 -0.54 -7.80
N VAL A 18 2.90 -0.33 -7.93
CA VAL A 18 3.46 1.03 -7.91
C VAL A 18 3.25 1.72 -9.26
N VAL A 19 2.26 2.60 -9.31
CA VAL A 19 1.95 3.33 -10.54
C VAL A 19 2.84 4.56 -10.68
N TYR A 20 3.35 5.04 -9.55
CA TYR A 20 4.22 6.22 -9.55
C TYR A 20 5.42 6.02 -8.63
N SER A 21 6.61 6.03 -9.22
CA SER A 21 7.84 5.83 -8.46
C SER A 21 7.98 6.90 -7.38
N TYR A 22 8.57 6.52 -6.25
CA TYR A 22 8.77 7.44 -5.13
C TYR A 22 10.08 7.15 -4.42
N LYS A 23 10.98 8.13 -4.42
CA LYS A 23 12.27 7.98 -3.76
C LYS A 23 12.15 8.24 -2.26
N ALA A 24 12.62 7.28 -1.47
CA ALA A 24 12.57 7.40 -0.02
C ALA A 24 13.70 8.27 0.50
N SER A 25 13.34 9.40 1.11
CA SER A 25 14.33 10.33 1.64
C SER A 25 14.72 9.95 3.07
N GLN A 26 13.77 9.38 3.80
CA GLN A 26 14.01 8.97 5.17
C GLN A 26 14.30 7.48 5.25
N PRO A 27 15.01 7.07 6.31
CA PRO A 27 15.37 5.67 6.53
C PRO A 27 14.16 4.81 6.88
N ASP A 28 13.16 5.43 7.50
CA ASP A 28 11.95 4.71 7.89
C ASP A 28 11.04 4.47 6.68
N GLU A 29 11.33 5.17 5.59
CA GLU A 29 10.55 5.03 4.37
C GLU A 29 11.02 3.83 3.55
N LEU A 30 10.28 3.53 2.49
CA LEU A 30 10.62 2.41 1.61
C LEU A 30 10.76 2.87 0.17
N THR A 31 11.99 2.85 -0.34
CA THR A 31 12.26 3.26 -1.71
C THR A 31 11.56 2.34 -2.71
N ILE A 32 10.53 2.86 -3.36
CA ILE A 32 9.78 2.09 -4.35
C ILE A 32 10.15 2.50 -5.77
N GLU A 33 9.59 1.80 -6.75
CA GLU A 33 9.85 2.09 -8.15
C GLU A 33 8.68 1.65 -9.03
N GLU A 34 8.37 2.45 -10.04
CA GLU A 34 7.28 2.14 -10.95
C GLU A 34 7.26 0.66 -11.30
N HIS A 35 6.12 0.19 -11.81
CA HIS A 35 5.98 -1.21 -12.19
C HIS A 35 6.61 -2.13 -11.14
N GLU A 36 6.27 -1.89 -9.87
CA GLU A 36 6.80 -2.69 -8.78
C GLU A 36 5.67 -3.26 -7.93
N VAL A 37 5.38 -4.54 -8.12
CA VAL A 37 4.33 -5.20 -7.36
C VAL A 37 4.76 -5.48 -5.93
N LEU A 38 4.10 -4.83 -4.98
CA LEU A 38 4.42 -5.01 -3.56
C LEU A 38 3.24 -5.62 -2.81
N GLU A 39 3.46 -5.93 -1.53
CA GLU A 39 2.41 -6.51 -0.71
C GLU A 39 2.20 -5.69 0.56
N VAL A 40 0.95 -5.29 0.80
CA VAL A 40 0.61 -4.51 1.98
C VAL A 40 0.27 -5.40 3.17
N ILE A 41 1.18 -5.47 4.13
CA ILE A 41 0.98 -6.29 5.31
C ILE A 41 0.50 -5.45 6.50
N GLU A 42 1.01 -4.23 6.58
CA GLU A 42 0.63 -3.32 7.66
C GLU A 42 0.26 -1.95 7.11
N ASP A 43 -0.47 -1.17 7.90
CA ASP A 43 -0.89 0.16 7.50
C ASP A 43 0.12 1.21 7.94
N GLY A 44 1.40 0.95 7.66
CA GLY A 44 2.45 1.87 8.02
C GLY A 44 2.22 2.49 9.39
N ASP A 45 2.88 3.62 9.65
CA ASP A 45 2.74 4.31 10.93
C ASP A 45 1.97 5.61 10.76
N MET A 46 2.08 6.21 9.58
CA MET A 46 1.39 7.46 9.30
C MET A 46 -0.06 7.20 8.88
N GLU A 47 -0.87 8.26 8.90
CA GLU A 47 -2.27 8.14 8.52
C GLU A 47 -2.42 8.03 7.01
N ASP A 48 -1.56 8.73 6.28
CA ASP A 48 -1.59 8.71 4.83
C ASP A 48 -0.44 7.89 4.26
N TRP A 49 -0.18 6.74 4.88
CA TRP A 49 0.91 5.86 4.44
C TRP A 49 0.61 4.41 4.80
N VAL A 50 1.36 3.49 4.21
CA VAL A 50 1.19 2.07 4.47
C VAL A 50 2.53 1.36 4.54
N LYS A 51 2.51 0.11 5.02
CA LYS A 51 3.72 -0.69 5.14
C LYS A 51 3.73 -1.83 4.11
N ALA A 52 4.69 -1.79 3.20
CA ALA A 52 4.81 -2.81 2.18
C ALA A 52 6.23 -3.35 2.11
N ARG A 53 6.35 -4.67 1.98
CA ARG A 53 7.66 -5.32 1.91
C ARG A 53 8.01 -5.67 0.47
N ASN A 54 9.18 -5.22 0.01
CA ASN A 54 9.62 -5.50 -1.35
C ASN A 54 10.24 -6.89 -1.45
N LYS A 55 10.75 -7.22 -2.62
CA LYS A 55 11.37 -8.52 -2.85
C LYS A 55 12.55 -8.74 -1.92
N VAL A 56 13.29 -7.67 -1.65
CA VAL A 56 14.45 -7.74 -0.76
C VAL A 56 14.01 -8.02 0.67
N GLY A 57 12.78 -7.64 1.00
CA GLY A 57 12.27 -7.86 2.34
C GLY A 57 12.24 -6.58 3.16
N GLN A 58 12.84 -5.53 2.62
CA GLN A 58 12.88 -4.24 3.31
C GLN A 58 11.48 -3.72 3.59
N VAL A 59 11.21 -3.42 4.85
CA VAL A 59 9.89 -2.91 5.24
C VAL A 59 9.97 -1.45 5.67
N GLY A 60 9.17 -0.61 5.02
CA GLY A 60 9.16 0.81 5.33
C GLY A 60 7.80 1.43 5.20
N TYR A 61 7.75 2.74 4.99
CA TYR A 61 6.49 3.46 4.85
C TYR A 61 6.41 4.15 3.48
N VAL A 62 5.30 3.91 2.78
CA VAL A 62 5.09 4.51 1.47
C VAL A 62 3.69 5.10 1.35
N PRO A 63 3.55 6.10 0.47
CA PRO A 63 2.26 6.77 0.24
C PRO A 63 1.26 5.87 -0.48
N GLU A 64 0.06 5.76 0.09
CA GLU A 64 -0.98 4.93 -0.50
C GLU A 64 -1.45 5.51 -1.84
N LYS A 65 -1.58 6.83 -1.89
CA LYS A 65 -2.02 7.50 -3.11
C LYS A 65 -1.22 7.03 -4.31
N TYR A 66 0.06 6.73 -4.09
CA TYR A 66 0.93 6.26 -5.16
C TYR A 66 0.70 4.77 -5.45
N LEU A 67 0.28 4.04 -4.41
CA LEU A 67 0.02 2.61 -4.54
C LEU A 67 -1.33 2.36 -5.20
N GLN A 68 -1.42 1.29 -5.99
CA GLN A 68 -2.66 0.94 -6.66
C GLN A 68 -3.25 -0.34 -6.10
N PHE A 69 -4.25 -0.21 -5.25
CA PHE A 69 -4.90 -1.36 -4.63
C PHE A 69 -5.78 -2.09 -5.64
N PRO A 70 -6.00 -3.39 -5.41
CA PRO A 70 -6.82 -4.22 -6.29
C PRO A 70 -8.30 -3.86 -6.21
N THR A 71 -8.62 -2.85 -5.43
CA THR A 71 -9.99 -2.40 -5.26
C THR A 71 -10.51 -1.73 -6.53
N SER A 72 -11.83 -1.67 -6.67
CA SER A 72 -12.45 -1.06 -7.84
C SER A 72 -12.32 0.47 -7.79
N SER A 73 -11.45 1.01 -8.63
CA SER A 73 -11.23 2.45 -8.68
C SER A 73 -12.21 3.12 -9.63
N GLY A 74 -13.34 3.58 -9.10
CA GLY A 74 -14.34 4.23 -9.92
C GLY A 74 -15.69 4.30 -9.24
N PRO A 75 -16.73 4.65 -10.01
CA PRO A 75 -18.10 4.76 -9.49
C PRO A 75 -18.69 3.40 -9.13
N SER A 76 -17.89 2.36 -9.27
CA SER A 76 -18.34 1.00 -8.96
C SER A 76 -19.29 1.01 -7.77
N SER A 77 -20.56 0.71 -8.03
CA SER A 77 -21.56 0.69 -6.97
C SER A 77 -22.43 -0.57 -7.08
N GLY A 78 -22.58 -1.27 -5.96
CA GLY A 78 -23.37 -2.48 -5.95
C GLY A 78 -24.86 -2.19 -5.89
N GLY A 1 -13.49 -22.77 1.01
CA GLY A 1 -14.08 -22.83 2.33
C GLY A 1 -13.71 -21.63 3.18
N SER A 2 -13.48 -21.87 4.47
CA SER A 2 -13.12 -20.80 5.40
C SER A 2 -12.12 -19.84 4.76
N SER A 3 -12.45 -18.55 4.80
CA SER A 3 -11.58 -17.53 4.23
C SER A 3 -11.09 -16.56 5.30
N GLY A 4 -12.03 -15.89 5.96
CA GLY A 4 -11.66 -14.95 7.00
C GLY A 4 -12.73 -13.89 7.23
N SER A 5 -12.58 -13.13 8.30
CA SER A 5 -13.54 -12.07 8.63
C SER A 5 -13.59 -11.02 7.54
N SER A 6 -14.79 -10.79 6.99
CA SER A 6 -14.97 -9.80 5.94
C SER A 6 -15.45 -8.47 6.51
N GLY A 7 -15.60 -7.48 5.64
CA GLY A 7 -16.05 -6.17 6.07
C GLY A 7 -15.66 -5.07 5.11
N THR A 8 -16.17 -3.87 5.34
CA THR A 8 -15.87 -2.73 4.49
C THR A 8 -14.43 -2.26 4.68
N LEU A 9 -13.70 -2.94 5.55
CA LEU A 9 -12.31 -2.59 5.82
C LEU A 9 -11.37 -3.53 5.07
N ARG A 10 -10.30 -2.96 4.53
CA ARG A 10 -9.31 -3.73 3.78
C ARG A 10 -9.00 -5.05 4.50
N ASN A 11 -8.56 -6.04 3.73
CA ASN A 11 -8.22 -7.35 4.29
C ASN A 11 -6.77 -7.71 3.99
N TYR A 12 -5.87 -7.23 4.84
CA TYR A 12 -4.45 -7.49 4.66
C TYR A 12 -4.14 -8.97 4.90
N PRO A 13 -3.06 -9.47 4.27
CA PRO A 13 -2.22 -8.66 3.40
C PRO A 13 -2.92 -8.27 2.10
N LEU A 14 -2.37 -7.29 1.40
CA LEU A 14 -2.96 -6.84 0.14
C LEU A 14 -1.86 -6.45 -0.85
N THR A 15 -1.77 -7.20 -1.95
CA THR A 15 -0.76 -6.93 -2.97
C THR A 15 -1.11 -5.67 -3.76
N CYS A 16 -0.21 -4.69 -3.73
CA CYS A 16 -0.41 -3.44 -4.44
C CYS A 16 0.51 -3.34 -5.66
N LYS A 17 0.23 -2.38 -6.54
CA LYS A 17 1.04 -2.19 -7.74
C LYS A 17 1.51 -0.74 -7.84
N VAL A 18 2.80 -0.53 -7.61
CA VAL A 18 3.38 0.81 -7.68
C VAL A 18 3.26 1.39 -9.08
N VAL A 19 2.49 2.46 -9.22
CA VAL A 19 2.29 3.11 -10.51
C VAL A 19 3.11 4.40 -10.60
N TYR A 20 3.35 5.02 -9.46
CA TYR A 20 4.11 6.27 -9.42
C TYR A 20 5.39 6.09 -8.60
N SER A 21 6.53 6.15 -9.28
CA SER A 21 7.83 5.99 -8.63
C SER A 21 7.98 7.00 -7.49
N TYR A 22 8.77 6.62 -6.49
CA TYR A 22 9.00 7.48 -5.34
C TYR A 22 10.36 7.19 -4.71
N LYS A 23 11.24 8.19 -4.71
CA LYS A 23 12.57 8.05 -4.14
C LYS A 23 12.56 8.36 -2.65
N ALA A 24 12.71 7.32 -1.83
CA ALA A 24 12.72 7.49 -0.38
C ALA A 24 13.81 8.46 0.05
N SER A 25 13.49 9.32 1.02
CA SER A 25 14.45 10.29 1.52
C SER A 25 14.79 10.02 2.98
N GLN A 26 13.87 9.37 3.68
CA GLN A 26 14.06 9.05 5.09
C GLN A 26 14.54 7.61 5.26
N PRO A 27 15.32 7.36 6.33
CA PRO A 27 15.86 6.05 6.63
C PRO A 27 14.78 5.07 7.08
N ASP A 28 13.57 5.58 7.25
CA ASP A 28 12.44 4.75 7.68
C ASP A 28 11.43 4.59 6.55
N GLU A 29 11.80 5.02 5.35
CA GLU A 29 10.92 4.93 4.19
C GLU A 29 11.32 3.76 3.29
N LEU A 30 10.47 3.44 2.33
CA LEU A 30 10.74 2.34 1.40
C LEU A 30 10.81 2.85 -0.03
N THR A 31 12.01 2.83 -0.61
CA THR A 31 12.22 3.29 -1.97
C THR A 31 11.49 2.38 -2.97
N ILE A 32 10.45 2.91 -3.59
CA ILE A 32 9.67 2.15 -4.57
C ILE A 32 9.89 2.69 -5.97
N GLU A 33 9.43 1.93 -6.96
CA GLU A 33 9.58 2.33 -8.36
C GLU A 33 8.43 1.79 -9.20
N GLU A 34 7.97 2.60 -10.16
CA GLU A 34 6.88 2.20 -11.04
C GLU A 34 7.07 0.77 -11.54
N HIS A 35 5.96 0.06 -11.74
CA HIS A 35 6.02 -1.31 -12.23
C HIS A 35 6.61 -2.24 -11.16
N GLU A 36 6.34 -1.93 -9.91
CA GLU A 36 6.84 -2.72 -8.79
C GLU A 36 5.69 -3.28 -7.96
N VAL A 37 5.59 -4.60 -7.91
CA VAL A 37 4.53 -5.26 -7.14
C VAL A 37 4.95 -5.46 -5.70
N LEU A 38 4.23 -4.82 -4.78
CA LEU A 38 4.53 -4.93 -3.35
C LEU A 38 3.38 -5.60 -2.61
N GLU A 39 3.60 -5.89 -1.33
CA GLU A 39 2.59 -6.54 -0.51
C GLU A 39 2.32 -5.75 0.77
N VAL A 40 1.14 -5.15 0.85
CA VAL A 40 0.77 -4.35 2.02
C VAL A 40 0.35 -5.24 3.17
N ILE A 41 1.09 -5.18 4.27
CA ILE A 41 0.79 -5.99 5.44
C ILE A 41 0.18 -5.13 6.56
N GLU A 42 0.69 -3.91 6.70
CA GLU A 42 0.20 -3.00 7.72
C GLU A 42 -0.11 -1.63 7.12
N ASP A 43 -0.73 -0.77 7.91
CA ASP A 43 -1.09 0.57 7.46
C ASP A 43 -0.08 1.60 7.98
N GLY A 44 1.06 1.11 8.47
CA GLY A 44 2.08 2.01 8.99
C GLY A 44 1.57 2.86 10.13
N ASP A 45 2.48 3.60 10.76
CA ASP A 45 2.11 4.48 11.87
C ASP A 45 1.20 5.60 11.41
N MET A 46 1.34 5.98 10.14
CA MET A 46 0.52 7.05 9.57
C MET A 46 -0.66 6.48 8.81
N GLU A 47 -1.73 7.27 8.71
CA GLU A 47 -2.94 6.84 8.01
C GLU A 47 -2.77 7.00 6.49
N ASP A 48 -2.24 8.14 6.08
CA ASP A 48 -2.03 8.42 4.67
C ASP A 48 -1.02 7.44 4.06
N TRP A 49 -0.05 7.03 4.88
CA TRP A 49 0.98 6.11 4.43
C TRP A 49 0.63 4.68 4.84
N VAL A 50 1.48 3.74 4.43
CA VAL A 50 1.27 2.33 4.77
C VAL A 50 2.59 1.57 4.81
N LYS A 51 2.52 0.31 5.21
CA LYS A 51 3.71 -0.53 5.30
C LYS A 51 3.66 -1.67 4.28
N ALA A 52 4.68 -1.74 3.44
CA ALA A 52 4.75 -2.77 2.42
C ALA A 52 6.14 -3.40 2.37
N ARG A 53 6.21 -4.65 1.92
CA ARG A 53 7.48 -5.35 1.83
C ARG A 53 7.78 -5.75 0.39
N ASN A 54 8.89 -5.24 -0.14
CA ASN A 54 9.29 -5.53 -1.51
C ASN A 54 9.94 -6.91 -1.61
N LYS A 55 10.31 -7.29 -2.82
CA LYS A 55 10.95 -8.58 -3.06
C LYS A 55 12.14 -8.78 -2.13
N VAL A 56 13.02 -7.78 -2.07
CA VAL A 56 14.20 -7.84 -1.22
C VAL A 56 13.81 -8.09 0.24
N GLY A 57 12.59 -7.69 0.59
CA GLY A 57 12.12 -7.88 1.95
C GLY A 57 12.13 -6.59 2.75
N GLN A 58 12.67 -5.53 2.15
CA GLN A 58 12.75 -4.24 2.82
C GLN A 58 11.36 -3.73 3.16
N VAL A 59 11.13 -3.46 4.46
CA VAL A 59 9.84 -2.97 4.92
C VAL A 59 9.96 -1.55 5.46
N GLY A 60 9.26 -0.62 4.82
CA GLY A 60 9.30 0.77 5.25
C GLY A 60 7.94 1.44 5.21
N TYR A 61 7.93 2.74 4.95
CA TYR A 61 6.68 3.49 4.88
C TYR A 61 6.55 4.19 3.54
N VAL A 62 5.40 4.01 2.89
CA VAL A 62 5.14 4.64 1.60
C VAL A 62 3.71 5.17 1.53
N PRO A 63 3.52 6.23 0.72
CA PRO A 63 2.21 6.87 0.53
C PRO A 63 1.24 5.98 -0.23
N GLU A 64 0.20 5.52 0.45
CA GLU A 64 -0.80 4.65 -0.17
C GLU A 64 -1.28 5.24 -1.50
N LYS A 65 -1.21 6.56 -1.61
CA LYS A 65 -1.63 7.26 -2.82
C LYS A 65 -0.82 6.78 -4.03
N TYR A 66 0.48 6.58 -3.82
CA TYR A 66 1.37 6.13 -4.88
C TYR A 66 1.15 4.65 -5.19
N LEU A 67 0.61 3.93 -4.22
CA LEU A 67 0.34 2.50 -4.38
C LEU A 67 -0.98 2.27 -5.09
N GLN A 68 -1.05 1.19 -5.86
CA GLN A 68 -2.27 0.85 -6.60
C GLN A 68 -2.93 -0.39 -6.03
N PHE A 69 -3.76 -0.19 -5.00
CA PHE A 69 -4.46 -1.30 -4.36
C PHE A 69 -5.38 -2.00 -5.33
N PRO A 70 -5.65 -3.29 -5.07
CA PRO A 70 -6.53 -4.10 -5.92
C PRO A 70 -7.99 -3.67 -5.84
N THR A 71 -8.53 -3.20 -6.96
CA THR A 71 -9.92 -2.76 -7.02
C THR A 71 -10.86 -3.92 -7.32
N SER A 72 -11.99 -3.95 -6.61
CA SER A 72 -12.96 -5.01 -6.81
C SER A 72 -14.00 -4.61 -7.84
N SER A 73 -14.60 -3.44 -7.65
CA SER A 73 -15.61 -2.93 -8.57
C SER A 73 -15.00 -2.59 -9.93
N GLY A 74 -15.81 -2.70 -10.98
CA GLY A 74 -15.34 -2.41 -12.31
C GLY A 74 -16.42 -1.86 -13.21
N PRO A 75 -17.09 -2.75 -13.95
CA PRO A 75 -18.17 -2.37 -14.86
C PRO A 75 -19.42 -1.90 -14.12
N SER A 76 -19.54 -0.58 -13.94
CA SER A 76 -20.68 0.00 -13.24
C SER A 76 -21.75 0.44 -14.24
N SER A 77 -22.91 -0.20 -14.18
CA SER A 77 -24.01 0.13 -15.07
C SER A 77 -24.87 1.25 -14.49
N GLY A 78 -25.22 2.21 -15.32
CA GLY A 78 -26.03 3.33 -14.88
C GLY A 78 -25.53 4.66 -15.39
N GLY A 1 -4.26 0.91 22.50
CA GLY A 1 -5.50 1.65 22.67
C GLY A 1 -6.37 1.61 21.44
N SER A 2 -7.13 2.68 21.22
CA SER A 2 -8.02 2.77 20.07
C SER A 2 -7.49 3.76 19.05
N SER A 3 -7.34 3.29 17.80
CA SER A 3 -6.83 4.14 16.72
C SER A 3 -7.95 4.48 15.73
N GLY A 4 -8.66 5.57 16.00
CA GLY A 4 -9.74 5.98 15.13
C GLY A 4 -11.05 5.28 15.44
N SER A 5 -11.96 5.28 14.48
CA SER A 5 -13.26 4.65 14.68
C SER A 5 -13.34 3.33 13.91
N SER A 6 -13.84 2.29 14.58
CA SER A 6 -13.97 0.98 13.96
C SER A 6 -15.00 1.00 12.84
N GLY A 7 -14.56 0.68 11.63
CA GLY A 7 -15.46 0.68 10.49
C GLY A 7 -14.88 -0.06 9.30
N THR A 8 -14.20 0.68 8.42
CA THR A 8 -13.61 0.09 7.23
C THR A 8 -12.14 -0.27 7.48
N LEU A 9 -11.82 -1.55 7.32
CA LEU A 9 -10.46 -2.03 7.53
C LEU A 9 -10.04 -2.99 6.41
N ARG A 10 -9.14 -2.52 5.55
CA ARG A 10 -8.65 -3.34 4.44
C ARG A 10 -8.33 -4.76 4.90
N ASN A 11 -8.39 -5.71 3.98
CA ASN A 11 -8.10 -7.10 4.29
C ASN A 11 -6.64 -7.44 3.98
N TYR A 12 -5.75 -7.08 4.90
CA TYR A 12 -4.33 -7.35 4.72
C TYR A 12 -4.01 -8.83 4.98
N PRO A 13 -2.96 -9.32 4.32
CA PRO A 13 -2.14 -8.52 3.40
C PRO A 13 -2.89 -8.17 2.13
N LEU A 14 -2.34 -7.22 1.36
CA LEU A 14 -2.96 -6.78 0.12
C LEU A 14 -1.89 -6.38 -0.90
N THR A 15 -1.76 -7.17 -1.97
CA THR A 15 -0.79 -6.89 -3.01
C THR A 15 -1.17 -5.65 -3.79
N CYS A 16 -0.22 -4.74 -3.97
CA CYS A 16 -0.45 -3.51 -4.71
C CYS A 16 0.55 -3.36 -5.85
N LYS A 17 0.30 -2.38 -6.73
CA LYS A 17 1.18 -2.14 -7.86
C LYS A 17 1.61 -0.67 -7.91
N VAL A 18 2.88 -0.42 -7.60
CA VAL A 18 3.41 0.94 -7.61
C VAL A 18 3.29 1.56 -8.99
N VAL A 19 2.37 2.52 -9.13
CA VAL A 19 2.17 3.20 -10.40
C VAL A 19 3.01 4.47 -10.50
N TYR A 20 3.35 5.03 -9.34
CA TYR A 20 4.15 6.25 -9.29
C TYR A 20 5.44 6.01 -8.53
N SER A 21 6.57 6.35 -9.15
CA SER A 21 7.87 6.18 -8.53
C SER A 21 8.05 7.13 -7.35
N TYR A 22 8.76 6.66 -6.32
CA TYR A 22 9.00 7.47 -5.13
C TYR A 22 10.30 7.06 -4.45
N LYS A 23 11.26 7.99 -4.45
CA LYS A 23 12.56 7.73 -3.83
C LYS A 23 12.51 8.00 -2.33
N ALA A 24 12.88 7.00 -1.54
CA ALA A 24 12.88 7.12 -0.08
C ALA A 24 14.15 7.81 0.40
N SER A 25 14.00 8.98 1.00
CA SER A 25 15.12 9.74 1.51
C SER A 25 15.54 9.24 2.89
N GLN A 26 14.56 8.92 3.72
CA GLN A 26 14.81 8.43 5.06
C GLN A 26 14.82 6.91 5.10
N PRO A 27 15.46 6.34 6.13
CA PRO A 27 15.55 4.89 6.30
C PRO A 27 14.20 4.26 6.66
N ASP A 28 13.40 4.99 7.43
CA ASP A 28 12.08 4.50 7.83
C ASP A 28 11.16 4.34 6.63
N GLU A 29 11.51 5.02 5.54
CA GLU A 29 10.71 4.96 4.32
C GLU A 29 11.11 3.75 3.47
N LEU A 30 10.40 3.55 2.37
CA LEU A 30 10.69 2.43 1.47
C LEU A 30 10.83 2.91 0.03
N THR A 31 12.01 2.72 -0.54
CA THR A 31 12.28 3.13 -1.90
C THR A 31 11.47 2.31 -2.90
N ILE A 32 10.55 2.97 -3.59
CA ILE A 32 9.71 2.29 -4.57
C ILE A 32 9.94 2.86 -5.98
N GLU A 33 9.49 2.12 -6.99
CA GLU A 33 9.65 2.54 -8.37
C GLU A 33 8.57 1.93 -9.26
N GLU A 34 8.02 2.73 -10.17
CA GLU A 34 6.98 2.27 -11.07
C GLU A 34 7.24 0.82 -11.50
N HIS A 35 6.17 0.04 -11.63
CA HIS A 35 6.28 -1.35 -12.04
C HIS A 35 6.89 -2.19 -10.92
N GLU A 36 6.39 -1.99 -9.70
CA GLU A 36 6.89 -2.74 -8.55
C GLU A 36 5.74 -3.23 -7.67
N VAL A 37 5.51 -4.54 -7.70
CA VAL A 37 4.43 -5.13 -6.92
C VAL A 37 4.88 -5.40 -5.49
N LEU A 38 4.20 -4.76 -4.53
CA LEU A 38 4.54 -4.94 -3.12
C LEU A 38 3.42 -5.67 -2.39
N GLU A 39 3.60 -5.85 -1.08
CA GLU A 39 2.61 -6.54 -0.26
C GLU A 39 2.30 -5.74 1.00
N VAL A 40 1.15 -5.05 0.99
CA VAL A 40 0.74 -4.25 2.13
C VAL A 40 0.39 -5.13 3.32
N ILE A 41 1.27 -5.14 4.32
CA ILE A 41 1.06 -5.95 5.52
C ILE A 41 0.46 -5.11 6.64
N GLU A 42 0.88 -3.85 6.73
CA GLU A 42 0.39 -2.95 7.75
C GLU A 42 -0.06 -1.62 7.14
N ASP A 43 -0.72 -0.80 7.94
CA ASP A 43 -1.21 0.49 7.48
C ASP A 43 -0.25 1.61 7.89
N GLY A 44 1.03 1.27 7.99
CA GLY A 44 2.03 2.25 8.37
C GLY A 44 1.64 3.03 9.62
N ASP A 45 2.50 3.96 10.03
CA ASP A 45 2.24 4.76 11.21
C ASP A 45 1.14 5.79 10.95
N MET A 46 1.16 6.36 9.75
CA MET A 46 0.17 7.36 9.37
C MET A 46 -0.97 6.73 8.56
N GLU A 47 -2.19 7.12 8.87
CA GLU A 47 -3.36 6.59 8.17
C GLU A 47 -3.20 6.72 6.66
N ASP A 48 -2.72 7.87 6.22
CA ASP A 48 -2.52 8.13 4.80
C ASP A 48 -1.41 7.24 4.24
N TRP A 49 -0.43 6.94 5.08
CA TRP A 49 0.69 6.10 4.67
C TRP A 49 0.40 4.63 4.95
N VAL A 50 1.25 3.75 4.42
CA VAL A 50 1.07 2.32 4.61
C VAL A 50 2.42 1.60 4.58
N LYS A 51 2.47 0.41 5.18
CA LYS A 51 3.69 -0.38 5.22
C LYS A 51 3.64 -1.50 4.19
N ALA A 52 4.73 -1.65 3.43
CA ALA A 52 4.80 -2.68 2.41
C ALA A 52 6.21 -3.27 2.34
N ARG A 53 6.31 -4.50 1.81
CA ARG A 53 7.60 -5.17 1.68
C ARG A 53 7.91 -5.48 0.23
N ASN A 54 9.13 -5.13 -0.20
CA ASN A 54 9.55 -5.38 -1.57
C ASN A 54 10.21 -6.75 -1.71
N LYS A 55 10.58 -7.09 -2.93
CA LYS A 55 11.22 -8.38 -3.20
C LYS A 55 12.48 -8.54 -2.35
N VAL A 56 13.22 -7.45 -2.17
CA VAL A 56 14.45 -7.48 -1.38
C VAL A 56 14.15 -7.81 0.08
N GLY A 57 12.89 -7.65 0.47
CA GLY A 57 12.50 -7.95 1.84
C GLY A 57 12.43 -6.70 2.69
N GLN A 58 12.90 -5.58 2.16
CA GLN A 58 12.89 -4.31 2.89
C GLN A 58 11.45 -3.89 3.20
N VAL A 59 11.28 -3.22 4.34
CA VAL A 59 9.97 -2.75 4.75
C VAL A 59 10.03 -1.32 5.28
N GLY A 60 9.20 -0.45 4.71
CA GLY A 60 9.18 0.94 5.13
C GLY A 60 7.81 1.57 5.01
N TYR A 61 7.76 2.89 5.07
CA TYR A 61 6.49 3.61 4.96
C TYR A 61 6.37 4.29 3.60
N VAL A 62 5.24 4.08 2.94
CA VAL A 62 4.99 4.67 1.62
C VAL A 62 3.56 5.16 1.50
N PRO A 63 3.36 6.18 0.66
CA PRO A 63 2.03 6.78 0.44
C PRO A 63 1.10 5.85 -0.32
N GLU A 64 -0.09 5.63 0.23
CA GLU A 64 -1.07 4.75 -0.40
C GLU A 64 -1.44 5.25 -1.79
N LYS A 65 -1.81 6.53 -1.88
CA LYS A 65 -2.19 7.14 -3.15
C LYS A 65 -1.29 6.65 -4.27
N TYR A 66 0.00 6.58 -4.00
CA TYR A 66 0.97 6.14 -4.99
C TYR A 66 0.74 4.68 -5.36
N LEU A 67 0.39 3.87 -4.36
CA LEU A 67 0.12 2.45 -4.57
C LEU A 67 -1.23 2.24 -5.23
N GLN A 68 -1.34 1.16 -6.00
CA GLN A 68 -2.59 0.84 -6.69
C GLN A 68 -3.20 -0.44 -6.14
N PHE A 69 -3.93 -0.30 -5.03
CA PHE A 69 -4.57 -1.44 -4.38
C PHE A 69 -5.50 -2.16 -5.37
N PRO A 70 -5.79 -3.44 -5.07
CA PRO A 70 -6.66 -4.26 -5.91
C PRO A 70 -8.12 -3.82 -5.85
N THR A 71 -8.75 -3.68 -7.01
CA THR A 71 -10.14 -3.26 -7.08
C THR A 71 -11.05 -4.45 -7.40
N SER A 72 -10.69 -5.62 -6.89
CA SER A 72 -11.48 -6.82 -7.13
C SER A 72 -12.72 -6.85 -6.24
N SER A 73 -13.87 -6.51 -6.80
CA SER A 73 -15.11 -6.49 -6.06
C SER A 73 -16.31 -6.60 -7.00
N GLY A 74 -17.09 -7.67 -6.83
CA GLY A 74 -18.25 -7.88 -7.68
C GLY A 74 -19.53 -8.06 -6.87
N PRO A 75 -20.14 -6.93 -6.48
CA PRO A 75 -21.38 -6.95 -5.69
C PRO A 75 -22.57 -7.42 -6.49
N SER A 76 -22.99 -8.66 -6.25
CA SER A 76 -24.13 -9.24 -6.95
C SER A 76 -25.37 -9.24 -6.07
N SER A 77 -26.50 -9.65 -6.66
CA SER A 77 -27.77 -9.68 -5.93
C SER A 77 -28.08 -8.33 -5.32
N GLY A 78 -27.73 -7.26 -6.02
CA GLY A 78 -27.98 -5.92 -5.54
C GLY A 78 -27.95 -4.88 -6.64
N GLY A 1 -9.19 20.96 13.10
CA GLY A 1 -8.94 19.81 12.25
C GLY A 1 -9.69 18.58 12.70
N SER A 2 -9.67 17.55 11.87
CA SER A 2 -10.38 16.31 12.18
C SER A 2 -9.39 15.21 12.57
N SER A 3 -9.91 14.13 13.14
CA SER A 3 -9.07 13.01 13.57
C SER A 3 -8.13 12.58 12.44
N GLY A 4 -8.65 12.55 11.22
CA GLY A 4 -7.85 12.16 10.09
C GLY A 4 -8.68 11.53 8.98
N SER A 5 -8.61 10.20 8.87
CA SER A 5 -9.36 9.48 7.85
C SER A 5 -10.25 8.41 8.47
N SER A 6 -11.55 8.50 8.21
CA SER A 6 -12.50 7.55 8.74
C SER A 6 -12.71 6.38 7.78
N GLY A 7 -11.62 5.73 7.41
CA GLY A 7 -11.70 4.61 6.49
C GLY A 7 -11.98 3.30 7.21
N THR A 8 -12.52 2.33 6.47
CA THR A 8 -12.83 1.02 7.04
C THR A 8 -11.64 0.08 6.96
N LEU A 9 -11.42 -0.68 8.02
CA LEU A 9 -10.32 -1.63 8.07
C LEU A 9 -10.27 -2.47 6.79
N ARG A 10 -9.18 -2.33 6.03
CA ARG A 10 -9.01 -3.07 4.80
C ARG A 10 -8.91 -4.56 5.06
N ASN A 11 -8.68 -5.34 4.00
CA ASN A 11 -8.56 -6.79 4.14
C ASN A 11 -7.14 -7.25 3.85
N TYR A 12 -6.21 -6.88 4.72
CA TYR A 12 -4.81 -7.25 4.55
C TYR A 12 -4.61 -8.74 4.79
N PRO A 13 -3.59 -9.31 4.14
CA PRO A 13 -2.69 -8.56 3.25
C PRO A 13 -3.38 -8.11 1.97
N LEU A 14 -2.75 -7.18 1.26
CA LEU A 14 -3.30 -6.67 0.01
C LEU A 14 -2.19 -6.32 -0.98
N THR A 15 -2.12 -7.05 -2.07
CA THR A 15 -1.11 -6.81 -3.10
C THR A 15 -1.42 -5.56 -3.90
N CYS A 16 -0.44 -4.67 -4.01
CA CYS A 16 -0.61 -3.42 -4.75
C CYS A 16 0.50 -3.24 -5.77
N LYS A 17 0.19 -2.54 -6.87
CA LYS A 17 1.17 -2.29 -7.92
C LYS A 17 1.61 -0.84 -7.92
N VAL A 18 2.90 -0.61 -7.67
CA VAL A 18 3.45 0.74 -7.64
C VAL A 18 3.39 1.38 -9.03
N VAL A 19 2.40 2.25 -9.23
CA VAL A 19 2.24 2.94 -10.50
C VAL A 19 3.05 4.22 -10.55
N TYR A 20 3.35 4.77 -9.38
CA TYR A 20 4.13 6.01 -9.27
C TYR A 20 5.43 5.78 -8.52
N SER A 21 6.54 6.19 -9.11
CA SER A 21 7.84 6.03 -8.50
C SER A 21 8.02 7.00 -7.34
N TYR A 22 8.76 6.57 -6.32
CA TYR A 22 9.01 7.40 -5.14
C TYR A 22 10.37 7.11 -4.54
N LYS A 23 11.23 8.12 -4.49
CA LYS A 23 12.56 7.98 -3.94
C LYS A 23 12.56 8.27 -2.44
N ALA A 24 12.80 7.23 -1.64
CA ALA A 24 12.83 7.37 -0.18
C ALA A 24 13.91 8.36 0.24
N SER A 25 13.52 9.35 1.03
CA SER A 25 14.46 10.36 1.51
C SER A 25 14.96 10.02 2.91
N GLN A 26 14.06 9.48 3.73
CA GLN A 26 14.40 9.12 5.10
C GLN A 26 14.72 7.62 5.20
N PRO A 27 15.57 7.26 6.18
CA PRO A 27 15.98 5.87 6.40
C PRO A 27 14.84 5.01 6.94
N ASP A 28 13.68 5.64 7.16
CA ASP A 28 12.52 4.94 7.68
C ASP A 28 11.53 4.64 6.56
N GLU A 29 11.69 5.32 5.43
CA GLU A 29 10.82 5.13 4.28
C GLU A 29 11.25 3.92 3.47
N LEU A 30 10.51 3.62 2.40
CA LEU A 30 10.81 2.49 1.54
C LEU A 30 10.94 2.93 0.09
N THR A 31 12.14 2.79 -0.47
CA THR A 31 12.40 3.18 -1.86
C THR A 31 11.63 2.28 -2.82
N ILE A 32 10.72 2.88 -3.57
CA ILE A 32 9.92 2.13 -4.54
C ILE A 32 10.10 2.69 -5.95
N GLU A 33 9.58 1.97 -6.94
CA GLU A 33 9.69 2.40 -8.33
C GLU A 33 8.53 1.84 -9.16
N GLU A 34 8.09 2.62 -10.15
CA GLU A 34 6.99 2.20 -11.01
C GLU A 34 7.15 0.75 -11.44
N HIS A 35 6.04 0.04 -11.56
CA HIS A 35 6.06 -1.36 -11.95
C HIS A 35 6.66 -2.24 -10.86
N GLU A 36 6.38 -1.88 -9.61
CA GLU A 36 6.90 -2.63 -8.47
C GLU A 36 5.77 -3.04 -7.54
N VAL A 37 5.26 -4.26 -7.72
CA VAL A 37 4.18 -4.77 -6.90
C VAL A 37 4.69 -5.20 -5.53
N LEU A 38 4.09 -4.67 -4.48
CA LEU A 38 4.48 -5.01 -3.11
C LEU A 38 3.35 -5.70 -2.37
N GLU A 39 3.60 -6.06 -1.11
CA GLU A 39 2.59 -6.73 -0.29
C GLU A 39 2.28 -5.92 0.96
N VAL A 40 1.11 -5.32 1.00
CA VAL A 40 0.70 -4.52 2.15
C VAL A 40 0.28 -5.40 3.32
N ILE A 41 1.09 -5.40 4.37
CA ILE A 41 0.80 -6.20 5.56
C ILE A 41 0.22 -5.34 6.68
N GLU A 42 0.65 -4.09 6.73
CA GLU A 42 0.16 -3.16 7.76
C GLU A 42 -0.17 -1.80 7.14
N ASP A 43 -0.90 -0.98 7.90
CA ASP A 43 -1.28 0.34 7.44
C ASP A 43 -0.25 1.39 7.85
N GLY A 44 0.97 0.93 8.15
CA GLY A 44 2.02 1.84 8.56
C GLY A 44 1.69 2.58 9.84
N ASP A 45 2.66 3.33 10.34
CA ASP A 45 2.46 4.09 11.58
C ASP A 45 1.54 5.28 11.34
N MET A 46 1.50 5.75 10.10
CA MET A 46 0.65 6.89 9.75
C MET A 46 -0.65 6.42 9.10
N GLU A 47 -1.49 7.36 8.72
CA GLU A 47 -2.77 7.05 8.10
C GLU A 47 -2.64 7.01 6.57
N ASP A 48 -2.26 8.15 5.99
CA ASP A 48 -2.09 8.25 4.55
C ASP A 48 -1.02 7.28 4.06
N TRP A 49 -0.10 6.93 4.94
CA TRP A 49 0.98 6.00 4.58
C TRP A 49 0.66 4.59 5.06
N VAL A 50 1.35 3.61 4.48
CA VAL A 50 1.14 2.21 4.85
C VAL A 50 2.46 1.45 4.89
N LYS A 51 2.39 0.19 5.31
CA LYS A 51 3.58 -0.64 5.40
C LYS A 51 3.56 -1.73 4.33
N ALA A 52 4.62 -1.80 3.54
CA ALA A 52 4.73 -2.80 2.48
C ALA A 52 6.15 -3.31 2.35
N ARG A 53 6.29 -4.54 1.86
CA ARG A 53 7.60 -5.15 1.69
C ARG A 53 7.94 -5.32 0.20
N ASN A 54 9.17 -4.96 -0.16
CA ASN A 54 9.60 -5.06 -1.55
C ASN A 54 10.28 -6.41 -1.80
N LYS A 55 10.77 -6.60 -3.02
CA LYS A 55 11.44 -7.84 -3.39
C LYS A 55 12.66 -8.08 -2.51
N VAL A 56 13.43 -7.02 -2.24
CA VAL A 56 14.62 -7.12 -1.41
C VAL A 56 14.27 -7.59 -0.01
N GLY A 57 13.00 -7.48 0.35
CA GLY A 57 12.56 -7.91 1.67
C GLY A 57 12.59 -6.78 2.68
N GLN A 58 12.67 -5.55 2.20
CA GLN A 58 12.71 -4.39 3.06
C GLN A 58 11.30 -3.87 3.35
N VAL A 59 11.05 -3.51 4.61
CA VAL A 59 9.73 -3.00 5.01
C VAL A 59 9.85 -1.58 5.54
N GLY A 60 9.16 -0.66 4.88
CA GLY A 60 9.19 0.73 5.31
C GLY A 60 7.84 1.39 5.20
N TYR A 61 7.84 2.71 5.00
CA TYR A 61 6.60 3.47 4.88
C TYR A 61 6.49 4.14 3.52
N VAL A 62 5.39 3.89 2.83
CA VAL A 62 5.16 4.48 1.51
C VAL A 62 3.74 5.01 1.37
N PRO A 63 3.58 6.05 0.55
CA PRO A 63 2.26 6.68 0.32
C PRO A 63 1.32 5.78 -0.47
N GLU A 64 0.22 5.38 0.16
CA GLU A 64 -0.77 4.52 -0.47
C GLU A 64 -1.24 5.12 -1.80
N LYS A 65 -1.40 6.43 -1.81
CA LYS A 65 -1.86 7.13 -3.02
C LYS A 65 -0.99 6.77 -4.22
N TYR A 66 0.19 6.25 -3.94
CA TYR A 66 1.12 5.85 -5.00
C TYR A 66 0.93 4.38 -5.38
N LEU A 67 0.50 3.59 -4.41
CA LEU A 67 0.27 2.16 -4.63
C LEU A 67 -1.05 1.93 -5.37
N GLN A 68 -1.12 0.84 -6.12
CA GLN A 68 -2.32 0.50 -6.86
C GLN A 68 -3.03 -0.70 -6.25
N PHE A 69 -3.93 -0.42 -5.31
CA PHE A 69 -4.68 -1.48 -4.64
C PHE A 69 -5.64 -2.17 -5.60
N PRO A 70 -6.01 -3.41 -5.27
CA PRO A 70 -6.93 -4.20 -6.11
C PRO A 70 -8.35 -3.66 -6.08
N THR A 71 -8.54 -2.55 -5.37
CA THR A 71 -9.85 -1.93 -5.25
C THR A 71 -10.59 -1.95 -6.59
N SER A 72 -11.58 -2.83 -6.71
CA SER A 72 -12.35 -2.95 -7.94
C SER A 72 -13.48 -1.92 -7.97
N SER A 73 -13.36 -0.92 -8.83
CA SER A 73 -14.37 0.12 -8.94
C SER A 73 -15.24 -0.10 -10.19
N GLY A 74 -16.52 0.23 -10.07
CA GLY A 74 -17.43 0.06 -11.19
C GLY A 74 -17.26 1.13 -12.24
N PRO A 75 -17.58 0.79 -13.50
CA PRO A 75 -17.46 1.72 -14.62
C PRO A 75 -18.50 2.82 -14.57
N SER A 76 -18.06 4.04 -14.28
CA SER A 76 -18.95 5.19 -14.19
C SER A 76 -18.31 6.43 -14.80
N SER A 77 -18.97 7.00 -15.82
CA SER A 77 -18.47 8.19 -16.49
C SER A 77 -18.03 9.24 -15.49
N GLY A 78 -16.73 9.49 -15.43
CA GLY A 78 -16.20 10.48 -14.51
C GLY A 78 -17.04 11.74 -14.48
N GLY A 1 -21.81 0.78 20.03
CA GLY A 1 -20.82 -0.28 20.02
C GLY A 1 -20.06 -0.35 18.72
N SER A 2 -20.49 -1.21 17.81
CA SER A 2 -19.85 -1.36 16.52
C SER A 2 -20.79 -1.97 15.50
N SER A 3 -20.49 -1.77 14.21
CA SER A 3 -21.32 -2.30 13.13
C SER A 3 -20.68 -3.52 12.51
N GLY A 4 -21.45 -4.24 11.70
CA GLY A 4 -20.95 -5.43 11.04
C GLY A 4 -20.11 -5.10 9.82
N SER A 5 -19.93 -6.08 8.94
CA SER A 5 -19.13 -5.89 7.74
C SER A 5 -19.79 -4.88 6.80
N SER A 6 -19.42 -3.61 6.96
CA SER A 6 -19.98 -2.55 6.13
C SER A 6 -19.10 -2.29 4.91
N GLY A 7 -19.57 -2.75 3.76
CA GLY A 7 -18.81 -2.57 2.53
C GLY A 7 -17.55 -3.41 2.48
N THR A 8 -16.43 -2.77 2.17
CA THR A 8 -15.15 -3.47 2.09
C THR A 8 -14.16 -2.91 3.11
N LEU A 9 -13.39 -3.80 3.72
CA LEU A 9 -12.40 -3.42 4.71
C LEU A 9 -11.02 -3.96 4.36
N ARG A 10 -9.99 -3.17 4.63
CA ARG A 10 -8.61 -3.59 4.34
C ARG A 10 -8.34 -4.97 4.93
N ASN A 11 -8.10 -5.94 4.05
CA ASN A 11 -7.81 -7.30 4.48
C ASN A 11 -6.38 -7.69 4.15
N TYR A 12 -5.44 -7.18 4.95
CA TYR A 12 -4.03 -7.47 4.74
C TYR A 12 -3.74 -8.95 4.94
N PRO A 13 -2.70 -9.46 4.25
CA PRO A 13 -1.88 -8.64 3.35
C PRO A 13 -2.64 -8.22 2.10
N LEU A 14 -2.21 -7.13 1.49
CA LEU A 14 -2.86 -6.63 0.27
C LEU A 14 -1.82 -6.29 -0.79
N THR A 15 -1.83 -7.05 -1.89
CA THR A 15 -0.89 -6.84 -2.98
C THR A 15 -1.26 -5.61 -3.79
N CYS A 16 -0.30 -4.72 -3.99
CA CYS A 16 -0.52 -3.49 -4.74
C CYS A 16 0.49 -3.37 -5.88
N LYS A 17 0.27 -2.39 -6.75
CA LYS A 17 1.16 -2.16 -7.88
C LYS A 17 1.61 -0.70 -7.93
N VAL A 18 2.90 -0.49 -7.68
CA VAL A 18 3.47 0.85 -7.69
C VAL A 18 3.43 1.45 -9.09
N VAL A 19 2.60 2.49 -9.25
CA VAL A 19 2.47 3.16 -10.54
C VAL A 19 3.31 4.43 -10.59
N TYR A 20 3.52 5.04 -9.43
CA TYR A 20 4.31 6.26 -9.35
C TYR A 20 5.57 6.04 -8.52
N SER A 21 6.72 6.25 -9.15
CA SER A 21 8.00 6.07 -8.48
C SER A 21 8.12 7.02 -7.28
N TYR A 22 8.89 6.59 -6.29
CA TYR A 22 9.10 7.40 -5.09
C TYR A 22 10.41 7.05 -4.41
N LYS A 23 11.34 8.01 -4.37
CA LYS A 23 12.63 7.81 -3.76
C LYS A 23 12.57 8.07 -2.25
N ALA A 24 12.74 7.02 -1.47
CA ALA A 24 12.70 7.13 -0.01
C ALA A 24 13.77 8.11 0.48
N SER A 25 13.34 9.09 1.28
CA SER A 25 14.26 10.08 1.81
C SER A 25 14.69 9.73 3.23
N GLN A 26 13.75 9.18 4.01
CA GLN A 26 14.03 8.79 5.38
C GLN A 26 14.41 7.31 5.45
N PRO A 27 15.26 6.97 6.44
CA PRO A 27 15.73 5.59 6.64
C PRO A 27 14.61 4.69 7.16
N ASP A 28 13.42 5.24 7.31
CA ASP A 28 12.28 4.48 7.80
C ASP A 28 11.25 4.28 6.70
N GLU A 29 11.53 4.83 5.52
CA GLU A 29 10.63 4.71 4.38
C GLU A 29 11.02 3.52 3.50
N LEU A 30 10.28 3.33 2.42
CA LEU A 30 10.54 2.23 1.49
C LEU A 30 10.68 2.75 0.07
N THR A 31 11.89 2.60 -0.49
CA THR A 31 12.15 3.04 -1.86
C THR A 31 11.41 2.17 -2.87
N ILE A 32 10.40 2.76 -3.51
CA ILE A 32 9.62 2.05 -4.51
C ILE A 32 9.93 2.56 -5.92
N GLU A 33 9.44 1.83 -6.93
CA GLU A 33 9.65 2.20 -8.31
C GLU A 33 8.52 1.71 -9.20
N GLU A 34 8.14 2.52 -10.17
CA GLU A 34 7.07 2.16 -11.10
C GLU A 34 7.18 0.69 -11.51
N HIS A 35 6.02 0.03 -11.64
CA HIS A 35 5.99 -1.36 -12.03
C HIS A 35 6.62 -2.25 -10.96
N GLU A 36 6.17 -2.08 -9.73
CA GLU A 36 6.69 -2.86 -8.61
C GLU A 36 5.55 -3.38 -7.74
N VAL A 37 5.41 -4.70 -7.68
CA VAL A 37 4.37 -5.33 -6.88
C VAL A 37 4.82 -5.51 -5.43
N LEU A 38 4.10 -4.87 -4.52
CA LEU A 38 4.43 -4.96 -3.10
C LEU A 38 3.34 -5.70 -2.34
N GLU A 39 3.49 -5.78 -1.02
CA GLU A 39 2.51 -6.45 -0.17
C GLU A 39 2.25 -5.66 1.11
N VAL A 40 1.09 -5.04 1.18
CA VAL A 40 0.72 -4.25 2.36
C VAL A 40 0.39 -5.15 3.54
N ILE A 41 1.34 -5.26 4.47
CA ILE A 41 1.16 -6.09 5.66
C ILE A 41 0.56 -5.28 6.80
N GLU A 42 0.96 -4.01 6.89
CA GLU A 42 0.47 -3.14 7.94
C GLU A 42 -0.11 -1.86 7.36
N ASP A 43 -0.85 -1.11 8.17
CA ASP A 43 -1.46 0.14 7.73
C ASP A 43 -0.56 1.32 8.06
N GLY A 44 0.76 1.09 8.03
CA GLY A 44 1.70 2.14 8.33
C GLY A 44 1.45 2.78 9.68
N ASP A 45 2.18 3.84 9.98
CA ASP A 45 2.03 4.56 11.25
C ASP A 45 1.34 5.90 11.04
N MET A 46 1.11 6.25 9.78
CA MET A 46 0.44 7.51 9.45
C MET A 46 -1.00 7.27 9.02
N GLU A 47 -1.69 8.35 8.67
CA GLU A 47 -3.09 8.25 8.24
C GLU A 47 -3.18 8.18 6.72
N ASP A 48 -2.08 8.47 6.04
CA ASP A 48 -2.03 8.44 4.59
C ASP A 48 -0.85 7.62 4.10
N TRP A 49 -0.28 6.81 4.98
CA TRP A 49 0.86 5.98 4.64
C TRP A 49 0.65 4.55 5.11
N VAL A 50 1.29 3.60 4.41
CA VAL A 50 1.17 2.19 4.75
C VAL A 50 2.53 1.49 4.70
N LYS A 51 2.58 0.28 5.24
CA LYS A 51 3.82 -0.49 5.26
C LYS A 51 3.76 -1.63 4.24
N ALA A 52 4.65 -1.61 3.26
CA ALA A 52 4.70 -2.64 2.25
C ALA A 52 6.13 -3.15 2.04
N ARG A 53 6.26 -4.44 1.75
CA ARG A 53 7.56 -5.05 1.54
C ARG A 53 7.81 -5.30 0.05
N ASN A 54 9.07 -5.21 -0.35
CA ASN A 54 9.45 -5.43 -1.75
C ASN A 54 10.06 -6.80 -1.94
N LYS A 55 10.52 -7.08 -3.16
CA LYS A 55 11.14 -8.36 -3.47
C LYS A 55 12.41 -8.58 -2.66
N VAL A 56 13.12 -7.48 -2.38
CA VAL A 56 14.35 -7.55 -1.61
C VAL A 56 14.06 -7.84 -0.13
N GLY A 57 12.79 -7.75 0.24
CA GLY A 57 12.41 -8.01 1.62
C GLY A 57 12.33 -6.75 2.44
N GLN A 58 12.91 -5.66 1.93
CA GLN A 58 12.90 -4.39 2.63
C GLN A 58 11.49 -3.97 3.00
N VAL A 59 11.35 -3.27 4.12
CA VAL A 59 10.05 -2.80 4.59
C VAL A 59 10.12 -1.36 5.06
N GLY A 60 9.19 -0.54 4.57
CA GLY A 60 9.16 0.86 4.95
C GLY A 60 7.80 1.50 4.71
N TYR A 61 7.68 2.77 5.09
CA TYR A 61 6.43 3.49 4.91
C TYR A 61 6.35 4.11 3.52
N VAL A 62 5.21 3.94 2.86
CA VAL A 62 5.01 4.48 1.51
C VAL A 62 3.62 5.09 1.38
N PRO A 63 3.51 6.12 0.54
CA PRO A 63 2.24 6.82 0.29
C PRO A 63 1.24 5.95 -0.47
N GLU A 64 0.12 5.64 0.17
CA GLU A 64 -0.91 4.81 -0.45
C GLU A 64 -1.44 5.47 -1.73
N LYS A 65 -1.36 6.80 -1.78
CA LYS A 65 -1.83 7.54 -2.94
C LYS A 65 -0.99 7.20 -4.17
N TYR A 66 0.13 6.54 -3.95
CA TYR A 66 1.03 6.16 -5.05
C TYR A 66 0.90 4.67 -5.35
N LEU A 67 0.33 3.92 -4.41
CA LEU A 67 0.15 2.48 -4.59
C LEU A 67 -1.17 2.18 -5.30
N GLN A 68 -1.19 1.09 -6.06
CA GLN A 68 -2.39 0.70 -6.79
C GLN A 68 -3.04 -0.51 -6.13
N PHE A 69 -3.89 -0.26 -5.13
CA PHE A 69 -4.58 -1.32 -4.42
C PHE A 69 -5.50 -2.10 -5.36
N PRO A 70 -5.84 -3.33 -4.97
CA PRO A 70 -6.70 -4.21 -5.76
C PRO A 70 -8.15 -3.72 -5.78
N THR A 71 -8.45 -2.73 -4.94
CA THR A 71 -9.78 -2.18 -4.84
C THR A 71 -9.84 -0.76 -5.41
N SER A 72 -10.42 -0.63 -6.60
CA SER A 72 -10.52 0.68 -7.25
C SER A 72 -11.91 0.87 -7.85
N SER A 73 -12.44 2.08 -7.71
CA SER A 73 -13.76 2.41 -8.23
C SER A 73 -13.95 1.83 -9.64
N GLY A 74 -15.20 1.76 -10.07
CA GLY A 74 -15.50 1.23 -11.39
C GLY A 74 -16.43 2.13 -12.18
N PRO A 75 -17.06 1.56 -13.23
CA PRO A 75 -17.99 2.30 -14.08
C PRO A 75 -19.28 2.66 -13.36
N SER A 76 -19.50 2.05 -12.20
CA SER A 76 -20.70 2.31 -11.41
C SER A 76 -20.95 3.81 -11.27
N SER A 77 -22.07 4.28 -11.81
CA SER A 77 -22.42 5.69 -11.75
C SER A 77 -22.61 6.14 -10.30
N GLY A 78 -22.17 7.35 -9.99
CA GLY A 78 -22.33 7.87 -8.65
C GLY A 78 -21.04 8.48 -8.12
N GLY A 1 -21.80 -15.82 8.79
CA GLY A 1 -20.86 -14.75 8.51
C GLY A 1 -21.13 -14.07 7.18
N SER A 2 -20.09 -13.92 6.37
CA SER A 2 -20.22 -13.28 5.07
C SER A 2 -21.15 -12.08 5.15
N SER A 3 -20.99 -11.27 6.19
CA SER A 3 -21.82 -10.10 6.39
C SER A 3 -21.77 -9.19 5.18
N GLY A 4 -22.93 -8.70 4.74
CA GLY A 4 -22.99 -7.82 3.59
C GLY A 4 -22.85 -6.37 3.96
N SER A 5 -23.64 -5.92 4.92
CA SER A 5 -23.61 -4.54 5.38
C SER A 5 -22.17 -4.08 5.62
N SER A 6 -21.45 -4.82 6.46
CA SER A 6 -20.08 -4.49 6.78
C SER A 6 -19.20 -4.54 5.53
N GLY A 7 -19.04 -3.38 4.88
CA GLY A 7 -18.23 -3.31 3.68
C GLY A 7 -16.85 -3.88 3.88
N THR A 8 -16.45 -4.80 3.01
CA THR A 8 -15.14 -5.43 3.09
C THR A 8 -14.02 -4.39 2.99
N LEU A 9 -13.56 -3.91 4.13
CA LEU A 9 -12.49 -2.91 4.16
C LEU A 9 -11.14 -3.56 3.88
N ARG A 10 -10.18 -2.74 3.44
CA ARG A 10 -8.84 -3.24 3.14
C ARG A 10 -8.44 -4.36 4.08
N ASN A 11 -8.44 -5.58 3.58
CA ASN A 11 -8.08 -6.75 4.38
C ASN A 11 -6.65 -7.19 4.08
N TYR A 12 -5.73 -6.85 4.98
CA TYR A 12 -4.33 -7.21 4.82
C TYR A 12 -4.11 -8.70 5.07
N PRO A 13 -3.09 -9.27 4.42
CA PRO A 13 -2.23 -8.53 3.50
C PRO A 13 -2.96 -8.11 2.22
N LEU A 14 -2.44 -7.08 1.56
CA LEU A 14 -3.04 -6.59 0.32
C LEU A 14 -1.97 -6.27 -0.71
N THR A 15 -1.91 -7.06 -1.77
CA THR A 15 -0.93 -6.85 -2.83
C THR A 15 -1.26 -5.62 -3.66
N CYS A 16 -0.30 -4.72 -3.79
CA CYS A 16 -0.50 -3.50 -4.56
C CYS A 16 0.50 -3.41 -5.71
N LYS A 17 0.38 -2.37 -6.51
CA LYS A 17 1.26 -2.17 -7.66
C LYS A 17 1.70 -0.72 -7.75
N VAL A 18 3.00 -0.49 -7.57
CA VAL A 18 3.55 0.86 -7.64
C VAL A 18 3.41 1.44 -9.04
N VAL A 19 2.47 2.36 -9.21
CA VAL A 19 2.23 3.00 -10.49
C VAL A 19 3.10 4.23 -10.66
N TYR A 20 3.49 4.84 -9.55
CA TYR A 20 4.32 6.03 -9.58
C TYR A 20 5.54 5.87 -8.66
N SER A 21 6.72 5.90 -9.25
CA SER A 21 7.96 5.76 -8.48
C SER A 21 8.02 6.78 -7.36
N TYR A 22 8.81 6.47 -6.32
CA TYR A 22 8.95 7.37 -5.19
C TYR A 22 10.28 7.12 -4.46
N LYS A 23 11.13 8.14 -4.45
CA LYS A 23 12.43 8.04 -3.79
C LYS A 23 12.30 8.27 -2.29
N ALA A 24 12.51 7.23 -1.51
CA ALA A 24 12.42 7.32 -0.06
C ALA A 24 13.39 8.37 0.48
N SER A 25 12.85 9.54 0.83
CA SER A 25 13.66 10.63 1.35
C SER A 25 14.11 10.34 2.78
N GLN A 26 13.30 9.57 3.50
CA GLN A 26 13.61 9.22 4.88
C GLN A 26 14.28 7.84 4.96
N PRO A 27 15.13 7.67 5.98
CA PRO A 27 15.86 6.40 6.18
C PRO A 27 14.93 5.27 6.61
N ASP A 28 13.75 5.63 7.09
CA ASP A 28 12.77 4.63 7.54
C ASP A 28 11.78 4.32 6.43
N GLU A 29 11.73 5.17 5.42
CA GLU A 29 10.82 4.99 4.30
C GLU A 29 11.24 3.79 3.44
N LEU A 30 10.50 3.54 2.38
CA LEU A 30 10.79 2.43 1.48
C LEU A 30 10.88 2.90 0.04
N THR A 31 12.06 2.78 -0.56
CA THR A 31 12.27 3.20 -1.94
C THR A 31 11.49 2.32 -2.90
N ILE A 32 10.52 2.92 -3.60
CA ILE A 32 9.70 2.19 -4.55
C ILE A 32 9.93 2.70 -5.98
N GLU A 33 9.56 1.88 -6.95
CA GLU A 33 9.73 2.25 -8.36
C GLU A 33 8.61 1.65 -9.20
N GLU A 34 8.17 2.41 -10.21
CA GLU A 34 7.11 1.95 -11.10
C GLU A 34 7.29 0.47 -11.45
N HIS A 35 6.17 -0.23 -11.60
CA HIS A 35 6.21 -1.66 -11.94
C HIS A 35 6.82 -2.47 -10.80
N GLU A 36 6.39 -2.17 -9.58
CA GLU A 36 6.90 -2.88 -8.41
C GLU A 36 5.75 -3.34 -7.52
N VAL A 37 5.36 -4.60 -7.68
CA VAL A 37 4.27 -5.17 -6.88
C VAL A 37 4.72 -5.44 -5.45
N LEU A 38 4.10 -4.76 -4.50
CA LEU A 38 4.44 -4.94 -3.09
C LEU A 38 3.32 -5.64 -2.34
N GLU A 39 3.54 -5.92 -1.06
CA GLU A 39 2.54 -6.58 -0.24
C GLU A 39 2.28 -5.79 1.04
N VAL A 40 1.15 -5.10 1.09
CA VAL A 40 0.79 -4.30 2.25
C VAL A 40 0.41 -5.20 3.43
N ILE A 41 1.29 -5.28 4.41
CA ILE A 41 1.05 -6.10 5.60
C ILE A 41 0.46 -5.28 6.73
N GLU A 42 0.91 -4.02 6.83
CA GLU A 42 0.43 -3.12 7.87
C GLU A 42 -0.03 -1.79 7.28
N ASP A 43 -0.84 -1.06 8.03
CA ASP A 43 -1.34 0.23 7.58
C ASP A 43 -0.38 1.35 7.95
N GLY A 44 0.91 1.02 8.07
CA GLY A 44 1.91 2.00 8.42
C GLY A 44 1.57 2.74 9.70
N ASP A 45 2.38 3.74 10.04
CA ASP A 45 2.15 4.53 11.24
C ASP A 45 1.13 5.63 10.99
N MET A 46 1.08 6.12 9.76
CA MET A 46 0.15 7.18 9.39
C MET A 46 -1.03 6.61 8.59
N GLU A 47 -2.22 7.10 8.88
CA GLU A 47 -3.43 6.64 8.20
C GLU A 47 -3.29 6.80 6.69
N ASP A 48 -2.46 7.76 6.28
CA ASP A 48 -2.25 8.02 4.86
C ASP A 48 -1.14 7.11 4.31
N TRP A 49 -0.21 6.74 5.17
CA TRP A 49 0.90 5.88 4.78
C TRP A 49 0.63 4.43 5.18
N VAL A 50 1.42 3.51 4.61
CA VAL A 50 1.26 2.09 4.91
C VAL A 50 2.60 1.37 4.88
N LYS A 51 2.62 0.14 5.36
CA LYS A 51 3.85 -0.66 5.39
C LYS A 51 3.78 -1.78 4.36
N ALA A 52 4.68 -1.74 3.39
CA ALA A 52 4.74 -2.76 2.35
C ALA A 52 6.15 -3.32 2.20
N ARG A 53 6.24 -4.58 1.79
CA ARG A 53 7.53 -5.24 1.61
C ARG A 53 7.79 -5.52 0.14
N ASN A 54 9.01 -5.22 -0.31
CA ASN A 54 9.39 -5.43 -1.70
C ASN A 54 9.95 -6.83 -1.90
N LYS A 55 10.35 -7.14 -3.13
CA LYS A 55 10.91 -8.44 -3.45
C LYS A 55 12.18 -8.71 -2.63
N VAL A 56 12.96 -7.66 -2.40
CA VAL A 56 14.19 -7.78 -1.63
C VAL A 56 13.90 -8.13 -0.18
N GLY A 57 12.69 -7.82 0.26
CA GLY A 57 12.29 -8.11 1.63
C GLY A 57 12.28 -6.86 2.49
N GLN A 58 12.88 -5.79 2.00
CA GLN A 58 12.94 -4.53 2.73
C GLN A 58 11.53 -4.02 3.03
N VAL A 59 11.28 -3.71 4.31
CA VAL A 59 9.98 -3.20 4.72
C VAL A 59 10.08 -1.80 5.28
N GLY A 60 9.33 -0.87 4.69
CA GLY A 60 9.36 0.51 5.15
C GLY A 60 8.00 1.17 5.09
N TYR A 61 7.99 2.49 4.95
CA TYR A 61 6.74 3.24 4.88
C TYR A 61 6.62 3.98 3.54
N VAL A 62 5.44 3.96 2.97
CA VAL A 62 5.19 4.63 1.70
C VAL A 62 3.75 5.16 1.62
N PRO A 63 3.58 6.29 0.92
CA PRO A 63 2.27 6.92 0.76
C PRO A 63 1.35 6.10 -0.15
N GLU A 64 0.27 5.60 0.42
CA GLU A 64 -0.69 4.80 -0.33
C GLU A 64 -1.08 5.50 -1.64
N LYS A 65 -1.12 6.82 -1.60
CA LYS A 65 -1.46 7.62 -2.78
C LYS A 65 -0.78 7.06 -4.03
N TYR A 66 0.53 6.85 -3.93
CA TYR A 66 1.31 6.33 -5.05
C TYR A 66 1.02 4.85 -5.27
N LEU A 67 0.65 4.16 -4.19
CA LEU A 67 0.35 2.74 -4.26
C LEU A 67 -0.95 2.49 -5.01
N GLN A 68 -1.02 1.36 -5.71
CA GLN A 68 -2.22 1.01 -6.47
C GLN A 68 -2.86 -0.25 -5.91
N PHE A 69 -3.74 -0.07 -4.93
CA PHE A 69 -4.42 -1.20 -4.31
C PHE A 69 -5.36 -1.88 -5.31
N PRO A 70 -5.69 -3.16 -5.04
CA PRO A 70 -6.58 -3.94 -5.91
C PRO A 70 -8.03 -3.46 -5.84
N THR A 71 -8.38 -2.55 -6.75
CA THR A 71 -9.74 -2.01 -6.79
C THR A 71 -10.71 -3.02 -7.38
N SER A 72 -11.97 -2.92 -7.00
CA SER A 72 -13.01 -3.81 -7.49
C SER A 72 -14.39 -3.15 -7.43
N SER A 73 -15.01 -3.00 -8.59
CA SER A 73 -16.32 -2.38 -8.67
C SER A 73 -17.23 -2.86 -7.54
N GLY A 74 -17.64 -1.93 -6.68
CA GLY A 74 -18.51 -2.29 -5.57
C GLY A 74 -19.93 -1.78 -5.75
N PRO A 75 -20.65 -1.62 -4.63
CA PRO A 75 -22.03 -1.13 -4.64
C PRO A 75 -22.14 0.32 -5.04
N SER A 76 -20.99 1.00 -5.10
CA SER A 76 -20.95 2.41 -5.47
C SER A 76 -20.71 2.58 -6.96
N SER A 77 -21.80 2.69 -7.72
CA SER A 77 -21.71 2.85 -9.17
C SER A 77 -21.71 4.34 -9.55
N GLY A 78 -20.82 4.70 -10.47
CA GLY A 78 -20.74 6.08 -10.91
C GLY A 78 -20.69 6.21 -12.41
N GLY A 1 -7.77 1.09 15.88
CA GLY A 1 -7.48 2.47 15.54
C GLY A 1 -7.22 3.32 16.78
N SER A 2 -5.98 3.27 17.28
CA SER A 2 -5.62 4.03 18.46
C SER A 2 -6.03 5.49 18.32
N SER A 3 -7.11 5.86 19.01
CA SER A 3 -7.62 7.22 18.96
C SER A 3 -7.70 7.73 17.52
N GLY A 4 -8.32 6.92 16.66
CA GLY A 4 -8.46 7.30 15.27
C GLY A 4 -8.32 6.11 14.33
N SER A 5 -9.45 5.67 13.78
CA SER A 5 -9.45 4.52 12.87
C SER A 5 -8.95 4.94 11.48
N SER A 6 -8.46 3.97 10.73
CA SER A 6 -7.94 4.22 9.40
C SER A 6 -8.89 3.66 8.33
N GLY A 7 -9.16 2.36 8.43
CA GLY A 7 -10.05 1.73 7.47
C GLY A 7 -10.40 0.30 7.87
N THR A 8 -11.59 -0.14 7.45
CA THR A 8 -12.04 -1.49 7.77
C THR A 8 -12.35 -2.28 6.50
N LEU A 9 -12.21 -1.62 5.35
CA LEU A 9 -12.47 -2.27 4.07
C LEU A 9 -11.19 -2.82 3.47
N ARG A 10 -10.38 -3.48 4.30
CA ARG A 10 -9.12 -4.05 3.85
C ARG A 10 -8.83 -5.36 4.58
N ASN A 11 -8.19 -6.30 3.89
CA ASN A 11 -7.86 -7.59 4.47
C ASN A 11 -6.41 -7.97 4.16
N TYR A 12 -5.48 -7.39 4.91
CA TYR A 12 -4.07 -7.67 4.71
C TYR A 12 -3.76 -9.15 4.94
N PRO A 13 -2.71 -9.64 4.26
CA PRO A 13 -1.89 -8.82 3.36
C PRO A 13 -2.64 -8.42 2.09
N LEU A 14 -2.14 -7.41 1.40
CA LEU A 14 -2.76 -6.93 0.18
C LEU A 14 -1.71 -6.50 -0.84
N THR A 15 -1.68 -7.18 -1.98
CA THR A 15 -0.72 -6.87 -3.03
C THR A 15 -1.18 -5.67 -3.85
N CYS A 16 -0.30 -4.68 -3.99
CA CYS A 16 -0.61 -3.48 -4.75
C CYS A 16 0.31 -3.34 -5.96
N LYS A 17 0.11 -2.29 -6.74
CA LYS A 17 0.92 -2.04 -7.92
C LYS A 17 1.39 -0.59 -7.97
N VAL A 18 2.67 -0.37 -7.69
CA VAL A 18 3.24 0.97 -7.70
C VAL A 18 3.05 1.63 -9.07
N VAL A 19 2.21 2.65 -9.11
CA VAL A 19 1.95 3.37 -10.36
C VAL A 19 2.88 4.57 -10.51
N TYR A 20 3.26 5.16 -9.38
CA TYR A 20 4.14 6.32 -9.38
C TYR A 20 5.38 6.06 -8.52
N SER A 21 6.56 6.20 -9.13
CA SER A 21 7.81 5.97 -8.43
C SER A 21 7.99 6.99 -7.30
N TYR A 22 8.85 6.67 -6.34
CA TYR A 22 9.12 7.55 -5.21
C TYR A 22 10.40 7.14 -4.49
N LYS A 23 11.43 7.96 -4.63
CA LYS A 23 12.71 7.70 -3.99
C LYS A 23 12.65 8.03 -2.50
N ALA A 24 12.78 7.01 -1.66
CA ALA A 24 12.75 7.19 -0.22
C ALA A 24 13.78 8.22 0.23
N SER A 25 13.37 9.11 1.13
CA SER A 25 14.27 10.15 1.63
C SER A 25 14.61 9.90 3.09
N GLN A 26 13.67 9.31 3.82
CA GLN A 26 13.88 9.02 5.25
C GLN A 26 14.51 7.64 5.43
N PRO A 27 15.26 7.48 6.52
CA PRO A 27 15.93 6.22 6.84
C PRO A 27 14.94 5.12 7.24
N ASP A 28 13.68 5.51 7.40
CA ASP A 28 12.63 4.56 7.79
C ASP A 28 11.61 4.41 6.68
N GLU A 29 11.91 4.98 5.51
CA GLU A 29 11.01 4.92 4.37
C GLU A 29 11.37 3.73 3.47
N LEU A 30 10.51 3.47 2.49
CA LEU A 30 10.74 2.37 1.55
C LEU A 30 10.81 2.88 0.11
N THR A 31 11.98 2.77 -0.49
CA THR A 31 12.18 3.22 -1.87
C THR A 31 11.40 2.34 -2.85
N ILE A 32 10.43 2.94 -3.52
CA ILE A 32 9.61 2.22 -4.48
C ILE A 32 9.86 2.72 -5.90
N GLU A 33 9.33 2.01 -6.88
CA GLU A 33 9.49 2.38 -8.27
C GLU A 33 8.36 1.83 -9.13
N GLU A 34 7.98 2.56 -10.18
CA GLU A 34 6.91 2.13 -11.07
C GLU A 34 7.08 0.66 -11.47
N HIS A 35 5.96 -0.04 -11.58
CA HIS A 35 5.99 -1.46 -11.95
C HIS A 35 6.65 -2.29 -10.86
N GLU A 36 6.26 -2.05 -9.62
CA GLU A 36 6.83 -2.78 -8.48
C GLU A 36 5.72 -3.39 -7.63
N VAL A 37 5.62 -4.72 -7.65
CA VAL A 37 4.61 -5.43 -6.88
C VAL A 37 5.03 -5.55 -5.42
N LEU A 38 4.26 -4.91 -4.53
CA LEU A 38 4.53 -4.94 -3.10
C LEU A 38 3.41 -5.63 -2.35
N GLU A 39 3.60 -5.80 -1.04
CA GLU A 39 2.59 -6.43 -0.20
C GLU A 39 2.34 -5.62 1.06
N VAL A 40 1.15 -5.04 1.16
CA VAL A 40 0.79 -4.24 2.33
C VAL A 40 0.39 -5.12 3.51
N ILE A 41 1.34 -5.30 4.43
CA ILE A 41 1.10 -6.12 5.61
C ILE A 41 0.51 -5.29 6.75
N GLU A 42 0.75 -3.99 6.71
CA GLU A 42 0.24 -3.08 7.74
C GLU A 42 -0.16 -1.73 7.12
N ASP A 43 -1.02 -1.01 7.82
CA ASP A 43 -1.49 0.29 7.36
C ASP A 43 -0.54 1.40 7.80
N GLY A 44 0.72 1.03 8.04
CA GLY A 44 1.71 2.01 8.46
C GLY A 44 1.30 2.74 9.72
N ASP A 45 2.09 3.73 10.11
CA ASP A 45 1.79 4.52 11.30
C ASP A 45 1.05 5.79 10.94
N MET A 46 1.29 6.29 9.73
CA MET A 46 0.63 7.51 9.27
C MET A 46 -0.68 7.19 8.56
N GLU A 47 -1.56 8.18 8.47
CA GLU A 47 -2.85 7.99 7.81
C GLU A 47 -2.70 7.98 6.30
N ASP A 48 -1.75 8.77 5.80
CA ASP A 48 -1.50 8.84 4.36
C ASP A 48 -0.31 7.97 3.97
N TRP A 49 -0.05 6.93 4.75
CA TRP A 49 1.06 6.03 4.49
C TRP A 49 0.76 4.63 5.01
N VAL A 50 1.37 3.62 4.38
CA VAL A 50 1.18 2.24 4.78
C VAL A 50 2.50 1.48 4.82
N LYS A 51 2.45 0.25 5.31
CA LYS A 51 3.66 -0.59 5.39
C LYS A 51 3.60 -1.71 4.37
N ALA A 52 4.61 -1.76 3.50
CA ALA A 52 4.68 -2.79 2.47
C ALA A 52 6.09 -3.35 2.35
N ARG A 53 6.19 -4.58 1.84
CA ARG A 53 7.50 -5.22 1.67
C ARG A 53 7.80 -5.47 0.19
N ASN A 54 9.00 -5.13 -0.22
CA ASN A 54 9.41 -5.31 -1.61
C ASN A 54 10.04 -6.70 -1.82
N LYS A 55 10.37 -7.01 -3.07
CA LYS A 55 10.97 -8.29 -3.41
C LYS A 55 12.16 -8.58 -2.50
N VAL A 56 13.04 -7.60 -2.36
CA VAL A 56 14.22 -7.74 -1.52
C VAL A 56 13.85 -8.11 -0.09
N GLY A 57 12.62 -7.78 0.30
CA GLY A 57 12.15 -8.08 1.63
C GLY A 57 12.17 -6.87 2.55
N GLN A 58 12.65 -5.75 2.03
CA GLN A 58 12.73 -4.51 2.80
C GLN A 58 11.33 -3.97 3.09
N VAL A 59 11.06 -3.70 4.36
CA VAL A 59 9.77 -3.17 4.76
C VAL A 59 9.90 -1.76 5.34
N GLY A 60 9.17 -0.83 4.76
CA GLY A 60 9.21 0.55 5.22
C GLY A 60 7.87 1.25 5.11
N TYR A 61 7.91 2.58 4.99
CA TYR A 61 6.70 3.36 4.88
C TYR A 61 6.59 4.01 3.49
N VAL A 62 5.38 4.03 2.94
CA VAL A 62 5.15 4.61 1.62
C VAL A 62 3.75 5.22 1.54
N PRO A 63 3.62 6.27 0.72
CA PRO A 63 2.34 6.96 0.52
C PRO A 63 1.32 6.12 -0.23
N GLU A 64 0.17 5.88 0.39
CA GLU A 64 -0.88 5.09 -0.22
C GLU A 64 -1.27 5.66 -1.59
N LYS A 65 -1.01 6.94 -1.79
CA LYS A 65 -1.33 7.61 -3.05
C LYS A 65 -0.55 6.99 -4.20
N TYR A 66 0.70 6.63 -3.94
CA TYR A 66 1.55 6.03 -4.97
C TYR A 66 1.36 4.51 -5.00
N LEU A 67 0.26 4.06 -4.41
CA LEU A 67 -0.05 2.62 -4.38
C LEU A 67 -1.37 2.33 -5.06
N GLN A 68 -1.44 1.21 -5.77
CA GLN A 68 -2.66 0.83 -6.48
C GLN A 68 -3.23 -0.46 -5.90
N PHE A 69 -4.22 -0.33 -5.02
CA PHE A 69 -4.85 -1.49 -4.40
C PHE A 69 -5.69 -2.26 -5.41
N PRO A 70 -5.89 -3.57 -5.15
CA PRO A 70 -6.67 -4.43 -6.03
C PRO A 70 -8.16 -4.10 -5.99
N THR A 71 -8.57 -3.35 -4.98
CA THR A 71 -9.97 -2.97 -4.82
C THR A 71 -10.49 -2.28 -6.09
N SER A 72 -11.69 -2.66 -6.51
CA SER A 72 -12.30 -2.08 -7.69
C SER A 72 -12.34 -0.56 -7.60
N SER A 73 -11.45 0.10 -8.35
CA SER A 73 -11.39 1.55 -8.35
C SER A 73 -12.48 2.16 -9.23
N GLY A 74 -13.14 3.19 -8.72
CA GLY A 74 -14.21 3.83 -9.47
C GLY A 74 -15.40 2.92 -9.68
N PRO A 75 -16.45 3.46 -10.31
CA PRO A 75 -17.68 2.72 -10.59
C PRO A 75 -17.47 1.64 -11.66
N SER A 76 -17.22 0.41 -11.22
CA SER A 76 -17.01 -0.69 -12.14
C SER A 76 -18.05 -1.79 -11.94
N SER A 77 -18.19 -2.23 -10.70
CA SER A 77 -19.15 -3.28 -10.36
C SER A 77 -20.38 -2.69 -9.69
N GLY A 78 -21.40 -3.52 -9.50
CA GLY A 78 -22.63 -3.06 -8.87
C GLY A 78 -23.65 -4.18 -8.71
N GLY A 1 -13.79 -18.41 -4.96
CA GLY A 1 -14.62 -17.50 -5.75
C GLY A 1 -15.91 -17.16 -5.05
N SER A 2 -15.82 -16.65 -3.82
CA SER A 2 -17.00 -16.28 -3.04
C SER A 2 -16.98 -14.79 -2.70
N SER A 3 -17.93 -14.06 -3.26
CA SER A 3 -18.02 -12.62 -3.02
C SER A 3 -19.30 -12.28 -2.26
N GLY A 4 -19.31 -11.13 -1.59
CA GLY A 4 -20.47 -10.71 -0.83
C GLY A 4 -20.30 -9.33 -0.24
N SER A 5 -19.89 -9.28 1.03
CA SER A 5 -19.70 -8.02 1.73
C SER A 5 -18.46 -7.30 1.21
N SER A 6 -18.67 -6.26 0.41
CA SER A 6 -17.58 -5.49 -0.15
C SER A 6 -17.59 -4.05 0.37
N GLY A 7 -16.43 -3.59 0.82
CA GLY A 7 -16.33 -2.24 1.34
C GLY A 7 -15.07 -1.53 0.89
N THR A 8 -14.71 -0.46 1.58
CA THR A 8 -13.52 0.31 1.24
C THR A 8 -12.35 -0.04 2.15
N LEU A 9 -12.60 -0.93 3.10
CA LEU A 9 -11.58 -1.36 4.04
C LEU A 9 -10.48 -2.14 3.32
N ARG A 10 -9.47 -2.57 4.08
CA ARG A 10 -8.36 -3.33 3.51
C ARG A 10 -8.13 -4.62 4.30
N ASN A 11 -8.01 -5.73 3.57
CA ASN A 11 -7.78 -7.03 4.20
C ASN A 11 -6.34 -7.50 3.97
N TYR A 12 -5.46 -7.14 4.90
CA TYR A 12 -4.06 -7.53 4.80
C TYR A 12 -3.88 -9.01 5.12
N PRO A 13 -2.84 -9.62 4.53
CA PRO A 13 -1.92 -8.92 3.63
C PRO A 13 -2.58 -8.55 2.31
N LEU A 14 -2.01 -7.55 1.63
CA LEU A 14 -2.55 -7.10 0.35
C LEU A 14 -1.42 -6.86 -0.65
N THR A 15 -1.75 -6.95 -1.93
CA THR A 15 -0.76 -6.73 -2.99
C THR A 15 -1.13 -5.52 -3.84
N CYS A 16 -0.24 -4.54 -3.87
CA CYS A 16 -0.47 -3.32 -4.65
C CYS A 16 0.51 -3.22 -5.81
N LYS A 17 0.26 -2.29 -6.72
CA LYS A 17 1.12 -2.10 -7.88
C LYS A 17 1.59 -0.65 -7.96
N VAL A 18 2.87 -0.43 -7.67
CA VAL A 18 3.45 0.91 -7.71
C VAL A 18 3.33 1.51 -9.10
N VAL A 19 2.51 2.55 -9.21
CA VAL A 19 2.31 3.23 -10.50
C VAL A 19 3.15 4.49 -10.59
N TYR A 20 3.33 5.17 -9.46
CA TYR A 20 4.11 6.39 -9.42
C TYR A 20 5.35 6.22 -8.54
N SER A 21 6.50 6.08 -9.20
CA SER A 21 7.76 5.90 -8.49
C SER A 21 7.90 6.92 -7.36
N TYR A 22 8.55 6.51 -6.27
CA TYR A 22 8.75 7.39 -5.13
C TYR A 22 10.09 7.12 -4.46
N LYS A 23 10.97 8.12 -4.47
CA LYS A 23 12.28 7.99 -3.86
C LYS A 23 12.22 8.26 -2.36
N ALA A 24 12.40 7.21 -1.57
CA ALA A 24 12.36 7.33 -0.11
C ALA A 24 13.43 8.32 0.38
N SER A 25 13.01 9.26 1.21
CA SER A 25 13.92 10.27 1.74
C SER A 25 14.38 9.89 3.15
N GLN A 26 13.52 9.18 3.88
CA GLN A 26 13.84 8.75 5.23
C GLN A 26 14.24 7.28 5.27
N PRO A 27 15.07 6.92 6.26
CA PRO A 27 15.55 5.55 6.42
C PRO A 27 14.44 4.59 6.85
N ASP A 28 13.30 5.15 7.23
CA ASP A 28 12.16 4.35 7.66
C ASP A 28 11.23 4.05 6.49
N GLU A 29 11.30 4.89 5.46
CA GLU A 29 10.46 4.71 4.28
C GLU A 29 10.96 3.55 3.42
N LEU A 30 10.15 3.14 2.45
CA LEU A 30 10.52 2.05 1.56
C LEU A 30 10.61 2.53 0.12
N THR A 31 11.83 2.59 -0.41
CA THR A 31 12.05 3.05 -1.78
C THR A 31 11.29 2.17 -2.77
N ILE A 32 10.32 2.77 -3.46
CA ILE A 32 9.52 2.06 -4.43
C ILE A 32 9.73 2.61 -5.83
N GLU A 33 9.36 1.83 -6.85
CA GLU A 33 9.51 2.25 -8.24
C GLU A 33 8.40 1.66 -9.09
N GLU A 34 8.04 2.39 -10.15
CA GLU A 34 6.98 1.95 -11.05
C GLU A 34 7.20 0.50 -11.47
N HIS A 35 6.10 -0.20 -11.73
CA HIS A 35 6.17 -1.61 -12.13
C HIS A 35 6.80 -2.47 -11.04
N GLU A 36 6.43 -2.18 -9.80
CA GLU A 36 6.96 -2.92 -8.65
C GLU A 36 5.83 -3.36 -7.73
N VAL A 37 5.45 -4.63 -7.82
CA VAL A 37 4.38 -5.17 -6.98
C VAL A 37 4.87 -5.39 -5.55
N LEU A 38 4.23 -4.70 -4.60
CA LEU A 38 4.60 -4.83 -3.19
C LEU A 38 3.54 -5.60 -2.42
N GLU A 39 3.80 -5.84 -1.15
CA GLU A 39 2.86 -6.56 -0.30
C GLU A 39 2.57 -5.79 0.99
N VAL A 40 1.40 -5.16 1.03
CA VAL A 40 1.00 -4.37 2.21
C VAL A 40 0.66 -5.29 3.38
N ILE A 41 1.47 -5.21 4.43
CA ILE A 41 1.23 -6.03 5.62
C ILE A 41 0.61 -5.21 6.75
N GLU A 42 0.94 -3.93 6.78
CA GLU A 42 0.41 -3.03 7.81
C GLU A 42 -0.10 -1.73 7.18
N ASP A 43 -0.82 -0.94 7.97
CA ASP A 43 -1.37 0.32 7.50
C ASP A 43 -0.40 1.47 7.79
N GLY A 44 0.89 1.17 7.78
CA GLY A 44 1.89 2.18 8.05
C GLY A 44 1.69 2.85 9.40
N ASP A 45 2.45 3.92 9.65
CA ASP A 45 2.35 4.64 10.90
C ASP A 45 1.52 5.91 10.73
N MET A 46 1.55 6.48 9.54
CA MET A 46 0.81 7.70 9.24
C MET A 46 -0.60 7.37 8.75
N GLU A 47 -1.49 8.36 8.82
CA GLU A 47 -2.87 8.17 8.37
C GLU A 47 -2.92 7.85 6.88
N ASP A 48 -2.12 8.58 6.11
CA ASP A 48 -2.07 8.38 4.66
C ASP A 48 -0.80 7.64 4.26
N TRP A 49 -0.52 6.55 4.95
CA TRP A 49 0.68 5.75 4.66
C TRP A 49 0.45 4.29 5.04
N VAL A 50 1.15 3.39 4.36
CA VAL A 50 1.02 1.96 4.63
C VAL A 50 2.39 1.29 4.64
N LYS A 51 2.44 0.05 5.14
CA LYS A 51 3.69 -0.70 5.20
C LYS A 51 3.67 -1.86 4.20
N ALA A 52 4.66 -1.88 3.32
CA ALA A 52 4.76 -2.93 2.32
C ALA A 52 6.17 -3.50 2.26
N ARG A 53 6.28 -4.73 1.76
CA ARG A 53 7.57 -5.40 1.67
C ARG A 53 7.92 -5.70 0.20
N ASN A 54 9.06 -5.19 -0.24
CA ASN A 54 9.50 -5.41 -1.62
C ASN A 54 10.14 -6.78 -1.77
N LYS A 55 10.67 -7.05 -2.96
CA LYS A 55 11.30 -8.33 -3.25
C LYS A 55 12.54 -8.53 -2.37
N VAL A 56 13.26 -7.45 -2.12
CA VAL A 56 14.47 -7.50 -1.30
C VAL A 56 14.13 -7.88 0.14
N GLY A 57 12.83 -7.90 0.45
CA GLY A 57 12.40 -8.24 1.80
C GLY A 57 12.34 -7.04 2.71
N GLN A 58 12.85 -5.91 2.23
CA GLN A 58 12.85 -4.68 3.02
C GLN A 58 11.42 -4.25 3.36
N VAL A 59 11.27 -3.53 4.46
CA VAL A 59 9.96 -3.06 4.90
C VAL A 59 10.02 -1.62 5.38
N GLY A 60 9.15 -0.78 4.82
CA GLY A 60 9.14 0.62 5.21
C GLY A 60 7.79 1.28 4.93
N TYR A 61 7.69 2.56 5.25
CA TYR A 61 6.45 3.30 5.03
C TYR A 61 6.41 3.92 3.65
N VAL A 62 5.30 3.76 2.96
CA VAL A 62 5.13 4.31 1.61
C VAL A 62 3.77 4.98 1.46
N PRO A 63 3.71 6.00 0.58
CA PRO A 63 2.49 6.75 0.32
C PRO A 63 1.44 5.92 -0.43
N GLU A 64 0.22 5.91 0.07
CA GLU A 64 -0.85 5.16 -0.56
C GLU A 64 -1.35 5.85 -1.83
N LYS A 65 -1.34 7.18 -1.81
CA LYS A 65 -1.78 7.97 -2.96
C LYS A 65 -1.03 7.55 -4.22
N TYR A 66 0.18 7.03 -4.04
CA TYR A 66 0.99 6.58 -5.17
C TYR A 66 0.84 5.08 -5.38
N LEU A 67 0.31 4.39 -4.38
CA LEU A 67 0.12 2.95 -4.46
C LEU A 67 -1.21 2.61 -5.13
N GLN A 68 -1.28 1.43 -5.74
CA GLN A 68 -2.49 0.99 -6.42
C GLN A 68 -3.03 -0.29 -5.80
N PHE A 69 -4.00 -0.13 -4.90
CA PHE A 69 -4.61 -1.27 -4.22
C PHE A 69 -5.62 -1.96 -5.13
N PRO A 70 -5.90 -3.25 -4.85
CA PRO A 70 -6.85 -4.04 -5.62
C PRO A 70 -8.28 -3.60 -5.41
N THR A 71 -9.16 -3.98 -6.33
CA THR A 71 -10.57 -3.61 -6.25
C THR A 71 -11.42 -4.81 -5.84
N SER A 72 -12.65 -4.54 -5.40
CA SER A 72 -13.57 -5.58 -4.98
C SER A 72 -14.33 -6.15 -6.18
N SER A 73 -15.21 -5.33 -6.75
CA SER A 73 -16.01 -5.75 -7.89
C SER A 73 -15.22 -5.58 -9.20
N GLY A 74 -15.24 -6.61 -10.03
CA GLY A 74 -14.53 -6.57 -11.29
C GLY A 74 -15.19 -7.41 -12.36
N PRO A 75 -14.75 -7.22 -13.62
CA PRO A 75 -15.30 -7.96 -14.76
C PRO A 75 -14.90 -9.44 -14.74
N SER A 76 -15.89 -10.31 -14.84
CA SER A 76 -15.65 -11.74 -14.83
C SER A 76 -14.42 -12.09 -15.65
N SER A 77 -13.43 -12.69 -15.00
CA SER A 77 -12.19 -13.08 -15.67
C SER A 77 -12.11 -14.58 -15.83
N GLY A 78 -11.95 -15.04 -17.08
CA GLY A 78 -11.86 -16.46 -17.34
C GLY A 78 -10.47 -17.01 -17.11
N GLY A 1 -9.57 -11.08 12.43
CA GLY A 1 -10.49 -10.04 12.83
C GLY A 1 -11.94 -10.43 12.56
N SER A 2 -12.75 -10.43 13.62
CA SER A 2 -14.16 -10.78 13.50
C SER A 2 -14.99 -9.57 13.09
N SER A 3 -15.59 -9.66 11.91
CA SER A 3 -16.41 -8.57 11.39
C SER A 3 -17.21 -7.91 12.51
N GLY A 4 -17.57 -6.64 12.31
CA GLY A 4 -18.33 -5.92 13.32
C GLY A 4 -17.53 -4.81 13.97
N SER A 5 -17.01 -3.89 13.16
CA SER A 5 -16.21 -2.79 13.67
C SER A 5 -16.40 -1.54 12.81
N SER A 6 -16.37 -0.38 13.46
CA SER A 6 -16.55 0.89 12.76
C SER A 6 -15.31 1.25 11.96
N GLY A 7 -15.48 2.06 10.93
CA GLY A 7 -14.37 2.47 10.10
C GLY A 7 -13.50 1.30 9.68
N THR A 8 -14.09 0.34 8.96
CA THR A 8 -13.36 -0.83 8.51
C THR A 8 -12.02 -0.45 7.91
N LEU A 9 -11.11 -1.42 7.83
CA LEU A 9 -9.78 -1.18 7.28
C LEU A 9 -9.43 -2.24 6.25
N ARG A 10 -8.42 -1.95 5.42
CA ARG A 10 -7.98 -2.88 4.39
C ARG A 10 -7.88 -4.30 4.94
N ASN A 11 -7.78 -5.28 4.05
CA ASN A 11 -7.69 -6.67 4.44
C ASN A 11 -6.30 -7.23 4.14
N TYR A 12 -5.31 -6.81 4.93
CA TYR A 12 -3.94 -7.26 4.74
C TYR A 12 -3.81 -8.75 5.04
N PRO A 13 -2.85 -9.40 4.38
CA PRO A 13 -1.95 -8.74 3.43
C PRO A 13 -2.68 -8.33 2.15
N LEU A 14 -2.07 -7.41 1.40
CA LEU A 14 -2.66 -6.92 0.16
C LEU A 14 -1.58 -6.50 -0.83
N THR A 15 -1.60 -7.10 -2.02
CA THR A 15 -0.62 -6.78 -3.05
C THR A 15 -1.03 -5.54 -3.83
N CYS A 16 -0.09 -4.64 -4.02
CA CYS A 16 -0.35 -3.39 -4.75
C CYS A 16 0.62 -3.24 -5.93
N LYS A 17 0.36 -2.25 -6.77
CA LYS A 17 1.21 -2.00 -7.92
C LYS A 17 1.64 -0.53 -7.98
N VAL A 18 2.90 -0.28 -7.67
CA VAL A 18 3.43 1.08 -7.70
C VAL A 18 3.32 1.70 -9.09
N VAL A 19 2.35 2.60 -9.25
CA VAL A 19 2.13 3.27 -10.52
C VAL A 19 2.98 4.53 -10.63
N TYR A 20 3.30 5.13 -9.49
CA TYR A 20 4.11 6.34 -9.47
C TYR A 20 5.35 6.15 -8.60
N SER A 21 6.52 6.22 -9.22
CA SER A 21 7.78 6.05 -8.50
C SER A 21 7.91 7.08 -7.39
N TYR A 22 8.58 6.70 -6.32
CA TYR A 22 8.78 7.59 -5.18
C TYR A 22 10.08 7.26 -4.44
N LYS A 23 10.99 8.23 -4.42
CA LYS A 23 12.28 8.05 -3.75
C LYS A 23 12.15 8.28 -2.25
N ALA A 24 12.44 7.25 -1.47
CA ALA A 24 12.36 7.34 -0.02
C ALA A 24 13.36 8.34 0.52
N SER A 25 12.87 9.33 1.27
CA SER A 25 13.73 10.37 1.84
C SER A 25 14.31 9.91 3.17
N GLN A 26 13.51 9.17 3.94
CA GLN A 26 13.95 8.67 5.24
C GLN A 26 14.31 7.20 5.16
N PRO A 27 15.18 6.75 6.08
CA PRO A 27 15.63 5.36 6.13
C PRO A 27 14.53 4.41 6.57
N ASP A 28 13.57 4.93 7.33
CA ASP A 28 12.45 4.13 7.82
C ASP A 28 11.43 3.90 6.72
N GLU A 29 11.54 4.67 5.64
CA GLU A 29 10.62 4.55 4.53
C GLU A 29 11.03 3.42 3.60
N LEU A 30 10.22 3.17 2.57
CA LEU A 30 10.50 2.10 1.61
C LEU A 30 10.57 2.66 0.19
N THR A 31 11.76 2.66 -0.39
CA THR A 31 11.96 3.15 -1.74
C THR A 31 11.17 2.33 -2.76
N ILE A 32 10.28 2.99 -3.48
CA ILE A 32 9.46 2.31 -4.48
C ILE A 32 9.70 2.90 -5.87
N GLU A 33 9.31 2.16 -6.90
CA GLU A 33 9.48 2.60 -8.28
C GLU A 33 8.35 2.08 -9.16
N GLU A 34 8.07 2.79 -10.24
CA GLU A 34 7.01 2.40 -11.17
C GLU A 34 7.15 0.93 -11.56
N HIS A 35 6.02 0.25 -11.70
CA HIS A 35 6.01 -1.15 -12.06
C HIS A 35 6.67 -2.01 -10.98
N GLU A 36 6.31 -1.75 -9.73
CA GLU A 36 6.86 -2.49 -8.60
C GLU A 36 5.75 -3.03 -7.70
N VAL A 37 5.50 -4.33 -7.80
CA VAL A 37 4.47 -4.97 -6.99
C VAL A 37 4.96 -5.24 -5.58
N LEU A 38 4.29 -4.65 -4.59
CA LEU A 38 4.66 -4.82 -3.20
C LEU A 38 3.59 -5.61 -2.45
N GLU A 39 3.80 -5.79 -1.14
CA GLU A 39 2.86 -6.53 -0.31
C GLU A 39 2.57 -5.78 0.98
N VAL A 40 1.42 -5.13 1.05
CA VAL A 40 1.03 -4.37 2.23
C VAL A 40 0.62 -5.31 3.37
N ILE A 41 1.46 -5.37 4.40
CA ILE A 41 1.19 -6.22 5.56
C ILE A 41 0.56 -5.42 6.69
N GLU A 42 0.98 -4.16 6.84
CA GLU A 42 0.45 -3.29 7.88
C GLU A 42 -0.11 -2.01 7.29
N ASP A 43 -0.76 -1.21 8.13
CA ASP A 43 -1.35 0.05 7.68
C ASP A 43 -0.41 1.22 7.99
N GLY A 44 0.88 0.97 7.86
CA GLY A 44 1.86 2.01 8.14
C GLY A 44 1.61 2.72 9.46
N ASP A 45 2.38 3.77 9.72
CA ASP A 45 2.24 4.53 10.96
C ASP A 45 1.40 5.79 10.73
N MET A 46 1.53 6.37 9.56
CA MET A 46 0.78 7.58 9.21
C MET A 46 -0.53 7.23 8.53
N GLU A 47 -1.47 8.17 8.55
CA GLU A 47 -2.78 7.96 7.93
C GLU A 47 -2.62 7.68 6.44
N ASP A 48 -1.99 8.61 5.72
CA ASP A 48 -1.79 8.47 4.28
C ASP A 48 -0.49 7.71 4.01
N TRP A 49 -0.27 6.64 4.74
CA TRP A 49 0.93 5.82 4.56
C TRP A 49 0.69 4.38 5.01
N VAL A 50 1.26 3.43 4.27
CA VAL A 50 1.11 2.02 4.59
C VAL A 50 2.46 1.30 4.55
N LYS A 51 2.52 0.14 5.19
CA LYS A 51 3.74 -0.65 5.23
C LYS A 51 3.68 -1.79 4.22
N ALA A 52 4.72 -1.89 3.39
CA ALA A 52 4.78 -2.94 2.38
C ALA A 52 6.20 -3.48 2.24
N ARG A 53 6.31 -4.79 2.01
CA ARG A 53 7.61 -5.44 1.86
C ARG A 53 7.88 -5.79 0.40
N ASN A 54 9.09 -5.51 -0.06
CA ASN A 54 9.47 -5.81 -1.43
C ASN A 54 10.08 -7.20 -1.54
N LYS A 55 10.55 -7.55 -2.73
CA LYS A 55 11.16 -8.86 -2.97
C LYS A 55 12.38 -9.05 -2.08
N VAL A 56 13.14 -7.98 -1.88
CA VAL A 56 14.33 -8.05 -1.05
C VAL A 56 13.97 -8.30 0.41
N GLY A 57 12.78 -7.88 0.80
CA GLY A 57 12.34 -8.08 2.17
C GLY A 57 12.28 -6.78 2.96
N GLN A 58 12.82 -5.72 2.37
CA GLN A 58 12.85 -4.41 3.03
C GLN A 58 11.43 -3.95 3.36
N VAL A 59 11.21 -3.57 4.62
CA VAL A 59 9.91 -3.11 5.06
C VAL A 59 9.95 -1.64 5.48
N GLY A 60 9.09 -0.83 4.86
CA GLY A 60 9.05 0.59 5.17
C GLY A 60 7.69 1.20 4.92
N TYR A 61 7.58 2.50 5.11
CA TYR A 61 6.32 3.22 4.90
C TYR A 61 6.28 3.87 3.53
N VAL A 62 5.15 3.73 2.85
CA VAL A 62 4.98 4.31 1.52
C VAL A 62 3.59 4.92 1.36
N PRO A 63 3.50 5.99 0.56
CA PRO A 63 2.23 6.68 0.30
C PRO A 63 1.28 5.85 -0.55
N GLU A 64 0.04 5.73 -0.08
CA GLU A 64 -0.96 4.96 -0.80
C GLU A 64 -1.45 5.71 -2.03
N LYS A 65 -1.45 7.03 -1.95
CA LYS A 65 -1.88 7.87 -3.06
C LYS A 65 -1.16 7.48 -4.35
N TYR A 66 -0.06 6.75 -4.21
CA TYR A 66 0.72 6.33 -5.37
C TYR A 66 0.60 4.81 -5.56
N LEU A 67 0.06 4.13 -4.56
CA LEU A 67 -0.10 2.69 -4.61
C LEU A 67 -1.39 2.31 -5.33
N GLN A 68 -1.37 1.19 -6.04
CA GLN A 68 -2.54 0.72 -6.78
C GLN A 68 -3.11 -0.53 -6.14
N PHE A 69 -3.97 -0.34 -5.14
CA PHE A 69 -4.60 -1.45 -4.44
C PHE A 69 -5.57 -2.19 -5.36
N PRO A 70 -5.84 -3.47 -5.04
CA PRO A 70 -6.75 -4.31 -5.82
C PRO A 70 -8.20 -3.87 -5.67
N THR A 71 -9.09 -4.51 -6.42
CA THR A 71 -10.51 -4.19 -6.38
C THR A 71 -11.20 -4.95 -5.26
N SER A 72 -10.58 -6.04 -4.81
CA SER A 72 -11.14 -6.86 -3.74
C SER A 72 -10.16 -7.95 -3.33
N SER A 73 -10.21 -8.33 -2.06
CA SER A 73 -9.33 -9.36 -1.53
C SER A 73 -10.04 -10.71 -1.47
N GLY A 74 -11.27 -10.70 -0.97
CA GLY A 74 -12.04 -11.92 -0.86
C GLY A 74 -12.85 -12.21 -2.12
N PRO A 75 -13.91 -13.00 -1.97
CA PRO A 75 -14.78 -13.38 -3.09
C PRO A 75 -15.62 -12.20 -3.59
N SER A 76 -15.85 -12.15 -4.90
CA SER A 76 -16.63 -11.08 -5.50
C SER A 76 -17.97 -11.60 -6.00
N SER A 77 -18.98 -10.74 -5.97
CA SER A 77 -20.32 -11.12 -6.42
C SER A 77 -20.27 -11.76 -7.79
N GLY A 78 -21.12 -12.75 -8.02
CA GLY A 78 -21.15 -13.43 -9.30
C GLY A 78 -21.62 -14.86 -9.18
N GLY A 1 -23.75 -1.42 13.80
CA GLY A 1 -24.08 -0.71 15.02
C GLY A 1 -22.85 -0.23 15.76
N SER A 2 -22.25 0.85 15.26
CA SER A 2 -21.05 1.42 15.87
C SER A 2 -20.08 0.32 16.30
N SER A 3 -19.80 -0.60 15.37
CA SER A 3 -18.90 -1.71 15.64
C SER A 3 -17.68 -1.67 14.72
N GLY A 4 -16.71 -0.83 15.07
CA GLY A 4 -15.51 -0.70 14.27
C GLY A 4 -15.00 0.73 14.19
N SER A 5 -14.20 1.01 13.17
CA SER A 5 -13.65 2.35 12.99
C SER A 5 -14.21 3.01 11.73
N SER A 6 -14.51 4.29 11.83
CA SER A 6 -15.05 5.04 10.70
C SER A 6 -14.04 5.14 9.57
N GLY A 7 -14.53 5.13 8.33
CA GLY A 7 -13.65 5.21 7.18
C GLY A 7 -13.81 4.03 6.24
N THR A 8 -12.76 3.24 6.10
CA THR A 8 -12.78 2.07 5.22
C THR A 8 -11.99 0.92 5.83
N LEU A 9 -12.48 -0.30 5.60
CA LEU A 9 -11.82 -1.50 6.13
C LEU A 9 -10.83 -2.05 5.12
N ARG A 10 -9.89 -2.87 5.60
CA ARG A 10 -8.89 -3.48 4.74
C ARG A 10 -8.73 -4.96 5.04
N ASN A 11 -8.45 -5.74 4.00
CA ASN A 11 -8.28 -7.18 4.15
C ASN A 11 -6.83 -7.59 3.87
N TYR A 12 -5.93 -7.20 4.76
CA TYR A 12 -4.52 -7.53 4.61
C TYR A 12 -4.28 -9.03 4.80
N PRO A 13 -3.23 -9.55 4.15
CA PRO A 13 -2.35 -8.74 3.29
C PRO A 13 -3.05 -8.27 2.02
N LEU A 14 -2.44 -7.30 1.34
CA LEU A 14 -3.00 -6.77 0.09
C LEU A 14 -1.90 -6.40 -0.89
N THR A 15 -1.93 -7.01 -2.06
CA THR A 15 -0.93 -6.73 -3.09
C THR A 15 -1.26 -5.45 -3.84
N CYS A 16 -0.27 -4.56 -3.95
CA CYS A 16 -0.45 -3.30 -4.65
C CYS A 16 0.48 -3.20 -5.85
N LYS A 17 0.26 -2.19 -6.68
CA LYS A 17 1.09 -1.98 -7.86
C LYS A 17 1.57 -0.53 -7.95
N VAL A 18 2.87 -0.34 -7.72
CA VAL A 18 3.45 1.00 -7.76
C VAL A 18 3.33 1.60 -9.16
N VAL A 19 2.42 2.56 -9.31
CA VAL A 19 2.21 3.21 -10.60
C VAL A 19 2.99 4.52 -10.68
N TYR A 20 3.30 5.09 -9.52
CA TYR A 20 4.04 6.35 -9.46
C TYR A 20 5.33 6.18 -8.67
N SER A 21 6.45 6.19 -9.38
CA SER A 21 7.76 6.04 -8.74
C SER A 21 7.96 7.07 -7.64
N TYR A 22 8.63 6.67 -6.57
CA TYR A 22 8.89 7.56 -5.44
C TYR A 22 10.22 7.22 -4.77
N LYS A 23 11.11 8.21 -4.72
CA LYS A 23 12.42 8.03 -4.10
C LYS A 23 12.35 8.31 -2.60
N ALA A 24 12.88 7.38 -1.81
CA ALA A 24 12.88 7.54 -0.35
C ALA A 24 14.02 8.45 0.10
N SER A 25 13.70 9.42 0.94
CA SER A 25 14.69 10.37 1.44
C SER A 25 15.14 9.98 2.85
N GLN A 26 14.27 9.28 3.57
CA GLN A 26 14.58 8.85 4.94
C GLN A 26 14.79 7.35 5.00
N PRO A 27 15.59 6.89 5.98
CA PRO A 27 15.88 5.47 6.17
C PRO A 27 14.67 4.69 6.67
N ASP A 28 13.67 5.42 7.15
CA ASP A 28 12.45 4.79 7.66
C ASP A 28 11.45 4.56 6.54
N GLU A 29 11.66 5.24 5.42
CA GLU A 29 10.77 5.11 4.26
C GLU A 29 11.13 3.89 3.43
N LEU A 30 10.44 3.71 2.32
CA LEU A 30 10.68 2.58 1.43
C LEU A 30 10.77 3.04 -0.02
N THR A 31 11.97 2.95 -0.59
CA THR A 31 12.19 3.36 -1.98
C THR A 31 11.39 2.48 -2.93
N ILE A 32 10.47 3.10 -3.67
CA ILE A 32 9.65 2.37 -4.62
C ILE A 32 9.88 2.87 -6.04
N GLU A 33 9.50 2.06 -7.03
CA GLU A 33 9.67 2.42 -8.43
C GLU A 33 8.58 1.79 -9.29
N GLU A 34 8.11 2.54 -10.28
CA GLU A 34 7.06 2.05 -11.18
C GLU A 34 7.30 0.59 -11.55
N HIS A 35 6.22 -0.16 -11.73
CA HIS A 35 6.32 -1.57 -12.08
C HIS A 35 6.94 -2.38 -10.95
N GLU A 36 6.47 -2.13 -9.72
CA GLU A 36 6.99 -2.83 -8.55
C GLU A 36 5.84 -3.33 -7.68
N VAL A 37 5.53 -4.62 -7.81
CA VAL A 37 4.46 -5.23 -7.03
C VAL A 37 4.89 -5.45 -5.59
N LEU A 38 4.23 -4.77 -4.66
CA LEU A 38 4.55 -4.91 -3.24
C LEU A 38 3.42 -5.63 -2.50
N GLU A 39 3.66 -5.95 -1.23
CA GLU A 39 2.68 -6.63 -0.41
C GLU A 39 2.36 -5.84 0.85
N VAL A 40 1.22 -5.15 0.84
CA VAL A 40 0.81 -4.35 2.00
C VAL A 40 0.39 -5.24 3.16
N ILE A 41 1.22 -5.29 4.19
CA ILE A 41 0.94 -6.09 5.37
C ILE A 41 0.32 -5.25 6.48
N GLU A 42 0.76 -3.99 6.57
CA GLU A 42 0.26 -3.08 7.59
C GLU A 42 -0.02 -1.70 7.00
N ASP A 43 -0.75 -0.87 7.74
CA ASP A 43 -1.08 0.47 7.29
C ASP A 43 -0.14 1.50 7.91
N GLY A 44 1.10 1.09 8.14
CA GLY A 44 2.08 1.98 8.73
C GLY A 44 1.55 2.68 9.98
N ASP A 45 2.38 3.55 10.56
CA ASP A 45 1.99 4.28 11.75
C ASP A 45 0.95 5.35 11.43
N MET A 46 1.10 5.98 10.26
CA MET A 46 0.18 7.02 9.85
C MET A 46 -0.92 6.44 8.96
N GLU A 47 -2.07 7.11 8.92
CA GLU A 47 -3.19 6.67 8.11
C GLU A 47 -2.86 6.75 6.62
N ASP A 48 -2.54 7.95 6.15
CA ASP A 48 -2.21 8.17 4.75
C ASP A 48 -1.09 7.24 4.32
N TRP A 49 -0.15 6.97 5.23
CA TRP A 49 0.98 6.10 4.93
C TRP A 49 0.63 4.64 5.21
N VAL A 50 1.43 3.74 4.67
CA VAL A 50 1.20 2.30 4.87
C VAL A 50 2.52 1.54 4.84
N LYS A 51 2.51 0.34 5.42
CA LYS A 51 3.69 -0.51 5.46
C LYS A 51 3.62 -1.61 4.40
N ALA A 52 4.75 -1.87 3.76
CA ALA A 52 4.82 -2.90 2.73
C ALA A 52 6.23 -3.49 2.63
N ARG A 53 6.32 -4.70 2.09
CA ARG A 53 7.60 -5.38 1.94
C ARG A 53 7.88 -5.69 0.47
N ASN A 54 9.10 -5.42 0.04
CA ASN A 54 9.50 -5.66 -1.34
C ASN A 54 10.18 -7.03 -1.47
N LYS A 55 10.54 -7.38 -2.70
CA LYS A 55 11.20 -8.66 -2.96
C LYS A 55 12.40 -8.85 -2.05
N VAL A 56 13.15 -7.77 -1.83
CA VAL A 56 14.33 -7.81 -0.98
C VAL A 56 13.95 -8.00 0.47
N GLY A 57 12.68 -7.73 0.78
CA GLY A 57 12.20 -7.89 2.15
C GLY A 57 12.23 -6.58 2.93
N GLN A 58 12.68 -5.52 2.26
CA GLN A 58 12.76 -4.20 2.90
C GLN A 58 11.36 -3.68 3.23
N VAL A 59 11.11 -3.45 4.51
CA VAL A 59 9.82 -2.96 4.96
C VAL A 59 9.92 -1.51 5.43
N GLY A 60 9.18 -0.62 4.78
CA GLY A 60 9.20 0.78 5.15
C GLY A 60 7.85 1.44 4.99
N TYR A 61 7.84 2.77 5.01
CA TYR A 61 6.59 3.53 4.88
C TYR A 61 6.49 4.16 3.50
N VAL A 62 5.33 3.98 2.86
CA VAL A 62 5.10 4.54 1.54
C VAL A 62 3.69 5.11 1.42
N PRO A 63 3.54 6.17 0.61
CA PRO A 63 2.24 6.83 0.40
C PRO A 63 1.29 5.96 -0.41
N GLU A 64 0.23 5.49 0.26
CA GLU A 64 -0.76 4.65 -0.39
C GLU A 64 -1.16 5.22 -1.75
N LYS A 65 -1.46 6.50 -1.78
CA LYS A 65 -1.86 7.18 -3.01
C LYS A 65 -1.00 6.69 -4.19
N TYR A 66 0.30 6.60 -3.97
CA TYR A 66 1.23 6.16 -5.01
C TYR A 66 0.95 4.70 -5.38
N LEU A 67 0.60 3.90 -4.38
CA LEU A 67 0.32 2.48 -4.61
C LEU A 67 -1.04 2.30 -5.27
N GLN A 68 -1.18 1.24 -6.05
CA GLN A 68 -2.43 0.94 -6.75
C GLN A 68 -3.11 -0.28 -6.14
N PHE A 69 -3.90 -0.06 -5.10
CA PHE A 69 -4.61 -1.14 -4.42
C PHE A 69 -5.56 -1.84 -5.40
N PRO A 70 -5.88 -3.10 -5.09
CA PRO A 70 -6.77 -3.92 -5.91
C PRO A 70 -8.22 -3.44 -5.86
N THR A 71 -8.46 -2.42 -5.03
CA THR A 71 -9.79 -1.86 -4.87
C THR A 71 -10.57 -1.90 -6.19
N SER A 72 -11.64 -2.67 -6.22
CA SER A 72 -12.47 -2.80 -7.42
C SER A 72 -13.30 -1.54 -7.64
N SER A 73 -12.86 -0.71 -8.59
CA SER A 73 -13.56 0.53 -8.90
C SER A 73 -14.40 0.38 -10.17
N GLY A 74 -15.65 0.82 -10.10
CA GLY A 74 -16.54 0.73 -11.25
C GLY A 74 -16.87 2.08 -11.84
N PRO A 75 -17.38 2.08 -13.08
CA PRO A 75 -17.76 3.31 -13.77
C PRO A 75 -18.99 3.97 -13.17
N SER A 76 -19.49 5.00 -13.83
CA SER A 76 -20.67 5.72 -13.35
C SER A 76 -21.88 4.80 -13.28
N SER A 77 -22.10 4.04 -14.35
CA SER A 77 -23.22 3.12 -14.42
C SER A 77 -23.27 2.23 -13.17
N GLY A 78 -24.11 2.60 -12.22
CA GLY A 78 -24.25 1.84 -10.99
C GLY A 78 -25.57 2.06 -10.30
N GLY A 1 -7.84 5.50 17.94
CA GLY A 1 -7.70 6.55 16.94
C GLY A 1 -8.10 6.08 15.56
N SER A 2 -7.11 5.72 14.75
CA SER A 2 -7.37 5.26 13.39
C SER A 2 -8.37 4.11 13.38
N SER A 3 -9.39 4.23 12.54
CA SER A 3 -10.42 3.20 12.44
C SER A 3 -11.08 3.23 11.06
N GLY A 4 -11.41 2.04 10.55
CA GLY A 4 -12.04 1.94 9.24
C GLY A 4 -13.52 2.21 9.29
N SER A 5 -14.18 2.13 8.14
CA SER A 5 -15.62 2.37 8.06
C SER A 5 -16.32 1.20 7.38
N SER A 6 -17.52 0.88 7.84
CA SER A 6 -18.30 -0.21 7.28
C SER A 6 -18.43 -0.06 5.77
N GLY A 7 -17.57 -0.77 5.03
CA GLY A 7 -17.61 -0.70 3.59
C GLY A 7 -16.52 -1.54 2.94
N THR A 8 -15.35 -0.93 2.74
CA THR A 8 -14.22 -1.62 2.12
C THR A 8 -13.29 -2.20 3.18
N LEU A 9 -13.55 -3.44 3.59
CA LEU A 9 -12.74 -4.10 4.60
C LEU A 9 -11.45 -4.65 3.98
N ARG A 10 -10.32 -4.04 4.33
CA ARG A 10 -9.03 -4.46 3.81
C ARG A 10 -8.59 -5.78 4.44
N ASN A 11 -8.22 -6.74 3.60
CA ASN A 11 -7.79 -8.05 4.07
C ASN A 11 -6.30 -8.26 3.81
N TYR A 12 -5.46 -7.75 4.70
CA TYR A 12 -4.02 -7.88 4.57
C TYR A 12 -3.58 -9.32 4.78
N PRO A 13 -2.45 -9.71 4.14
CA PRO A 13 -1.69 -8.79 3.30
C PRO A 13 -2.41 -8.44 2.00
N LEU A 14 -2.08 -7.29 1.43
CA LEU A 14 -2.71 -6.84 0.19
C LEU A 14 -1.66 -6.42 -0.83
N THR A 15 -1.55 -7.18 -1.91
CA THR A 15 -0.59 -6.89 -2.97
C THR A 15 -1.03 -5.69 -3.80
N CYS A 16 -0.18 -4.67 -3.87
CA CYS A 16 -0.49 -3.47 -4.64
C CYS A 16 0.44 -3.34 -5.84
N LYS A 17 0.21 -2.31 -6.66
CA LYS A 17 1.03 -2.07 -7.84
C LYS A 17 1.49 -0.63 -7.89
N VAL A 18 2.79 -0.42 -7.72
CA VAL A 18 3.36 0.92 -7.76
C VAL A 18 3.12 1.59 -9.10
N VAL A 19 2.16 2.51 -9.14
CA VAL A 19 1.83 3.22 -10.37
C VAL A 19 2.67 4.48 -10.52
N TYR A 20 3.22 4.96 -9.40
CA TYR A 20 4.04 6.16 -9.41
C TYR A 20 5.34 5.94 -8.62
N SER A 21 6.46 6.21 -9.26
CA SER A 21 7.77 6.04 -8.63
C SER A 21 7.91 6.96 -7.42
N TYR A 22 8.78 6.58 -6.50
CA TYR A 22 9.01 7.37 -5.29
C TYR A 22 10.32 6.96 -4.62
N LYS A 23 11.28 7.87 -4.60
CA LYS A 23 12.58 7.60 -3.99
C LYS A 23 12.55 7.97 -2.51
N ALA A 24 12.76 6.97 -1.65
CA ALA A 24 12.77 7.19 -0.21
C ALA A 24 13.83 8.21 0.19
N SER A 25 13.49 9.06 1.15
CA SER A 25 14.42 10.09 1.62
C SER A 25 14.78 9.86 3.09
N GLN A 26 13.90 9.17 3.80
CA GLN A 26 14.13 8.89 5.22
C GLN A 26 14.43 7.42 5.44
N PRO A 27 15.12 7.11 6.55
CA PRO A 27 15.49 5.73 6.89
C PRO A 27 14.27 4.91 7.31
N ASP A 28 13.12 5.55 7.39
CA ASP A 28 11.89 4.87 7.78
C ASP A 28 10.93 4.78 6.59
N GLU A 29 11.46 4.94 5.38
CA GLU A 29 10.65 4.88 4.18
C GLU A 29 11.06 3.68 3.31
N LEU A 30 10.22 3.35 2.34
CA LEU A 30 10.50 2.23 1.45
C LEU A 30 10.65 2.72 0.01
N THR A 31 11.87 2.65 -0.51
CA THR A 31 12.15 3.08 -1.88
C THR A 31 11.42 2.21 -2.89
N ILE A 32 10.58 2.83 -3.71
CA ILE A 32 9.83 2.11 -4.73
C ILE A 32 10.11 2.66 -6.12
N GLU A 33 9.60 1.98 -7.14
CA GLU A 33 9.80 2.40 -8.52
C GLU A 33 8.67 1.89 -9.41
N GLU A 34 8.20 2.74 -10.32
CA GLU A 34 7.12 2.38 -11.23
C GLU A 34 7.24 0.92 -11.65
N HIS A 35 6.10 0.25 -11.79
CA HIS A 35 6.08 -1.15 -12.19
C HIS A 35 6.66 -2.03 -11.09
N GLU A 36 6.45 -1.64 -9.84
CA GLU A 36 6.95 -2.39 -8.71
C GLU A 36 5.81 -2.93 -7.85
N VAL A 37 5.67 -4.25 -7.82
CA VAL A 37 4.61 -4.89 -7.03
C VAL A 37 5.05 -5.11 -5.59
N LEU A 38 4.30 -4.55 -4.66
CA LEU A 38 4.60 -4.69 -3.24
C LEU A 38 3.48 -5.41 -2.50
N GLU A 39 3.67 -5.64 -1.21
CA GLU A 39 2.68 -6.33 -0.40
C GLU A 39 2.44 -5.58 0.91
N VAL A 40 1.29 -4.94 1.03
CA VAL A 40 0.93 -4.19 2.22
C VAL A 40 0.56 -5.12 3.37
N ILE A 41 1.31 -5.04 4.46
CA ILE A 41 1.06 -5.87 5.63
C ILE A 41 0.43 -5.06 6.76
N GLU A 42 0.72 -3.76 6.79
CA GLU A 42 0.19 -2.88 7.82
C GLU A 42 -0.23 -1.55 7.22
N ASP A 43 -1.04 -0.80 7.96
CA ASP A 43 -1.52 0.50 7.52
C ASP A 43 -0.49 1.59 7.80
N GLY A 44 0.73 1.17 8.12
CA GLY A 44 1.78 2.12 8.41
C GLY A 44 1.57 2.84 9.73
N ASP A 45 2.45 3.79 10.04
CA ASP A 45 2.36 4.56 11.28
C ASP A 45 1.94 6.00 11.00
N MET A 46 1.27 6.21 9.88
CA MET A 46 0.82 7.55 9.50
C MET A 46 -0.64 7.52 9.04
N GLU A 47 -1.14 8.67 8.61
CA GLU A 47 -2.52 8.78 8.14
C GLU A 47 -2.59 8.65 6.63
N ASP A 48 -1.47 8.91 5.96
CA ASP A 48 -1.40 8.84 4.50
C ASP A 48 -0.24 7.95 4.06
N TRP A 49 0.11 6.98 4.88
CA TRP A 49 1.21 6.07 4.57
C TRP A 49 0.94 4.68 5.15
N VAL A 50 1.33 3.66 4.40
CA VAL A 50 1.14 2.28 4.84
C VAL A 50 2.47 1.53 4.90
N LYS A 51 2.41 0.24 5.20
CA LYS A 51 3.60 -0.59 5.29
C LYS A 51 3.55 -1.72 4.26
N ALA A 52 4.49 -1.72 3.32
CA ALA A 52 4.56 -2.75 2.30
C ALA A 52 5.97 -3.31 2.18
N ARG A 53 6.06 -4.62 1.94
CA ARG A 53 7.35 -5.28 1.80
C ARG A 53 7.65 -5.60 0.34
N ASN A 54 8.87 -5.29 -0.09
CA ASN A 54 9.28 -5.55 -1.47
C ASN A 54 9.82 -6.97 -1.62
N LYS A 55 9.94 -7.41 -2.86
CA LYS A 55 10.44 -8.75 -3.15
C LYS A 55 11.76 -9.01 -2.41
N VAL A 56 12.50 -7.94 -2.15
CA VAL A 56 13.78 -8.04 -1.45
C VAL A 56 13.56 -8.39 0.02
N GLY A 57 12.43 -7.95 0.57
CA GLY A 57 12.13 -8.22 1.96
C GLY A 57 12.06 -6.95 2.79
N GLN A 58 12.65 -5.87 2.27
CA GLN A 58 12.66 -4.60 2.98
C GLN A 58 11.24 -4.18 3.36
N VAL A 59 11.14 -3.30 4.35
CA VAL A 59 9.84 -2.81 4.80
C VAL A 59 9.93 -1.35 5.25
N GLY A 60 9.13 -0.49 4.62
CA GLY A 60 9.13 0.91 4.98
C GLY A 60 7.76 1.54 4.88
N TYR A 61 7.68 2.84 5.10
CA TYR A 61 6.41 3.56 5.03
C TYR A 61 6.28 4.31 3.72
N VAL A 62 5.30 3.91 2.91
CA VAL A 62 5.06 4.54 1.61
C VAL A 62 3.65 5.10 1.53
N PRO A 63 3.48 6.15 0.72
CA PRO A 63 2.18 6.80 0.53
C PRO A 63 1.19 5.93 -0.23
N GLU A 64 0.12 5.53 0.45
CA GLU A 64 -0.90 4.68 -0.16
C GLU A 64 -1.33 5.24 -1.51
N LYS A 65 -1.36 6.57 -1.61
CA LYS A 65 -1.75 7.23 -2.84
C LYS A 65 -0.94 6.71 -4.03
N TYR A 66 0.36 6.58 -3.83
CA TYR A 66 1.25 6.09 -4.88
C TYR A 66 0.97 4.63 -5.19
N LEU A 67 0.61 3.87 -4.17
CA LEU A 67 0.31 2.45 -4.32
C LEU A 67 -1.05 2.25 -4.97
N GLN A 68 -1.19 1.17 -5.74
CA GLN A 68 -2.45 0.86 -6.40
C GLN A 68 -3.05 -0.42 -5.86
N PHE A 69 -3.83 -0.29 -4.79
CA PHE A 69 -4.47 -1.44 -4.16
C PHE A 69 -5.33 -2.20 -5.17
N PRO A 70 -5.60 -3.48 -4.87
CA PRO A 70 -6.41 -4.35 -5.74
C PRO A 70 -7.88 -3.94 -5.76
N THR A 71 -8.29 -3.27 -6.83
CA THR A 71 -9.67 -2.83 -6.96
C THR A 71 -10.36 -3.50 -8.15
N SER A 72 -11.00 -4.63 -7.89
CA SER A 72 -11.69 -5.38 -8.93
C SER A 72 -10.74 -5.71 -10.07
N SER A 73 -9.52 -6.12 -9.73
CA SER A 73 -8.52 -6.46 -10.73
C SER A 73 -9.14 -7.25 -11.88
N GLY A 74 -8.64 -7.01 -13.09
CA GLY A 74 -9.16 -7.70 -14.25
C GLY A 74 -8.84 -6.98 -15.55
N PRO A 75 -9.61 -7.28 -16.60
CA PRO A 75 -9.41 -6.66 -17.92
C PRO A 75 -9.80 -5.19 -17.93
N SER A 76 -8.85 -4.34 -18.29
CA SER A 76 -9.10 -2.90 -18.35
C SER A 76 -9.06 -2.39 -19.78
N SER A 77 -9.73 -3.10 -20.67
CA SER A 77 -9.77 -2.73 -22.08
C SER A 77 -11.20 -2.72 -22.61
N GLY A 78 -11.42 -2.00 -23.71
CA GLY A 78 -12.74 -1.93 -24.30
C GLY A 78 -13.28 -0.51 -24.35
N GLY A 1 -18.95 2.74 16.99
CA GLY A 1 -19.98 3.60 17.54
C GLY A 1 -19.72 5.07 17.27
N SER A 2 -19.63 5.85 18.33
CA SER A 2 -19.38 7.29 18.20
C SER A 2 -18.23 7.55 17.25
N SER A 3 -17.06 7.02 17.59
CA SER A 3 -15.87 7.21 16.76
C SER A 3 -15.82 6.18 15.63
N GLY A 4 -15.96 6.66 14.40
CA GLY A 4 -15.94 5.77 13.26
C GLY A 4 -15.77 6.52 11.95
N SER A 5 -15.30 5.82 10.92
CA SER A 5 -15.09 6.43 9.62
C SER A 5 -15.74 5.59 8.52
N SER A 6 -16.27 6.26 7.50
CA SER A 6 -16.92 5.58 6.39
C SER A 6 -15.89 5.00 5.43
N GLY A 7 -16.30 3.98 4.68
CA GLY A 7 -15.40 3.35 3.72
C GLY A 7 -15.16 1.89 4.04
N THR A 8 -14.68 1.15 3.05
CA THR A 8 -14.41 -0.28 3.21
C THR A 8 -13.07 -0.50 3.91
N LEU A 9 -13.03 -1.49 4.79
CA LEU A 9 -11.81 -1.80 5.52
C LEU A 9 -10.88 -2.67 4.68
N ARG A 10 -9.58 -2.33 4.70
CA ARG A 10 -8.59 -3.07 3.94
C ARG A 10 -8.25 -4.39 4.63
N ASN A 11 -8.33 -5.48 3.88
CA ASN A 11 -8.03 -6.81 4.42
C ASN A 11 -6.60 -7.22 4.08
N TYR A 12 -5.67 -6.90 4.98
CA TYR A 12 -4.27 -7.23 4.78
C TYR A 12 -4.02 -8.72 5.02
N PRO A 13 -3.01 -9.27 4.34
CA PRO A 13 -2.17 -8.50 3.39
C PRO A 13 -2.94 -8.10 2.13
N LEU A 14 -2.35 -7.19 1.37
CA LEU A 14 -2.99 -6.71 0.14
C LEU A 14 -1.93 -6.35 -0.91
N THR A 15 -1.90 -7.12 -1.99
CA THR A 15 -0.93 -6.89 -3.06
C THR A 15 -1.31 -5.66 -3.87
N CYS A 16 -0.34 -4.81 -4.16
CA CYS A 16 -0.56 -3.60 -4.93
C CYS A 16 0.53 -3.42 -5.99
N LYS A 17 0.32 -2.43 -6.86
CA LYS A 17 1.28 -2.15 -7.92
C LYS A 17 1.70 -0.69 -7.91
N VAL A 18 3.01 -0.45 -7.93
CA VAL A 18 3.54 0.91 -7.93
C VAL A 18 3.43 1.55 -9.31
N VAL A 19 2.45 2.42 -9.48
CA VAL A 19 2.24 3.10 -10.75
C VAL A 19 3.14 4.33 -10.87
N TYR A 20 3.47 4.92 -9.73
CA TYR A 20 4.32 6.11 -9.70
C TYR A 20 5.50 5.92 -8.75
N SER A 21 6.71 5.98 -9.30
CA SER A 21 7.91 5.81 -8.49
C SER A 21 7.97 6.84 -7.37
N TYR A 22 8.71 6.52 -6.32
CA TYR A 22 8.85 7.41 -5.17
C TYR A 22 10.18 7.18 -4.46
N LYS A 23 11.02 8.21 -4.45
CA LYS A 23 12.32 8.13 -3.80
C LYS A 23 12.20 8.35 -2.29
N ALA A 24 12.52 7.31 -1.53
CA ALA A 24 12.45 7.39 -0.07
C ALA A 24 13.39 8.46 0.47
N SER A 25 12.86 9.35 1.31
CA SER A 25 13.66 10.42 1.89
C SER A 25 14.06 10.09 3.32
N GLN A 26 13.16 9.42 4.05
CA GLN A 26 13.43 9.05 5.43
C GLN A 26 14.03 7.64 5.50
N PRO A 27 14.84 7.40 6.55
CA PRO A 27 15.50 6.11 6.75
C PRO A 27 14.51 5.01 7.15
N ASP A 28 13.26 5.40 7.37
CA ASP A 28 12.22 4.45 7.74
C ASP A 28 11.23 4.25 6.60
N GLU A 29 11.55 4.81 5.44
CA GLU A 29 10.69 4.70 4.27
C GLU A 29 11.11 3.52 3.39
N LEU A 30 10.34 3.27 2.35
CA LEU A 30 10.63 2.18 1.42
C LEU A 30 10.76 2.68 -0.01
N THR A 31 11.98 2.65 -0.52
CA THR A 31 12.25 3.11 -1.88
C THR A 31 11.54 2.22 -2.91
N ILE A 32 10.54 2.78 -3.58
CA ILE A 32 9.79 2.04 -4.59
C ILE A 32 10.01 2.62 -5.97
N GLU A 33 9.60 1.88 -6.99
CA GLU A 33 9.75 2.33 -8.38
C GLU A 33 8.65 1.73 -9.25
N GLU A 34 8.27 2.48 -10.29
CA GLU A 34 7.23 2.03 -11.21
C GLU A 34 7.41 0.55 -11.57
N HIS A 35 6.31 -0.14 -11.77
CA HIS A 35 6.34 -1.56 -12.10
C HIS A 35 6.95 -2.38 -10.97
N GLU A 36 6.48 -2.13 -9.75
CA GLU A 36 6.98 -2.84 -8.59
C GLU A 36 5.83 -3.36 -7.73
N VAL A 37 5.55 -4.64 -7.83
CA VAL A 37 4.48 -5.27 -7.06
C VAL A 37 4.91 -5.53 -5.62
N LEU A 38 4.28 -4.84 -4.68
CA LEU A 38 4.59 -5.00 -3.27
C LEU A 38 3.47 -5.69 -2.53
N GLU A 39 3.62 -5.85 -1.22
CA GLU A 39 2.60 -6.50 -0.40
C GLU A 39 2.37 -5.73 0.90
N VAL A 40 1.22 -5.08 0.99
CA VAL A 40 0.87 -4.30 2.17
C VAL A 40 0.48 -5.21 3.33
N ILE A 41 1.32 -5.24 4.36
CA ILE A 41 1.06 -6.07 5.53
C ILE A 41 0.50 -5.24 6.69
N GLU A 42 1.03 -4.04 6.84
CA GLU A 42 0.59 -3.13 7.90
C GLU A 42 0.13 -1.79 7.33
N ASP A 43 -0.51 -1.00 8.16
CA ASP A 43 -1.01 0.31 7.74
C ASP A 43 -0.05 1.42 8.19
N GLY A 44 1.24 1.19 7.98
CA GLY A 44 2.23 2.18 8.36
C GLY A 44 1.98 2.74 9.75
N ASP A 45 2.58 3.90 10.03
CA ASP A 45 2.42 4.54 11.33
C ASP A 45 1.78 5.91 11.18
N MET A 46 1.14 6.14 10.05
CA MET A 46 0.49 7.41 9.78
C MET A 46 -0.94 7.20 9.27
N GLU A 47 -1.68 8.30 9.12
CA GLU A 47 -3.06 8.23 8.65
C GLU A 47 -3.10 8.07 7.13
N ASP A 48 -2.05 8.51 6.46
CA ASP A 48 -1.96 8.41 5.01
C ASP A 48 -0.68 7.70 4.58
N TRP A 49 -0.44 6.54 5.17
CA TRP A 49 0.75 5.75 4.84
C TRP A 49 0.52 4.27 5.14
N VAL A 50 1.30 3.41 4.48
CA VAL A 50 1.18 1.98 4.67
C VAL A 50 2.55 1.31 4.66
N LYS A 51 2.62 0.10 5.20
CA LYS A 51 3.86 -0.65 5.25
C LYS A 51 3.84 -1.82 4.27
N ALA A 52 4.74 -1.77 3.28
CA ALA A 52 4.82 -2.82 2.28
C ALA A 52 6.23 -3.41 2.22
N ARG A 53 6.33 -4.66 1.76
CA ARG A 53 7.61 -5.34 1.65
C ARG A 53 7.90 -5.73 0.20
N ASN A 54 8.99 -5.19 -0.33
CA ASN A 54 9.38 -5.47 -1.70
C ASN A 54 9.98 -6.88 -1.82
N LYS A 55 10.46 -7.21 -3.02
CA LYS A 55 11.06 -8.52 -3.26
C LYS A 55 12.31 -8.71 -2.41
N VAL A 56 13.11 -7.66 -2.29
CA VAL A 56 14.33 -7.71 -1.50
C VAL A 56 14.03 -8.00 -0.03
N GLY A 57 12.74 -7.91 0.32
CA GLY A 57 12.34 -8.16 1.70
C GLY A 57 12.34 -6.90 2.54
N GLN A 58 12.86 -5.81 1.97
CA GLN A 58 12.91 -4.53 2.68
C GLN A 58 11.50 -4.06 3.07
N VAL A 59 11.40 -3.41 4.21
CA VAL A 59 10.12 -2.92 4.69
C VAL A 59 10.22 -1.45 5.11
N GLY A 60 9.30 -0.64 4.62
CA GLY A 60 9.30 0.78 4.96
C GLY A 60 7.94 1.41 4.82
N TYR A 61 7.83 2.67 5.23
CA TYR A 61 6.56 3.39 5.15
C TYR A 61 6.41 4.10 3.81
N VAL A 62 5.32 3.80 3.10
CA VAL A 62 5.07 4.40 1.80
C VAL A 62 3.66 4.96 1.72
N PRO A 63 3.48 6.01 0.91
CA PRO A 63 2.17 6.65 0.72
C PRO A 63 1.19 5.77 -0.04
N GLU A 64 -0.06 5.75 0.41
CA GLU A 64 -1.09 4.95 -0.22
C GLU A 64 -1.68 5.69 -1.42
N LYS A 65 -0.98 6.72 -1.88
CA LYS A 65 -1.43 7.50 -3.02
C LYS A 65 -0.74 7.06 -4.31
N TYR A 66 0.44 6.46 -4.16
CA TYR A 66 1.21 5.99 -5.31
C TYR A 66 1.01 4.49 -5.51
N LEU A 67 0.32 3.85 -4.58
CA LEU A 67 0.05 2.42 -4.66
C LEU A 67 -1.30 2.15 -5.30
N GLN A 68 -1.37 1.11 -6.13
CA GLN A 68 -2.61 0.74 -6.79
C GLN A 68 -3.23 -0.50 -6.16
N PHE A 69 -4.09 -0.29 -5.18
CA PHE A 69 -4.74 -1.39 -4.48
C PHE A 69 -5.76 -2.07 -5.40
N PRO A 70 -6.06 -3.35 -5.10
CA PRO A 70 -7.02 -4.14 -5.87
C PRO A 70 -8.45 -3.65 -5.68
N THR A 71 -9.03 -3.11 -6.75
CA THR A 71 -10.40 -2.61 -6.71
C THR A 71 -11.32 -3.60 -6.01
N SER A 72 -11.11 -4.89 -6.26
CA SER A 72 -11.92 -5.94 -5.65
C SER A 72 -11.06 -6.97 -4.96
N SER A 73 -10.64 -6.67 -3.73
CA SER A 73 -9.81 -7.57 -2.95
C SER A 73 -10.18 -9.02 -3.21
N GLY A 74 -11.48 -9.25 -3.44
CA GLY A 74 -11.95 -10.61 -3.69
C GLY A 74 -13.41 -10.63 -4.11
N PRO A 75 -13.76 -11.60 -4.97
CA PRO A 75 -15.13 -11.76 -5.47
C PRO A 75 -16.09 -12.24 -4.38
N SER A 76 -17.02 -11.39 -4.00
CA SER A 76 -18.00 -11.73 -2.96
C SER A 76 -19.42 -11.61 -3.50
N SER A 77 -19.81 -12.56 -4.35
CA SER A 77 -21.14 -12.56 -4.93
C SER A 77 -22.03 -13.59 -4.24
N GLY A 78 -23.02 -13.11 -3.50
CA GLY A 78 -23.93 -13.99 -2.80
C GLY A 78 -24.27 -13.50 -1.40
N GLY A 1 -16.20 -14.80 2.15
CA GLY A 1 -15.42 -13.83 2.89
C GLY A 1 -16.29 -12.90 3.73
N SER A 2 -15.72 -11.77 4.13
CA SER A 2 -16.45 -10.81 4.94
C SER A 2 -17.55 -10.13 4.14
N SER A 3 -18.52 -9.55 4.83
CA SER A 3 -19.64 -8.87 4.18
C SER A 3 -19.16 -7.62 3.45
N GLY A 4 -18.42 -6.77 4.17
CA GLY A 4 -17.93 -5.55 3.58
C GLY A 4 -18.37 -4.31 4.34
N SER A 5 -17.40 -3.52 4.80
CA SER A 5 -17.70 -2.31 5.55
C SER A 5 -18.07 -1.16 4.60
N SER A 6 -18.69 -0.13 5.16
CA SER A 6 -19.10 1.03 4.38
C SER A 6 -18.04 2.12 4.42
N GLY A 7 -17.44 2.40 3.26
CA GLY A 7 -16.41 3.43 3.19
C GLY A 7 -15.09 2.89 2.68
N THR A 8 -14.49 1.97 3.43
CA THR A 8 -13.22 1.37 3.06
C THR A 8 -13.23 -0.13 3.27
N LEU A 9 -12.44 -0.85 2.48
CA LEU A 9 -12.36 -2.30 2.58
C LEU A 9 -10.97 -2.79 2.20
N ARG A 10 -10.30 -3.42 3.15
CA ARG A 10 -8.95 -3.95 2.91
C ARG A 10 -8.61 -5.03 3.94
N ASN A 11 -8.40 -6.26 3.44
CA ASN A 11 -8.05 -7.38 4.31
C ASN A 11 -6.62 -7.84 4.07
N TYR A 12 -5.67 -7.14 4.69
CA TYR A 12 -4.27 -7.48 4.54
C TYR A 12 -4.03 -8.96 4.79
N PRO A 13 -2.99 -9.52 4.15
CA PRO A 13 -2.12 -8.75 3.24
C PRO A 13 -2.84 -8.35 1.96
N LEU A 14 -2.30 -7.35 1.27
CA LEU A 14 -2.87 -6.87 0.02
C LEU A 14 -1.79 -6.50 -0.98
N THR A 15 -1.80 -7.18 -2.12
CA THR A 15 -0.82 -6.93 -3.17
C THR A 15 -1.19 -5.70 -3.98
N CYS A 16 -0.30 -4.70 -3.99
CA CYS A 16 -0.54 -3.48 -4.74
C CYS A 16 0.41 -3.37 -5.93
N LYS A 17 0.22 -2.33 -6.74
CA LYS A 17 1.06 -2.11 -7.90
C LYS A 17 1.57 -0.67 -7.96
N VAL A 18 2.85 -0.50 -7.67
CA VAL A 18 3.46 0.82 -7.69
C VAL A 18 3.32 1.48 -9.05
N VAL A 19 2.36 2.40 -9.17
CA VAL A 19 2.13 3.09 -10.42
C VAL A 19 2.89 4.42 -10.47
N TYR A 20 3.23 4.94 -9.29
CA TYR A 20 3.97 6.20 -9.20
C TYR A 20 5.25 6.01 -8.40
N SER A 21 6.38 6.21 -9.07
CA SER A 21 7.68 6.07 -8.43
C SER A 21 7.83 7.05 -7.27
N TYR A 22 8.65 6.68 -6.28
CA TYR A 22 8.87 7.52 -5.12
C TYR A 22 10.21 7.21 -4.47
N LYS A 23 11.09 8.21 -4.44
CA LYS A 23 12.41 8.04 -3.84
C LYS A 23 12.38 8.35 -2.35
N ALA A 24 12.57 7.31 -1.54
CA ALA A 24 12.56 7.47 -0.09
C ALA A 24 13.70 8.38 0.37
N SER A 25 13.36 9.40 1.16
CA SER A 25 14.36 10.34 1.66
C SER A 25 14.77 9.97 3.08
N GLN A 26 13.85 9.41 3.84
CA GLN A 26 14.13 9.01 5.22
C GLN A 26 14.58 7.55 5.28
N PRO A 27 15.41 7.24 6.29
CA PRO A 27 15.93 5.89 6.50
C PRO A 27 14.85 4.91 6.94
N ASP A 28 13.70 5.44 7.34
CA ASP A 28 12.59 4.62 7.79
C ASP A 28 11.56 4.44 6.68
N GLU A 29 11.86 4.97 5.50
CA GLU A 29 10.96 4.88 4.36
C GLU A 29 11.36 3.72 3.45
N LEU A 30 10.61 3.54 2.37
CA LEU A 30 10.88 2.47 1.42
C LEU A 30 10.91 2.99 -0.01
N THR A 31 12.07 2.91 -0.64
CA THR A 31 12.23 3.38 -2.01
C THR A 31 11.43 2.53 -2.99
N ILE A 32 10.42 3.11 -3.61
CA ILE A 32 9.58 2.40 -4.56
C ILE A 32 9.73 2.98 -5.96
N GLU A 33 9.45 2.16 -6.97
CA GLU A 33 9.54 2.60 -8.36
C GLU A 33 8.45 1.96 -9.20
N GLU A 34 8.00 2.68 -10.23
CA GLU A 34 6.95 2.18 -11.11
C GLU A 34 7.20 0.73 -11.49
N HIS A 35 6.13 -0.04 -11.62
CA HIS A 35 6.23 -1.45 -11.98
C HIS A 35 6.82 -2.26 -10.84
N GLU A 36 6.43 -1.93 -9.61
CA GLU A 36 6.92 -2.62 -8.43
C GLU A 36 5.76 -3.18 -7.61
N VAL A 37 5.56 -4.49 -7.68
CA VAL A 37 4.49 -5.15 -6.94
C VAL A 37 4.89 -5.40 -5.50
N LEU A 38 4.17 -4.76 -4.57
CA LEU A 38 4.45 -4.91 -3.15
C LEU A 38 3.30 -5.60 -2.44
N GLU A 39 3.48 -5.87 -1.15
CA GLU A 39 2.46 -6.54 -0.35
C GLU A 39 2.20 -5.77 0.95
N VAL A 40 1.10 -5.04 0.98
CA VAL A 40 0.73 -4.27 2.17
C VAL A 40 0.34 -5.18 3.32
N ILE A 41 1.21 -5.25 4.32
CA ILE A 41 0.95 -6.09 5.50
C ILE A 41 0.34 -5.28 6.63
N GLU A 42 0.74 -4.01 6.73
CA GLU A 42 0.25 -3.12 7.77
C GLU A 42 -0.28 -1.82 7.17
N ASP A 43 -1.08 -1.10 7.95
CA ASP A 43 -1.64 0.17 7.50
C ASP A 43 -0.79 1.33 7.98
N GLY A 44 0.50 1.07 8.22
CA GLY A 44 1.39 2.11 8.67
C GLY A 44 0.89 2.80 9.93
N ASP A 45 1.60 3.84 10.36
CA ASP A 45 1.22 4.58 11.55
C ASP A 45 0.91 6.04 11.20
N MET A 46 1.70 6.61 10.29
CA MET A 46 1.51 7.99 9.87
C MET A 46 0.26 8.13 9.02
N GLU A 47 -0.28 9.35 8.97
CA GLU A 47 -1.48 9.61 8.19
C GLU A 47 -1.19 9.54 6.69
N ASP A 48 -1.94 8.68 5.99
CA ASP A 48 -1.75 8.50 4.56
C ASP A 48 -0.49 7.70 4.26
N TRP A 49 -0.09 6.87 5.22
CA TRP A 49 1.11 6.04 5.07
C TRP A 49 0.79 4.57 5.35
N VAL A 50 1.41 3.68 4.60
CA VAL A 50 1.20 2.25 4.77
C VAL A 50 2.52 1.49 4.73
N LYS A 51 2.52 0.28 5.28
CA LYS A 51 3.72 -0.56 5.30
C LYS A 51 3.66 -1.62 4.21
N ALA A 52 4.78 -1.80 3.51
CA ALA A 52 4.86 -2.79 2.45
C ALA A 52 6.27 -3.35 2.32
N ARG A 53 6.37 -4.62 1.95
CA ARG A 53 7.67 -5.27 1.79
C ARG A 53 7.91 -5.66 0.33
N ASN A 54 9.11 -5.36 -0.17
CA ASN A 54 9.46 -5.68 -1.54
C ASN A 54 10.01 -7.10 -1.65
N LYS A 55 10.44 -7.46 -2.85
CA LYS A 55 10.99 -8.79 -3.10
C LYS A 55 12.27 -9.01 -2.29
N VAL A 56 13.09 -7.97 -2.21
CA VAL A 56 14.35 -8.05 -1.47
C VAL A 56 14.09 -8.30 0.01
N GLY A 57 12.93 -7.85 0.50
CA GLY A 57 12.59 -8.03 1.89
C GLY A 57 12.50 -6.72 2.65
N GLN A 58 13.02 -5.66 2.04
CA GLN A 58 13.00 -4.34 2.67
C GLN A 58 11.56 -3.82 2.78
N VAL A 59 11.12 -3.59 4.02
CA VAL A 59 9.77 -3.09 4.26
C VAL A 59 9.81 -1.79 5.05
N GLY A 60 9.13 -0.76 4.53
CA GLY A 60 9.09 0.52 5.20
C GLY A 60 7.75 1.21 5.05
N TYR A 61 7.76 2.54 5.07
CA TYR A 61 6.55 3.32 4.95
C TYR A 61 6.44 3.95 3.57
N VAL A 62 5.23 3.95 3.01
CA VAL A 62 5.00 4.52 1.69
C VAL A 62 3.57 5.04 1.57
N PRO A 63 3.39 6.09 0.75
CA PRO A 63 2.08 6.71 0.52
C PRO A 63 1.15 5.80 -0.27
N GLU A 64 0.15 5.25 0.40
CA GLU A 64 -0.82 4.37 -0.23
C GLU A 64 -1.29 4.95 -1.56
N LYS A 65 -1.53 6.25 -1.58
CA LYS A 65 -1.97 6.94 -2.78
C LYS A 65 -1.18 6.49 -4.00
N TYR A 66 0.14 6.38 -3.84
CA TYR A 66 1.02 5.96 -4.92
C TYR A 66 0.75 4.50 -5.29
N LEU A 67 0.41 3.70 -4.29
CA LEU A 67 0.13 2.29 -4.52
C LEU A 67 -1.21 2.09 -5.23
N GLN A 68 -1.38 0.94 -5.86
CA GLN A 68 -2.61 0.62 -6.57
C GLN A 68 -3.24 -0.65 -6.04
N PHE A 69 -4.02 -0.52 -4.97
CA PHE A 69 -4.69 -1.66 -4.37
C PHE A 69 -5.60 -2.36 -5.37
N PRO A 70 -5.85 -3.66 -5.15
CA PRO A 70 -6.71 -4.46 -6.02
C PRO A 70 -8.17 -4.06 -5.92
N THR A 71 -8.97 -4.48 -6.90
CA THR A 71 -10.40 -4.17 -6.91
C THR A 71 -11.11 -4.77 -5.69
N SER A 72 -11.42 -3.91 -4.72
CA SER A 72 -12.09 -4.35 -3.51
C SER A 72 -13.56 -3.96 -3.53
N SER A 73 -14.39 -4.82 -4.12
CA SER A 73 -15.82 -4.57 -4.20
C SER A 73 -16.63 -5.79 -3.78
N GLY A 74 -17.78 -5.56 -3.18
CA GLY A 74 -18.63 -6.66 -2.74
C GLY A 74 -20.10 -6.38 -2.94
N PRO A 75 -20.70 -5.60 -2.01
CA PRO A 75 -22.11 -5.25 -2.07
C PRO A 75 -22.42 -4.28 -3.21
N SER A 76 -23.65 -4.33 -3.70
CA SER A 76 -24.08 -3.47 -4.80
C SER A 76 -24.97 -2.35 -4.28
N SER A 77 -24.50 -1.11 -4.42
CA SER A 77 -25.26 0.05 -3.97
C SER A 77 -26.21 0.53 -5.06
N GLY A 78 -26.96 -0.40 -5.63
CA GLY A 78 -27.91 -0.04 -6.67
C GLY A 78 -29.31 -0.53 -6.37
N GLY A 1 -23.24 -12.82 7.86
CA GLY A 1 -24.09 -12.34 8.93
C GLY A 1 -23.76 -10.91 9.33
N SER A 2 -22.88 -10.76 10.32
CA SER A 2 -22.48 -9.45 10.80
C SER A 2 -22.37 -8.46 9.64
N SER A 3 -22.71 -7.21 9.90
CA SER A 3 -22.63 -6.16 8.88
C SER A 3 -21.42 -5.27 9.10
N GLY A 4 -21.39 -4.62 10.26
CA GLY A 4 -20.27 -3.73 10.58
C GLY A 4 -19.96 -2.77 9.45
N SER A 5 -18.67 -2.52 9.23
CA SER A 5 -18.25 -1.61 8.18
C SER A 5 -19.03 -1.84 6.89
N SER A 6 -19.90 -0.90 6.56
CA SER A 6 -20.72 -1.01 5.35
C SER A 6 -19.85 -1.15 4.10
N GLY A 7 -19.72 -2.37 3.62
CA GLY A 7 -18.91 -2.62 2.44
C GLY A 7 -17.78 -3.60 2.70
N THR A 8 -16.74 -3.54 1.87
CA THR A 8 -15.60 -4.43 2.01
C THR A 8 -14.43 -3.72 2.69
N LEU A 9 -13.83 -4.38 3.66
CA LEU A 9 -12.70 -3.80 4.39
C LEU A 9 -11.39 -4.44 3.95
N ARG A 10 -10.31 -3.67 3.99
CA ARG A 10 -9.00 -4.16 3.59
C ARG A 10 -8.62 -5.41 4.38
N ASN A 11 -8.33 -6.49 3.66
CA ASN A 11 -7.96 -7.75 4.29
C ASN A 11 -6.50 -8.08 4.03
N TYR A 12 -5.61 -7.47 4.80
CA TYR A 12 -4.17 -7.70 4.65
C TYR A 12 -3.83 -9.18 4.87
N PRO A 13 -2.75 -9.63 4.22
CA PRO A 13 -1.92 -8.77 3.36
C PRO A 13 -2.64 -8.39 2.08
N LEU A 14 -2.20 -7.29 1.46
CA LEU A 14 -2.81 -6.82 0.22
C LEU A 14 -1.73 -6.46 -0.81
N THR A 15 -1.75 -7.13 -1.95
CA THR A 15 -0.78 -6.88 -3.00
C THR A 15 -1.18 -5.66 -3.84
N CYS A 16 -0.33 -4.65 -3.84
CA CYS A 16 -0.59 -3.42 -4.59
C CYS A 16 0.36 -3.30 -5.78
N LYS A 17 0.14 -2.28 -6.60
CA LYS A 17 0.97 -2.06 -7.78
C LYS A 17 1.49 -0.62 -7.80
N VAL A 18 2.79 -0.46 -7.64
CA VAL A 18 3.42 0.85 -7.65
C VAL A 18 3.32 1.50 -9.02
N VAL A 19 2.45 2.49 -9.14
CA VAL A 19 2.26 3.20 -10.40
C VAL A 19 3.06 4.48 -10.44
N TYR A 20 3.34 5.03 -9.26
CA TYR A 20 4.10 6.27 -9.16
C TYR A 20 5.39 6.05 -8.38
N SER A 21 6.52 6.28 -9.04
CA SER A 21 7.82 6.11 -8.40
C SER A 21 8.01 7.10 -7.25
N TYR A 22 8.81 6.71 -6.27
CA TYR A 22 9.06 7.56 -5.11
C TYR A 22 10.39 7.19 -4.45
N LYS A 23 11.37 8.08 -4.57
CA LYS A 23 12.69 7.86 -3.99
C LYS A 23 12.69 8.20 -2.49
N ALA A 24 12.55 7.19 -1.66
CA ALA A 24 12.54 7.39 -0.22
C ALA A 24 13.56 8.44 0.20
N SER A 25 13.22 9.22 1.22
CA SER A 25 14.09 10.27 1.71
C SER A 25 14.55 9.98 3.15
N GLN A 26 13.75 9.19 3.86
CA GLN A 26 14.07 8.84 5.24
C GLN A 26 14.53 7.38 5.34
N PRO A 27 15.36 7.09 6.35
CA PRO A 27 15.89 5.75 6.58
C PRO A 27 14.82 4.78 7.05
N ASP A 28 13.62 5.29 7.28
CA ASP A 28 12.51 4.47 7.73
C ASP A 28 11.52 4.22 6.60
N GLU A 29 11.66 4.96 5.51
CA GLU A 29 10.78 4.82 4.37
C GLU A 29 11.27 3.70 3.45
N LEU A 30 10.47 3.38 2.44
CA LEU A 30 10.82 2.32 1.49
C LEU A 30 10.92 2.88 0.07
N THR A 31 12.06 2.64 -0.56
CA THR A 31 12.29 3.13 -1.92
C THR A 31 11.52 2.28 -2.93
N ILE A 32 10.52 2.89 -3.56
CA ILE A 32 9.71 2.19 -4.56
C ILE A 32 9.92 2.78 -5.94
N GLU A 33 9.46 2.07 -6.97
CA GLU A 33 9.60 2.52 -8.35
C GLU A 33 8.47 1.96 -9.22
N GLU A 34 7.98 2.77 -10.14
CA GLU A 34 6.91 2.36 -11.03
C GLU A 34 7.10 0.92 -11.48
N HIS A 35 5.99 0.19 -11.58
CA HIS A 35 6.04 -1.21 -12.00
C HIS A 35 6.69 -2.08 -10.93
N GLU A 36 6.28 -1.87 -9.68
CA GLU A 36 6.84 -2.63 -8.57
C GLU A 36 5.72 -3.17 -7.67
N VAL A 37 5.50 -4.48 -7.73
CA VAL A 37 4.46 -5.11 -6.93
C VAL A 37 4.92 -5.31 -5.49
N LEU A 38 4.15 -4.78 -4.55
CA LEU A 38 4.49 -4.90 -3.13
C LEU A 38 3.37 -5.62 -2.37
N GLU A 39 3.58 -5.79 -1.07
CA GLU A 39 2.59 -6.46 -0.23
C GLU A 39 2.36 -5.70 1.07
N VAL A 40 1.19 -5.08 1.19
CA VAL A 40 0.85 -4.30 2.38
C VAL A 40 0.52 -5.23 3.55
N ILE A 41 1.41 -5.25 4.54
CA ILE A 41 1.21 -6.08 5.72
C ILE A 41 0.61 -5.28 6.87
N GLU A 42 1.00 -4.01 6.97
CA GLU A 42 0.50 -3.14 8.02
C GLU A 42 0.06 -1.79 7.45
N ASP A 43 -0.66 -1.01 8.26
CA ASP A 43 -1.13 0.30 7.83
C ASP A 43 -0.20 1.41 8.32
N GLY A 44 1.10 1.15 8.26
CA GLY A 44 2.07 2.13 8.70
C GLY A 44 1.67 2.80 10.00
N ASP A 45 2.08 4.05 10.17
CA ASP A 45 1.75 4.80 11.37
C ASP A 45 1.07 6.12 11.03
N MET A 46 1.09 6.47 9.75
CA MET A 46 0.47 7.71 9.29
C MET A 46 -0.97 7.46 8.83
N GLU A 47 -1.61 8.50 8.30
CA GLU A 47 -2.97 8.39 7.83
C GLU A 47 -3.03 8.38 6.30
N ASP A 48 -1.87 8.59 5.68
CA ASP A 48 -1.78 8.62 4.22
C ASP A 48 -0.64 7.73 3.73
N TRP A 49 -0.17 6.83 4.60
CA TRP A 49 0.92 5.93 4.26
C TRP A 49 0.59 4.50 4.66
N VAL A 50 1.45 3.57 4.28
CA VAL A 50 1.25 2.16 4.59
C VAL A 50 2.59 1.42 4.68
N LYS A 51 2.57 0.25 5.31
CA LYS A 51 3.78 -0.55 5.46
C LYS A 51 3.75 -1.75 4.52
N ALA A 52 4.60 -1.72 3.50
CA ALA A 52 4.68 -2.80 2.52
C ALA A 52 6.10 -3.36 2.43
N ARG A 53 6.21 -4.59 1.94
CA ARG A 53 7.51 -5.23 1.80
C ARG A 53 7.78 -5.63 0.34
N ASN A 54 8.95 -5.29 -0.16
CA ASN A 54 9.32 -5.60 -1.53
C ASN A 54 9.86 -7.02 -1.64
N LYS A 55 10.27 -7.41 -2.84
CA LYS A 55 10.81 -8.74 -3.08
C LYS A 55 12.06 -8.98 -2.23
N VAL A 56 12.96 -7.99 -2.23
CA VAL A 56 14.19 -8.09 -1.46
C VAL A 56 13.91 -8.35 0.01
N GLY A 57 12.72 -7.95 0.46
CA GLY A 57 12.35 -8.14 1.85
C GLY A 57 12.33 -6.85 2.63
N GLN A 58 12.79 -5.77 2.00
CA GLN A 58 12.82 -4.46 2.65
C GLN A 58 11.41 -3.87 2.75
N VAL A 59 10.98 -3.60 3.99
CA VAL A 59 9.67 -3.04 4.22
C VAL A 59 9.76 -1.72 4.98
N GLY A 60 9.05 -0.70 4.48
CA GLY A 60 9.07 0.60 5.13
C GLY A 60 7.75 1.34 4.98
N TYR A 61 7.80 2.66 5.09
CA TYR A 61 6.60 3.48 4.99
C TYR A 61 6.52 4.15 3.61
N VAL A 62 5.41 3.93 2.92
CA VAL A 62 5.21 4.50 1.60
C VAL A 62 3.80 5.08 1.45
N PRO A 63 3.67 6.12 0.61
CA PRO A 63 2.39 6.77 0.36
C PRO A 63 1.41 5.88 -0.41
N GLU A 64 0.23 5.67 0.15
CA GLU A 64 -0.78 4.85 -0.49
C GLU A 64 -1.23 5.45 -1.80
N LYS A 65 -1.51 6.75 -1.78
CA LYS A 65 -1.95 7.46 -2.98
C LYS A 65 -1.05 7.12 -4.18
N TYR A 66 0.16 6.66 -3.88
CA TYR A 66 1.11 6.31 -4.93
C TYR A 66 0.91 4.86 -5.39
N LEU A 67 0.51 4.01 -4.45
CA LEU A 67 0.28 2.61 -4.75
C LEU A 67 -1.12 2.39 -5.32
N GLN A 68 -1.32 1.25 -5.98
CA GLN A 68 -2.61 0.93 -6.58
C GLN A 68 -3.17 -0.36 -5.98
N PHE A 69 -3.99 -0.21 -4.94
CA PHE A 69 -4.59 -1.37 -4.28
C PHE A 69 -5.54 -2.11 -5.23
N PRO A 70 -5.76 -3.40 -4.94
CA PRO A 70 -6.64 -4.25 -5.76
C PRO A 70 -8.10 -3.85 -5.64
N THR A 71 -8.61 -3.14 -6.63
CA THR A 71 -10.00 -2.69 -6.63
C THR A 71 -10.84 -3.52 -7.60
N SER A 72 -11.98 -4.00 -7.13
CA SER A 72 -12.87 -4.81 -7.95
C SER A 72 -14.28 -4.83 -7.37
N SER A 73 -15.24 -4.34 -8.14
CA SER A 73 -16.63 -4.30 -7.70
C SER A 73 -17.52 -5.10 -8.64
N GLY A 74 -18.63 -5.60 -8.10
CA GLY A 74 -19.55 -6.38 -8.91
C GLY A 74 -20.94 -6.46 -8.30
N PRO A 75 -21.67 -5.33 -8.32
CA PRO A 75 -23.02 -5.25 -7.76
C PRO A 75 -24.03 -6.04 -8.59
N SER A 76 -24.33 -7.26 -8.15
CA SER A 76 -25.28 -8.11 -8.86
C SER A 76 -26.26 -8.75 -7.88
N SER A 77 -27.55 -8.54 -8.11
CA SER A 77 -28.58 -9.11 -7.25
C SER A 77 -29.25 -10.31 -7.91
N GLY A 78 -29.30 -11.42 -7.19
CA GLY A 78 -29.91 -12.62 -7.72
C GLY A 78 -30.22 -13.65 -6.65
N GLY A 1 -20.12 4.47 13.37
CA GLY A 1 -21.18 3.50 13.50
C GLY A 1 -21.42 2.73 12.21
N SER A 2 -22.57 2.08 12.10
CA SER A 2 -22.91 1.30 10.91
C SER A 2 -23.59 2.18 9.87
N SER A 3 -22.77 2.74 8.97
CA SER A 3 -23.29 3.61 7.91
C SER A 3 -24.38 2.90 7.12
N GLY A 4 -24.09 1.67 6.70
CA GLY A 4 -25.04 0.90 5.93
C GLY A 4 -24.39 0.11 4.81
N SER A 5 -23.49 0.76 4.08
CA SER A 5 -22.80 0.12 2.97
C SER A 5 -21.29 0.27 3.12
N SER A 6 -20.63 -0.81 3.55
CA SER A 6 -19.18 -0.80 3.73
C SER A 6 -18.51 0.08 2.69
N GLY A 7 -17.49 0.80 3.11
CA GLY A 7 -16.77 1.68 2.20
C GLY A 7 -15.42 1.11 1.80
N THR A 8 -14.39 1.42 2.58
CA THR A 8 -13.05 0.94 2.30
C THR A 8 -12.84 -0.47 2.86
N LEU A 9 -12.32 -1.37 2.02
CA LEU A 9 -12.07 -2.74 2.43
C LEU A 9 -10.60 -3.10 2.26
N ARG A 10 -9.87 -3.19 3.37
CA ARG A 10 -8.46 -3.52 3.33
C ARG A 10 -8.18 -4.80 4.13
N ASN A 11 -8.22 -5.94 3.45
CA ASN A 11 -7.98 -7.23 4.09
C ASN A 11 -6.55 -7.69 3.84
N TYR A 12 -5.60 -7.12 4.57
CA TYR A 12 -4.20 -7.48 4.43
C TYR A 12 -3.98 -8.96 4.73
N PRO A 13 -2.96 -9.54 4.10
CA PRO A 13 -2.07 -8.82 3.17
C PRO A 13 -2.79 -8.45 1.88
N LEU A 14 -2.41 -7.32 1.30
CA LEU A 14 -3.01 -6.86 0.06
C LEU A 14 -1.94 -6.47 -0.96
N THR A 15 -1.89 -7.20 -2.07
CA THR A 15 -0.91 -6.93 -3.11
C THR A 15 -1.27 -5.67 -3.89
N CYS A 16 -0.36 -4.70 -3.89
CA CYS A 16 -0.58 -3.45 -4.59
C CYS A 16 0.31 -3.35 -5.83
N LYS A 17 0.14 -2.28 -6.60
CA LYS A 17 0.93 -2.07 -7.80
C LYS A 17 1.44 -0.64 -7.87
N VAL A 18 2.74 -0.47 -7.62
CA VAL A 18 3.37 0.85 -7.66
C VAL A 18 3.23 1.48 -9.04
N VAL A 19 2.25 2.37 -9.18
CA VAL A 19 2.01 3.06 -10.44
C VAL A 19 2.87 4.32 -10.57
N TYR A 20 3.26 4.87 -9.43
CA TYR A 20 4.09 6.07 -9.40
C TYR A 20 5.35 5.84 -8.59
N SER A 21 6.50 6.09 -9.20
CA SER A 21 7.79 5.92 -8.54
C SER A 21 7.93 6.90 -7.38
N TYR A 22 8.65 6.48 -6.34
CA TYR A 22 8.88 7.32 -5.17
C TYR A 22 10.19 6.98 -4.49
N LYS A 23 11.12 7.94 -4.48
CA LYS A 23 12.41 7.73 -3.86
C LYS A 23 12.35 8.01 -2.36
N ALA A 24 12.83 7.06 -1.56
CA ALA A 24 12.84 7.20 -0.12
C ALA A 24 13.93 8.16 0.34
N SER A 25 13.53 9.21 1.05
CA SER A 25 14.47 10.21 1.54
C SER A 25 14.52 10.21 3.07
N GLN A 26 14.04 9.12 3.67
CA GLN A 26 14.03 9.00 5.12
C GLN A 26 14.47 7.60 5.55
N PRO A 27 14.98 7.49 6.78
CA PRO A 27 15.44 6.22 7.35
C PRO A 27 14.30 5.26 7.64
N ASP A 28 13.08 5.80 7.69
CA ASP A 28 11.90 4.99 7.96
C ASP A 28 10.98 4.96 6.75
N GLU A 29 11.55 5.18 5.57
CA GLU A 29 10.77 5.18 4.33
C GLU A 29 11.22 4.04 3.42
N LEU A 30 10.41 3.76 2.40
CA LEU A 30 10.72 2.69 1.45
C LEU A 30 10.80 3.23 0.03
N THR A 31 11.92 2.98 -0.64
CA THR A 31 12.12 3.43 -2.01
C THR A 31 11.42 2.51 -3.01
N ILE A 32 10.33 2.99 -3.59
CA ILE A 32 9.58 2.21 -4.56
C ILE A 32 9.85 2.70 -5.98
N GLU A 33 9.39 1.93 -6.97
CA GLU A 33 9.58 2.28 -8.37
C GLU A 33 8.49 1.67 -9.24
N GLU A 34 7.99 2.44 -10.19
CA GLU A 34 6.94 1.98 -11.08
C GLU A 34 7.17 0.53 -11.48
N HIS A 35 6.08 -0.23 -11.63
CA HIS A 35 6.16 -1.63 -12.00
C HIS A 35 6.76 -2.46 -10.87
N GLU A 36 6.29 -2.22 -9.66
CA GLU A 36 6.78 -2.95 -8.49
C GLU A 36 5.61 -3.48 -7.65
N VAL A 37 5.41 -4.79 -7.71
CA VAL A 37 4.33 -5.43 -6.97
C VAL A 37 4.74 -5.66 -5.51
N LEU A 38 4.07 -4.98 -4.59
CA LEU A 38 4.35 -5.12 -3.17
C LEU A 38 3.19 -5.77 -2.43
N GLU A 39 3.41 -6.09 -1.16
CA GLU A 39 2.38 -6.73 -0.35
C GLU A 39 2.15 -5.96 0.95
N VAL A 40 1.06 -5.20 1.01
CA VAL A 40 0.74 -4.42 2.18
C VAL A 40 0.35 -5.32 3.36
N ILE A 41 1.25 -5.44 4.33
CA ILE A 41 1.00 -6.27 5.50
C ILE A 41 0.39 -5.45 6.63
N GLU A 42 0.84 -4.21 6.77
CA GLU A 42 0.33 -3.33 7.82
C GLU A 42 -0.12 -1.99 7.22
N ASP A 43 -0.79 -1.19 8.04
CA ASP A 43 -1.27 0.12 7.60
C ASP A 43 -0.32 1.22 8.05
N GLY A 44 0.97 0.92 8.06
CA GLY A 44 1.96 1.90 8.48
C GLY A 44 1.57 2.60 9.76
N ASP A 45 2.36 3.61 10.14
CA ASP A 45 2.10 4.37 11.35
C ASP A 45 1.37 5.67 11.04
N MET A 46 1.76 6.31 9.94
CA MET A 46 1.14 7.56 9.52
C MET A 46 -0.23 7.31 8.90
N GLU A 47 -1.04 8.36 8.78
CA GLU A 47 -2.37 8.26 8.22
C GLU A 47 -2.30 8.14 6.70
N ASP A 48 -1.34 8.84 6.10
CA ASP A 48 -1.17 8.81 4.65
C ASP A 48 0.03 7.96 4.26
N TRP A 49 0.19 6.82 4.93
CA TRP A 49 1.30 5.92 4.65
C TRP A 49 0.96 4.49 5.06
N VAL A 50 1.58 3.52 4.39
CA VAL A 50 1.35 2.11 4.68
C VAL A 50 2.65 1.34 4.75
N LYS A 51 2.59 0.14 5.32
CA LYS A 51 3.78 -0.71 5.43
C LYS A 51 3.74 -1.85 4.42
N ALA A 52 4.71 -1.86 3.52
CA ALA A 52 4.79 -2.89 2.50
C ALA A 52 6.23 -3.39 2.32
N ARG A 53 6.37 -4.68 2.06
CA ARG A 53 7.69 -5.28 1.87
C ARG A 53 7.92 -5.65 0.41
N ASN A 54 9.05 -5.22 -0.12
CA ASN A 54 9.40 -5.50 -1.52
C ASN A 54 10.03 -6.88 -1.66
N LYS A 55 10.49 -7.20 -2.86
CA LYS A 55 11.12 -8.48 -3.13
C LYS A 55 12.36 -8.67 -2.25
N VAL A 56 13.23 -7.65 -2.23
CA VAL A 56 14.44 -7.70 -1.44
C VAL A 56 14.13 -7.97 0.04
N GLY A 57 12.93 -7.57 0.46
CA GLY A 57 12.53 -7.78 1.84
C GLY A 57 12.43 -6.48 2.61
N GLN A 58 12.93 -5.40 2.01
CA GLN A 58 12.90 -4.09 2.66
C GLN A 58 11.46 -3.58 2.79
N VAL A 59 11.00 -3.45 4.03
CA VAL A 59 9.65 -2.98 4.30
C VAL A 59 9.67 -1.69 5.11
N GLY A 60 9.01 -0.66 4.58
CA GLY A 60 8.98 0.62 5.29
C GLY A 60 7.67 1.36 5.06
N TYR A 61 7.66 2.65 5.34
CA TYR A 61 6.47 3.47 5.17
C TYR A 61 6.45 4.11 3.79
N VAL A 62 5.28 4.06 3.14
CA VAL A 62 5.13 4.64 1.80
C VAL A 62 3.73 5.22 1.62
N PRO A 63 3.61 6.23 0.75
CA PRO A 63 2.33 6.89 0.46
C PRO A 63 1.39 5.98 -0.32
N GLU A 64 0.27 5.63 0.31
CA GLU A 64 -0.73 4.77 -0.34
C GLU A 64 -1.14 5.33 -1.69
N LYS A 65 -1.47 6.62 -1.72
CA LYS A 65 -1.89 7.28 -2.95
C LYS A 65 -1.06 6.79 -4.13
N TYR A 66 0.24 6.64 -3.91
CA TYR A 66 1.15 6.19 -4.97
C TYR A 66 0.83 4.74 -5.36
N LEU A 67 0.49 3.93 -4.36
CA LEU A 67 0.17 2.52 -4.60
C LEU A 67 -1.23 2.38 -5.21
N GLN A 68 -1.45 1.27 -5.91
CA GLN A 68 -2.74 1.02 -6.54
C GLN A 68 -3.35 -0.29 -6.03
N PHE A 69 -4.12 -0.18 -4.96
CA PHE A 69 -4.76 -1.35 -4.37
C PHE A 69 -5.75 -1.99 -5.34
N PRO A 70 -6.02 -3.29 -5.14
CA PRO A 70 -6.94 -4.04 -6.00
C PRO A 70 -8.39 -3.61 -5.81
N THR A 71 -8.77 -2.52 -6.48
CA THR A 71 -10.13 -1.99 -6.38
C THR A 71 -10.60 -1.45 -7.72
N SER A 72 -11.85 -1.75 -8.08
CA SER A 72 -12.42 -1.29 -9.34
C SER A 72 -12.82 0.19 -9.24
N SER A 73 -12.41 0.97 -10.22
CA SER A 73 -12.72 2.41 -10.24
C SER A 73 -12.85 2.91 -11.67
N GLY A 74 -13.22 4.18 -11.82
CA GLY A 74 -13.38 4.76 -13.13
C GLY A 74 -14.14 6.07 -13.10
N PRO A 75 -14.12 6.80 -14.23
CA PRO A 75 -14.82 8.09 -14.35
C PRO A 75 -16.34 7.93 -14.36
N SER A 76 -16.96 8.13 -13.20
CA SER A 76 -18.40 8.01 -13.07
C SER A 76 -18.86 8.41 -11.67
N SER A 77 -19.93 9.20 -11.61
CA SER A 77 -20.46 9.67 -10.34
C SER A 77 -21.32 8.58 -9.68
N GLY A 78 -20.72 7.85 -8.75
CA GLY A 78 -21.44 6.79 -8.06
C GLY A 78 -21.53 7.02 -6.57
N GLY A 1 -26.11 0.89 16.98
CA GLY A 1 -25.55 1.56 15.83
C GLY A 1 -26.62 2.15 14.92
N SER A 2 -26.21 3.03 14.01
CA SER A 2 -27.14 3.66 13.08
C SER A 2 -27.52 2.71 11.97
N SER A 3 -28.74 2.88 11.44
CA SER A 3 -29.23 2.02 10.37
C SER A 3 -28.69 2.47 9.02
N GLY A 4 -27.61 1.84 8.57
CA GLY A 4 -27.02 2.18 7.29
C GLY A 4 -25.94 1.20 6.87
N SER A 5 -25.24 1.53 5.79
CA SER A 5 -24.19 0.66 5.27
C SER A 5 -22.96 0.71 6.18
N SER A 6 -22.25 -0.41 6.26
CA SER A 6 -21.05 -0.50 7.10
C SER A 6 -19.87 0.18 6.43
N GLY A 7 -19.12 0.95 7.21
CA GLY A 7 -17.97 1.65 6.68
C GLY A 7 -17.01 0.73 5.96
N THR A 8 -16.13 1.30 5.13
CA THR A 8 -15.16 0.53 4.39
C THR A 8 -14.06 -0.01 5.29
N LEU A 9 -13.37 -1.05 4.83
CA LEU A 9 -12.29 -1.65 5.59
C LEU A 9 -11.26 -2.31 4.68
N ARG A 10 -10.19 -2.83 5.27
CA ARG A 10 -9.14 -3.49 4.51
C ARG A 10 -9.06 -4.97 4.85
N ASN A 11 -8.38 -5.73 4.00
CA ASN A 11 -8.23 -7.17 4.22
C ASN A 11 -6.79 -7.61 3.97
N TYR A 12 -5.86 -6.97 4.68
CA TYR A 12 -4.44 -7.29 4.55
C TYR A 12 -4.19 -8.77 4.81
N PRO A 13 -3.14 -9.31 4.18
CA PRO A 13 -2.27 -8.54 3.28
C PRO A 13 -2.97 -8.15 1.98
N LEU A 14 -2.50 -7.07 1.37
CA LEU A 14 -3.09 -6.59 0.12
C LEU A 14 -2.00 -6.23 -0.89
N THR A 15 -1.88 -7.03 -1.94
CA THR A 15 -0.88 -6.80 -2.97
C THR A 15 -1.20 -5.55 -3.77
N CYS A 16 -0.22 -4.66 -3.90
CA CYS A 16 -0.40 -3.42 -4.65
C CYS A 16 0.63 -3.30 -5.76
N LYS A 17 0.33 -2.46 -6.75
CA LYS A 17 1.24 -2.26 -7.87
C LYS A 17 1.70 -0.80 -7.95
N VAL A 18 2.98 -0.57 -7.66
CA VAL A 18 3.54 0.77 -7.69
C VAL A 18 3.44 1.38 -9.09
N VAL A 19 2.49 2.29 -9.26
CA VAL A 19 2.30 2.94 -10.55
C VAL A 19 3.15 4.21 -10.67
N TYR A 20 3.43 4.82 -9.52
CA TYR A 20 4.24 6.04 -9.48
C TYR A 20 5.52 5.83 -8.70
N SER A 21 6.65 6.07 -9.34
CA SER A 21 7.96 5.90 -8.70
C SER A 21 8.16 6.94 -7.60
N TYR A 22 8.79 6.52 -6.50
CA TYR A 22 9.04 7.41 -5.38
C TYR A 22 10.36 7.06 -4.69
N LYS A 23 11.25 8.04 -4.61
CA LYS A 23 12.54 7.85 -3.98
C LYS A 23 12.49 8.17 -2.49
N ALA A 24 12.63 7.15 -1.66
CA ALA A 24 12.61 7.34 -0.21
C ALA A 24 13.74 8.23 0.25
N SER A 25 13.40 9.23 1.08
CA SER A 25 14.40 10.16 1.59
C SER A 25 14.75 9.84 3.04
N GLN A 26 13.77 9.36 3.79
CA GLN A 26 13.97 9.02 5.19
C GLN A 26 14.30 7.54 5.34
N PRO A 27 15.01 7.19 6.43
CA PRO A 27 15.42 5.82 6.71
C PRO A 27 14.23 4.93 7.09
N ASP A 28 13.07 5.56 7.28
CA ASP A 28 11.86 4.82 7.63
C ASP A 28 11.02 4.52 6.40
N GLU A 29 11.22 5.32 5.35
CA GLU A 29 10.47 5.15 4.11
C GLU A 29 10.98 3.93 3.34
N LEU A 30 10.25 3.56 2.29
CA LEU A 30 10.63 2.42 1.46
C LEU A 30 10.80 2.82 0.00
N THR A 31 12.04 2.81 -0.47
CA THR A 31 12.34 3.18 -1.84
C THR A 31 11.60 2.29 -2.83
N ILE A 32 10.69 2.89 -3.61
CA ILE A 32 9.92 2.14 -4.59
C ILE A 32 10.20 2.63 -6.00
N GLU A 33 9.66 1.93 -6.98
CA GLU A 33 9.85 2.29 -8.38
C GLU A 33 8.71 1.77 -9.25
N GLU A 34 8.30 2.56 -10.23
CA GLU A 34 7.23 2.18 -11.13
C GLU A 34 7.35 0.71 -11.54
N HIS A 35 6.21 0.03 -11.64
CA HIS A 35 6.20 -1.38 -12.02
C HIS A 35 6.79 -2.25 -10.91
N GLU A 36 6.45 -1.93 -9.67
CA GLU A 36 6.94 -2.68 -8.53
C GLU A 36 5.79 -3.20 -7.66
N VAL A 37 5.50 -4.49 -7.80
CA VAL A 37 4.42 -5.11 -7.04
C VAL A 37 4.83 -5.33 -5.59
N LEU A 38 4.12 -4.66 -4.67
CA LEU A 38 4.41 -4.79 -3.25
C LEU A 38 3.25 -5.46 -2.52
N GLU A 39 3.46 -5.78 -1.24
CA GLU A 39 2.44 -6.43 -0.44
C GLU A 39 2.13 -5.61 0.81
N VAL A 40 0.93 -5.02 0.86
CA VAL A 40 0.53 -4.22 2.00
C VAL A 40 0.18 -5.09 3.20
N ILE A 41 1.14 -5.23 4.11
CA ILE A 41 0.94 -6.04 5.31
C ILE A 41 0.38 -5.21 6.45
N GLU A 42 0.93 -4.01 6.64
CA GLU A 42 0.48 -3.11 7.70
C GLU A 42 0.22 -1.72 7.14
N ASP A 43 -0.54 -0.93 7.90
CA ASP A 43 -0.87 0.43 7.49
C ASP A 43 0.14 1.44 8.04
N GLY A 44 1.37 0.98 8.23
CA GLY A 44 2.42 1.84 8.74
C GLY A 44 2.03 2.49 10.06
N ASP A 45 2.78 3.51 10.46
CA ASP A 45 2.51 4.22 11.71
C ASP A 45 1.51 5.34 11.49
N MET A 46 1.50 5.89 10.29
CA MET A 46 0.58 6.98 9.96
C MET A 46 -0.61 6.46 9.16
N GLU A 47 -1.57 7.33 8.90
CA GLU A 47 -2.76 6.97 8.13
C GLU A 47 -2.48 6.98 6.64
N ASP A 48 -2.09 8.15 6.13
CA ASP A 48 -1.80 8.31 4.71
C ASP A 48 -0.69 7.34 4.28
N TRP A 49 0.25 7.08 5.18
CA TRP A 49 1.36 6.18 4.89
C TRP A 49 1.01 4.74 5.30
N VAL A 50 1.56 3.78 4.59
CA VAL A 50 1.31 2.37 4.87
C VAL A 50 2.61 1.57 4.87
N LYS A 51 2.57 0.38 5.45
CA LYS A 51 3.74 -0.49 5.52
C LYS A 51 3.68 -1.56 4.43
N ALA A 52 4.64 -1.51 3.51
CA ALA A 52 4.70 -2.48 2.43
C ALA A 52 6.08 -3.14 2.36
N ARG A 53 6.13 -4.33 1.77
CA ARG A 53 7.38 -5.07 1.64
C ARG A 53 7.72 -5.30 0.17
N ASN A 54 8.93 -4.90 -0.22
CA ASN A 54 9.37 -5.07 -1.59
C ASN A 54 9.97 -6.46 -1.81
N LYS A 55 10.52 -6.69 -3.00
CA LYS A 55 11.11 -7.97 -3.33
C LYS A 55 12.36 -8.23 -2.48
N VAL A 56 13.01 -7.15 -2.05
CA VAL A 56 14.21 -7.26 -1.24
C VAL A 56 13.85 -7.58 0.21
N GLY A 57 12.58 -7.89 0.45
CA GLY A 57 12.14 -8.21 1.79
C GLY A 57 12.24 -7.04 2.74
N GLN A 58 12.45 -5.85 2.18
CA GLN A 58 12.58 -4.64 2.98
C GLN A 58 11.20 -4.07 3.33
N VAL A 59 11.07 -3.56 4.55
CA VAL A 59 9.81 -2.99 5.01
C VAL A 59 9.98 -1.54 5.44
N GLY A 60 9.19 -0.66 4.84
CA GLY A 60 9.28 0.75 5.16
C GLY A 60 7.93 1.45 5.09
N TYR A 61 7.96 2.77 4.91
CA TYR A 61 6.73 3.55 4.82
C TYR A 61 6.59 4.20 3.45
N VAL A 62 5.46 3.96 2.80
CA VAL A 62 5.21 4.53 1.48
C VAL A 62 3.78 5.06 1.38
N PRO A 63 3.59 6.09 0.53
CA PRO A 63 2.27 6.70 0.32
C PRO A 63 1.32 5.78 -0.43
N GLU A 64 0.14 5.56 0.15
CA GLU A 64 -0.86 4.69 -0.47
C GLU A 64 -1.31 5.26 -1.81
N LYS A 65 -1.58 6.56 -1.85
CA LYS A 65 -2.02 7.22 -3.07
C LYS A 65 -1.16 6.80 -4.25
N TYR A 66 0.09 6.44 -3.98
CA TYR A 66 1.00 6.02 -5.02
C TYR A 66 0.83 4.53 -5.34
N LEU A 67 0.41 3.77 -4.34
CA LEU A 67 0.19 2.33 -4.52
C LEU A 67 -1.14 2.07 -5.21
N GLN A 68 -1.22 0.96 -5.94
CA GLN A 68 -2.44 0.59 -6.65
C GLN A 68 -3.09 -0.63 -6.01
N PHE A 69 -4.07 -0.39 -5.15
CA PHE A 69 -4.77 -1.47 -4.46
C PHE A 69 -5.68 -2.23 -5.43
N PRO A 70 -5.97 -3.49 -5.10
CA PRO A 70 -6.83 -4.35 -5.93
C PRO A 70 -8.29 -3.90 -5.91
N THR A 71 -9.10 -4.50 -6.78
CA THR A 71 -10.52 -4.16 -6.86
C THR A 71 -10.71 -2.77 -7.46
N SER A 72 -9.88 -2.42 -8.43
CA SER A 72 -9.97 -1.13 -9.09
C SER A 72 -9.53 -1.22 -10.55
N SER A 73 -9.52 -0.08 -11.24
CA SER A 73 -9.13 -0.04 -12.63
C SER A 73 -8.95 1.41 -13.11
N GLY A 74 -7.72 1.74 -13.51
CA GLY A 74 -7.44 3.08 -13.97
C GLY A 74 -5.98 3.46 -13.80
N PRO A 75 -5.45 4.27 -14.73
CA PRO A 75 -4.06 4.71 -14.70
C PRO A 75 -3.79 5.69 -13.56
N SER A 76 -4.85 6.31 -13.05
CA SER A 76 -4.73 7.27 -11.96
C SER A 76 -5.57 6.84 -10.76
N SER A 77 -4.93 6.16 -9.81
CA SER A 77 -5.61 5.69 -8.61
C SER A 77 -6.24 6.85 -7.85
N GLY A 78 -7.55 6.77 -7.63
CA GLY A 78 -8.24 7.82 -6.91
C GLY A 78 -7.71 8.02 -5.51
N GLY A 1 -21.96 -9.15 7.13
CA GLY A 1 -22.13 -8.15 6.08
C GLY A 1 -23.56 -8.03 5.61
N SER A 2 -24.08 -6.82 5.62
CA SER A 2 -25.45 -6.57 5.19
C SER A 2 -25.50 -6.09 3.74
N SER A 3 -26.63 -6.35 3.08
CA SER A 3 -26.80 -5.96 1.69
C SER A 3 -26.49 -4.47 1.50
N GLY A 4 -26.56 -4.01 0.26
CA GLY A 4 -26.27 -2.62 -0.03
C GLY A 4 -25.20 -2.44 -1.09
N SER A 5 -23.98 -2.86 -0.77
CA SER A 5 -22.87 -2.74 -1.70
C SER A 5 -21.87 -3.86 -1.49
N SER A 6 -21.12 -4.20 -2.54
CA SER A 6 -20.12 -5.26 -2.47
C SER A 6 -18.76 -4.69 -2.07
N GLY A 7 -17.99 -5.48 -1.33
CA GLY A 7 -16.67 -5.05 -0.90
C GLY A 7 -16.53 -5.01 0.60
N THR A 8 -15.40 -5.50 1.10
CA THR A 8 -15.15 -5.52 2.54
C THR A 8 -13.88 -4.77 2.88
N LEU A 9 -13.84 -4.20 4.08
CA LEU A 9 -12.67 -3.45 4.53
C LEU A 9 -11.38 -4.12 4.09
N ARG A 10 -10.32 -3.33 3.93
CA ARG A 10 -9.03 -3.85 3.51
C ARG A 10 -8.67 -5.11 4.29
N ASN A 11 -8.47 -6.21 3.58
CA ASN A 11 -8.12 -7.48 4.21
C ASN A 11 -6.68 -7.86 3.90
N TYR A 12 -5.76 -7.41 4.74
CA TYR A 12 -4.34 -7.70 4.55
C TYR A 12 -4.07 -9.20 4.73
N PRO A 13 -3.03 -9.69 4.04
CA PRO A 13 -2.20 -8.86 3.17
C PRO A 13 -2.94 -8.42 1.91
N LEU A 14 -2.36 -7.46 1.20
CA LEU A 14 -2.97 -6.95 -0.03
C LEU A 14 -1.90 -6.56 -1.05
N THR A 15 -1.87 -7.28 -2.17
CA THR A 15 -0.90 -7.02 -3.22
C THR A 15 -1.29 -5.77 -4.01
N CYS A 16 -0.41 -4.77 -3.98
CA CYS A 16 -0.66 -3.52 -4.69
C CYS A 16 0.27 -3.38 -5.89
N LYS A 17 0.12 -2.30 -6.64
CA LYS A 17 0.95 -2.05 -7.81
C LYS A 17 1.43 -0.60 -7.85
N VAL A 18 2.72 -0.41 -7.60
CA VAL A 18 3.31 0.93 -7.62
C VAL A 18 3.19 1.57 -8.99
N VAL A 19 2.36 2.60 -9.09
CA VAL A 19 2.16 3.30 -10.36
C VAL A 19 2.98 4.59 -10.41
N TYR A 20 3.28 5.14 -9.24
CA TYR A 20 4.06 6.37 -9.14
C TYR A 20 5.38 6.13 -8.42
N SER A 21 6.49 6.38 -9.12
CA SER A 21 7.80 6.20 -8.55
C SER A 21 8.05 7.17 -7.40
N TYR A 22 8.47 6.63 -6.25
CA TYR A 22 8.73 7.45 -5.08
C TYR A 22 10.11 7.14 -4.51
N LYS A 23 11.01 8.11 -4.60
CA LYS A 23 12.36 7.96 -4.08
C LYS A 23 12.42 8.22 -2.58
N ALA A 24 12.42 7.14 -1.79
CA ALA A 24 12.47 7.27 -0.35
C ALA A 24 13.58 8.22 0.09
N SER A 25 13.21 9.28 0.80
CA SER A 25 14.17 10.27 1.27
C SER A 25 14.72 9.89 2.64
N GLN A 26 13.85 9.32 3.47
CA GLN A 26 14.23 8.91 4.81
C GLN A 26 14.57 7.42 4.86
N PRO A 27 15.48 7.05 5.77
CA PRO A 27 15.90 5.65 5.93
C PRO A 27 14.80 4.77 6.51
N ASP A 28 13.73 5.40 6.98
CA ASP A 28 12.60 4.67 7.55
C ASP A 28 11.56 4.35 6.49
N GLU A 29 11.61 5.08 5.38
CA GLU A 29 10.66 4.88 4.29
C GLU A 29 11.08 3.68 3.43
N LEU A 30 10.34 3.45 2.36
CA LEU A 30 10.62 2.34 1.45
C LEU A 30 10.75 2.84 0.01
N THR A 31 11.95 2.68 -0.55
CA THR A 31 12.22 3.10 -1.91
C THR A 31 11.45 2.24 -2.92
N ILE A 32 10.49 2.87 -3.61
CA ILE A 32 9.69 2.16 -4.60
C ILE A 32 9.86 2.76 -5.98
N GLU A 33 9.57 1.97 -7.01
CA GLU A 33 9.69 2.43 -8.39
C GLU A 33 8.58 1.85 -9.26
N GLU A 34 8.09 2.66 -10.20
CA GLU A 34 7.03 2.21 -11.09
C GLU A 34 7.23 0.76 -11.52
N HIS A 35 6.14 0.03 -11.66
CA HIS A 35 6.20 -1.37 -12.06
C HIS A 35 6.81 -2.23 -10.96
N GLU A 36 6.41 -1.95 -9.72
CA GLU A 36 6.91 -2.70 -8.56
C GLU A 36 5.76 -3.21 -7.70
N VAL A 37 5.44 -4.49 -7.86
CA VAL A 37 4.37 -5.11 -7.10
C VAL A 37 4.81 -5.41 -5.67
N LEU A 38 4.14 -4.78 -4.71
CA LEU A 38 4.48 -4.98 -3.30
C LEU A 38 3.34 -5.70 -2.58
N GLU A 39 3.53 -5.94 -1.29
CA GLU A 39 2.52 -6.63 -0.48
C GLU A 39 2.23 -5.86 0.79
N VAL A 40 1.02 -5.30 0.88
CA VAL A 40 0.61 -4.53 2.05
C VAL A 40 0.33 -5.45 3.24
N ILE A 41 1.23 -5.42 4.22
CA ILE A 41 1.08 -6.25 5.41
C ILE A 41 0.44 -5.46 6.54
N GLU A 42 0.87 -4.22 6.72
CA GLU A 42 0.35 -3.37 7.78
C GLU A 42 0.01 -1.99 7.23
N ASP A 43 -0.67 -1.18 8.04
CA ASP A 43 -1.06 0.17 7.64
C ASP A 43 -0.11 1.21 8.22
N GLY A 44 1.19 0.99 8.01
CA GLY A 44 2.19 1.91 8.50
C GLY A 44 1.81 2.49 9.86
N ASP A 45 2.36 3.66 10.18
CA ASP A 45 2.08 4.31 11.45
C ASP A 45 1.63 5.75 11.24
N MET A 46 1.33 6.09 9.98
CA MET A 46 0.89 7.44 9.65
C MET A 46 -0.56 7.43 9.15
N GLU A 47 -1.05 8.59 8.74
CA GLU A 47 -2.40 8.72 8.24
C GLU A 47 -2.43 8.70 6.72
N ASP A 48 -1.26 8.82 6.11
CA ASP A 48 -1.15 8.81 4.65
C ASP A 48 -0.01 7.89 4.20
N TRP A 49 0.32 6.92 5.03
CA TRP A 49 1.39 5.97 4.72
C TRP A 49 1.08 4.59 5.29
N VAL A 50 1.44 3.56 4.53
CA VAL A 50 1.21 2.18 4.96
C VAL A 50 2.51 1.41 5.07
N LYS A 51 2.41 0.14 5.45
CA LYS A 51 3.59 -0.71 5.58
C LYS A 51 3.59 -1.83 4.54
N ALA A 52 4.55 -1.78 3.63
CA ALA A 52 4.65 -2.79 2.58
C ALA A 52 6.06 -3.35 2.49
N ARG A 53 6.18 -4.59 2.04
CA ARG A 53 7.47 -5.25 1.91
C ARG A 53 7.79 -5.55 0.45
N ASN A 54 9.06 -5.42 0.09
CA ASN A 54 9.50 -5.67 -1.28
C ASN A 54 10.17 -7.04 -1.39
N LYS A 55 10.65 -7.37 -2.58
CA LYS A 55 11.32 -8.64 -2.82
C LYS A 55 12.58 -8.77 -1.96
N VAL A 56 13.11 -7.64 -1.53
CA VAL A 56 14.31 -7.61 -0.70
C VAL A 56 13.95 -7.68 0.78
N GLY A 57 12.66 -7.77 1.06
CA GLY A 57 12.21 -7.84 2.44
C GLY A 57 12.14 -6.47 3.10
N GLN A 58 12.92 -5.53 2.59
CA GLN A 58 12.94 -4.18 3.14
C GLN A 58 11.53 -3.66 3.36
N VAL A 59 11.19 -3.37 4.61
CA VAL A 59 9.87 -2.87 4.95
C VAL A 59 9.94 -1.42 5.41
N GLY A 60 9.15 -0.57 4.77
CA GLY A 60 9.13 0.84 5.12
C GLY A 60 7.75 1.46 4.98
N TYR A 61 7.68 2.79 5.07
CA TYR A 61 6.42 3.49 4.96
C TYR A 61 6.30 4.19 3.61
N VAL A 62 5.19 3.97 2.92
CA VAL A 62 4.95 4.58 1.61
C VAL A 62 3.54 5.14 1.51
N PRO A 63 3.38 6.20 0.72
CA PRO A 63 2.08 6.85 0.51
C PRO A 63 1.11 5.98 -0.29
N GLU A 64 0.06 5.51 0.39
CA GLU A 64 -0.94 4.67 -0.26
C GLU A 64 -1.33 5.23 -1.62
N LYS A 65 -1.75 6.49 -1.63
CA LYS A 65 -2.15 7.15 -2.87
C LYS A 65 -1.27 6.71 -4.03
N TYR A 66 0.04 6.73 -3.81
CA TYR A 66 1.01 6.33 -4.83
C TYR A 66 0.77 4.89 -5.27
N LEU A 67 0.46 4.03 -4.30
CA LEU A 67 0.22 2.62 -4.59
C LEU A 67 -1.12 2.43 -5.30
N GLN A 68 -1.25 1.31 -6.00
CA GLN A 68 -2.48 1.01 -6.73
C GLN A 68 -3.12 -0.27 -6.22
N PHE A 69 -3.95 -0.15 -5.19
CA PHE A 69 -4.63 -1.29 -4.60
C PHE A 69 -5.44 -2.04 -5.65
N PRO A 70 -5.71 -3.33 -5.38
CA PRO A 70 -6.49 -4.17 -6.29
C PRO A 70 -7.96 -3.78 -6.35
N THR A 71 -8.48 -3.28 -5.22
CA THR A 71 -9.87 -2.86 -5.14
C THR A 71 -10.07 -1.48 -5.75
N SER A 72 -11.11 -1.34 -6.56
CA SER A 72 -11.40 -0.07 -7.22
C SER A 72 -12.07 0.90 -6.24
N SER A 73 -11.47 1.07 -5.07
CA SER A 73 -12.02 1.95 -4.05
C SER A 73 -10.98 2.99 -3.63
N GLY A 74 -11.40 4.26 -3.60
CA GLY A 74 -10.49 5.32 -3.20
C GLY A 74 -10.52 6.48 -4.18
N PRO A 75 -10.10 6.22 -5.43
CA PRO A 75 -10.06 7.23 -6.48
C PRO A 75 -11.45 7.66 -6.93
N SER A 76 -12.47 7.10 -6.28
CA SER A 76 -13.86 7.42 -6.62
C SER A 76 -13.99 8.88 -7.04
N SER A 77 -14.84 9.13 -8.04
CA SER A 77 -15.06 10.47 -8.53
C SER A 77 -16.44 11.00 -8.13
N GLY A 78 -16.45 12.08 -7.35
CA GLY A 78 -17.71 12.64 -6.90
C GLY A 78 -18.80 12.54 -7.95
#